data_1GJN
# 
_entry.id   1GJN 
# 
_audit_conform.dict_name       mmcif_pdbx.dic 
_audit_conform.dict_version    5.382 
_audit_conform.dict_location   http://mmcif.pdb.org/dictionaries/ascii/mmcif_pdbx.dic 
# 
loop_
_database_2.database_id 
_database_2.database_code 
_database_2.pdbx_database_accession 
_database_2.pdbx_DOI 
PDB   1GJN         pdb_00001gjn 10.2210/pdb1gjn/pdb 
PDBE  EBI-8393     ?            ?                   
WWPDB D_1290008393 ?            ?                   
# 
loop_
_pdbx_database_related.db_name 
_pdbx_database_related.db_id 
_pdbx_database_related.content_type 
_pdbx_database_related.details 
PDB 1AZI unspecified 'MYOGLOBIN (HORSE HEART) RECOMBINANT WILD-TYPE COMPLEXED WITH AZIDE'                 
PDB 1BJE unspecified 'H64T VARIANT OF MYOGLOBIN (HORSE HEART) RECOMBINANT WILD-TYPE COMPLEXED WITH AZIDE' 
PDB 1DWR unspecified 'MYOGLOBIN (HORSE HEART) WILD-TYPE COMPLEXED WITH CO'                                
PDB 1DWS unspecified 'MYOGLOBIN (HORSE HEART) WILD-TYPE COMPLEXED WITH CO'                                
PDB 1DWT unspecified 'PHOTORELAXED HORSE HEART MYOGLOBIN CO COMPLEX'                                      
PDB 1HRM unspecified 'MYOGLOBIN MUTANT WITH HIS 93 REPLACED BY TYR (H93Y)'                                
PDB 1HSY unspecified 'MYOGLOBIN MUTANT WITH HIS 64 REPLACED BY THR (H64T)'                                
PDB 1RSE unspecified 'MYOGLOBIN (HORSE HEART) MUTANT WITH SER 92 REPLACED BY ASP (S92D)'                  
PDB 1WLA unspecified 'MYOGLOBIN (HORSE HEART) RECOMBINANT WILD-TYPE'                                      
PDB 1XCH unspecified 'MYOGLOBIN (HORSE HEART) MUTANT WITH LEU 104 REPLACED BY ASN (L104N)'                
PDB 1YMA unspecified 'MYOGLOBIN (HORSE HEART) MUTANT WITH HIS 64 REPLACED BY TYR (H64Y)'                  
PDB 1YMB unspecified 'METMYOGLOBIN (HORSE HEART)'                                                         
PDB 1YMC unspecified 'CYANOMET-SULFMYOGLOBIN (HORSE HEART)'                                               
# 
_pdbx_database_status.status_code                     REL 
_pdbx_database_status.entry_id                        1GJN 
_pdbx_database_status.deposit_site                    PDBE 
_pdbx_database_status.process_site                    PDBE 
_pdbx_database_status.SG_entry                        . 
_pdbx_database_status.recvd_initial_deposition_date   2001-07-27 
_pdbx_database_status.pdb_format_compatible           Y 
_pdbx_database_status.status_code_sf                  REL 
_pdbx_database_status.status_code_mr                  ? 
_pdbx_database_status.status_code_cs                  ? 
_pdbx_database_status.methods_development_category    ? 
_pdbx_database_status.status_code_nmr_data            ? 
# 
loop_
_audit_author.name 
_audit_author.pdbx_ordinal 
'Hersleth, H.-P.' 1 
'Dalhus, B.'      2 
'Gorbitz, C.H.'   3 
'Andersson, K.K.' 4 
# 
loop_
_citation.id 
_citation.title 
_citation.journal_abbrev 
_citation.journal_volume 
_citation.page_first 
_citation.page_last 
_citation.year 
_citation.journal_id_ASTM 
_citation.country 
_citation.journal_id_ISSN 
_citation.journal_id_CSD 
_citation.book_publisher 
_citation.pdbx_database_id_PubMed 
_citation.pdbx_database_id_DOI 
primary 'An Iron Hydroxide Moiety in the 1.35 A Resolution Structure of Hydrogen Peroxide Derived Myoglobin Compound II at Ph 5.2' 
J.Biol.Inorg.Chem.   7    299 ? 2002 JJBCFA GW 0949-8257 2154 ? 11935353 10.1007/S007750100296           
1       'A Myoglobin Variant with a Polar Substitution in a Conserved Hydrophobic Cluster in the Heme Binding Pocket'              
Biochim.Biophys.Acta 1341 1   ? 1997 BBACAQ NE 0006-3002 0113 ? 9300804  '10.1016/S0167-4838(97)00064-2' 
2       'Crystallization and Preliminary Diffraction Data for Horse Heart Metmyoglobin'                                            
J.Mol.Biol.          193  227 ? 1987 JMOBAK UK 0022-2836 0070 ? 3586021  '10.1016/0022-2836(87)90641-3'  
# 
loop_
_citation_author.citation_id 
_citation_author.name 
_citation_author.ordinal 
_citation_author.identifier_ORCID 
primary 'Hersleth, H.-P.' 1  ? 
primary 'Dalhus, B.'      2  ? 
primary 'Gorbitz, C.H.'   3  ? 
primary 'Andersson, K.K.' 4  ? 
1       'Maurus, R.'      5  ? 
1       'Overall, C.M.'   6  ? 
1       'Bogumil, R.'     7  ? 
1       'Luo, Y.'         8  ? 
1       'Mauk, A.G.'      9  ? 
1       'Smith, M.'       10 ? 
1       'Brayer, G.D.'    11 ? 
2       'Sherwood, C.'    12 ? 
2       'Mauk, A.G.'      13 ? 
2       'Brayer, G.D.'    14 ? 
# 
_cell.entry_id           1GJN 
_cell.length_a           62.862 
_cell.length_b           28.650 
_cell.length_c           35.352 
_cell.angle_alpha        90.00 
_cell.angle_beta         105.93 
_cell.angle_gamma        90.00 
_cell.Z_PDB              2 
_cell.pdbx_unique_axis   ? 
# 
_symmetry.entry_id                         1GJN 
_symmetry.space_group_name_H-M             'P 1 21 1' 
_symmetry.pdbx_full_space_group_name_H-M   ? 
_symmetry.cell_setting                     ? 
_symmetry.Int_Tables_number                4 
# 
loop_
_entity.id 
_entity.type 
_entity.src_method 
_entity.pdbx_description 
_entity.formula_weight 
_entity.pdbx_number_of_molecules 
_entity.pdbx_ec 
_entity.pdbx_mutation 
_entity.pdbx_fragment 
_entity.details 
1 polymer     nat MYOGLOBIN                         16983.514 1   ? ? ? 'A FE(III)-BONDED HYDROXYL RADICAL' 
2 non-polymer syn 'PROTOPORPHYRIN IX CONTAINING FE' 616.487   1   ? ? ? ?                                   
3 non-polymer syn 'HYDROXIDE ION'                   17.007    1   ? ? ? ?                                   
4 non-polymer syn 'SULFATE ION'                     96.063    2   ? ? ? ?                                   
5 water       nat water                             18.015    159 ? ? ? ?                                   
# 
_entity_poly.entity_id                      1 
_entity_poly.type                           'polypeptide(L)' 
_entity_poly.nstd_linkage                   no 
_entity_poly.nstd_monomer                   no 
_entity_poly.pdbx_seq_one_letter_code       
;GLSDGEWQQVLNVWGKVEADIAGHGQEVLIRLFTGHPETLEKFDKFKHLKTEAEMKASEDLKKHGTVVLTALGGILKKKG
HHEAELKPLAQSHATKHKIPIKYLEFISDAIIHVLHSKHPGDFGADAQGAMTKALELFRNDIAAKYKELGFQG
;
_entity_poly.pdbx_seq_one_letter_code_can   
;GLSDGEWQQVLNVWGKVEADIAGHGQEVLIRLFTGHPETLEKFDKFKHLKTEAEMKASEDLKKHGTVVLTALGGILKKKG
HHEAELKPLAQSHATKHKIPIKYLEFISDAIIHVLHSKHPGDFGADAQGAMTKALELFRNDIAAKYKELGFQG
;
_entity_poly.pdbx_strand_id                 A 
_entity_poly.pdbx_target_identifier         ? 
# 
loop_
_entity_poly_seq.entity_id 
_entity_poly_seq.num 
_entity_poly_seq.mon_id 
_entity_poly_seq.hetero 
1 1   GLY n 
1 2   LEU n 
1 3   SER n 
1 4   ASP n 
1 5   GLY n 
1 6   GLU n 
1 7   TRP n 
1 8   GLN n 
1 9   GLN n 
1 10  VAL n 
1 11  LEU n 
1 12  ASN n 
1 13  VAL n 
1 14  TRP n 
1 15  GLY n 
1 16  LYS n 
1 17  VAL n 
1 18  GLU n 
1 19  ALA n 
1 20  ASP n 
1 21  ILE n 
1 22  ALA n 
1 23  GLY n 
1 24  HIS n 
1 25  GLY n 
1 26  GLN n 
1 27  GLU n 
1 28  VAL n 
1 29  LEU n 
1 30  ILE n 
1 31  ARG n 
1 32  LEU n 
1 33  PHE n 
1 34  THR n 
1 35  GLY n 
1 36  HIS n 
1 37  PRO n 
1 38  GLU n 
1 39  THR n 
1 40  LEU n 
1 41  GLU n 
1 42  LYS n 
1 43  PHE n 
1 44  ASP n 
1 45  LYS n 
1 46  PHE n 
1 47  LYS n 
1 48  HIS n 
1 49  LEU n 
1 50  LYS n 
1 51  THR n 
1 52  GLU n 
1 53  ALA n 
1 54  GLU n 
1 55  MET n 
1 56  LYS n 
1 57  ALA n 
1 58  SER n 
1 59  GLU n 
1 60  ASP n 
1 61  LEU n 
1 62  LYS n 
1 63  LYS n 
1 64  HIS n 
1 65  GLY n 
1 66  THR n 
1 67  VAL n 
1 68  VAL n 
1 69  LEU n 
1 70  THR n 
1 71  ALA n 
1 72  LEU n 
1 73  GLY n 
1 74  GLY n 
1 75  ILE n 
1 76  LEU n 
1 77  LYS n 
1 78  LYS n 
1 79  LYS n 
1 80  GLY n 
1 81  HIS n 
1 82  HIS n 
1 83  GLU n 
1 84  ALA n 
1 85  GLU n 
1 86  LEU n 
1 87  LYS n 
1 88  PRO n 
1 89  LEU n 
1 90  ALA n 
1 91  GLN n 
1 92  SER n 
1 93  HIS n 
1 94  ALA n 
1 95  THR n 
1 96  LYS n 
1 97  HIS n 
1 98  LYS n 
1 99  ILE n 
1 100 PRO n 
1 101 ILE n 
1 102 LYS n 
1 103 TYR n 
1 104 LEU n 
1 105 GLU n 
1 106 PHE n 
1 107 ILE n 
1 108 SER n 
1 109 ASP n 
1 110 ALA n 
1 111 ILE n 
1 112 ILE n 
1 113 HIS n 
1 114 VAL n 
1 115 LEU n 
1 116 HIS n 
1 117 SER n 
1 118 LYS n 
1 119 HIS n 
1 120 PRO n 
1 121 GLY n 
1 122 ASP n 
1 123 PHE n 
1 124 GLY n 
1 125 ALA n 
1 126 ASP n 
1 127 ALA n 
1 128 GLN n 
1 129 GLY n 
1 130 ALA n 
1 131 MET n 
1 132 THR n 
1 133 LYS n 
1 134 ALA n 
1 135 LEU n 
1 136 GLU n 
1 137 LEU n 
1 138 PHE n 
1 139 ARG n 
1 140 ASN n 
1 141 ASP n 
1 142 ILE n 
1 143 ALA n 
1 144 ALA n 
1 145 LYS n 
1 146 TYR n 
1 147 LYS n 
1 148 GLU n 
1 149 LEU n 
1 150 GLY n 
1 151 PHE n 
1 152 GLN n 
1 153 GLY n 
# 
_entity_src_nat.entity_id                  1 
_entity_src_nat.pdbx_src_id                1 
_entity_src_nat.pdbx_alt_source_flag       sample 
_entity_src_nat.pdbx_beg_seq_num           ? 
_entity_src_nat.pdbx_end_seq_num           ? 
_entity_src_nat.common_name                HORSE 
_entity_src_nat.pdbx_organism_scientific   'EQUUS CABALLUS' 
_entity_src_nat.pdbx_ncbi_taxonomy_id      9796 
_entity_src_nat.genus                      ? 
_entity_src_nat.species                    ? 
_entity_src_nat.strain                     ? 
_entity_src_nat.tissue                     ? 
_entity_src_nat.tissue_fraction            ? 
_entity_src_nat.pdbx_secretion             ? 
_entity_src_nat.pdbx_fragment              ? 
_entity_src_nat.pdbx_variant               ? 
_entity_src_nat.pdbx_cell_line             ? 
_entity_src_nat.pdbx_atcc                  ? 
_entity_src_nat.pdbx_cellular_location     ? 
_entity_src_nat.pdbx_organ                 HEART 
_entity_src_nat.pdbx_organelle             ? 
_entity_src_nat.pdbx_cell                  ? 
_entity_src_nat.pdbx_plasmid_name          ? 
_entity_src_nat.pdbx_plasmid_details       ? 
_entity_src_nat.details                    ? 
# 
_struct_ref.id                         1 
_struct_ref.db_name                    UNP 
_struct_ref.db_code                    MYG_HORSE 
_struct_ref.entity_id                  1 
_struct_ref.pdbx_seq_one_letter_code   ? 
_struct_ref.pdbx_align_begin           ? 
_struct_ref.pdbx_db_accession          P02188 
_struct_ref.pdbx_db_isoform            ? 
# 
_struct_ref_seq.align_id                      1 
_struct_ref_seq.ref_id                        1 
_struct_ref_seq.pdbx_PDB_id_code              1GJN 
_struct_ref_seq.pdbx_strand_id                A 
_struct_ref_seq.seq_align_beg                 1 
_struct_ref_seq.pdbx_seq_align_beg_ins_code   ? 
_struct_ref_seq.seq_align_end                 153 
_struct_ref_seq.pdbx_seq_align_end_ins_code   ? 
_struct_ref_seq.pdbx_db_accession             P02188 
_struct_ref_seq.db_align_beg                  1 
_struct_ref_seq.pdbx_db_align_beg_ins_code    ? 
_struct_ref_seq.db_align_end                  153 
_struct_ref_seq.pdbx_db_align_end_ins_code    ? 
_struct_ref_seq.pdbx_auth_seq_align_beg       1 
_struct_ref_seq.pdbx_auth_seq_align_end       153 
# 
loop_
_chem_comp.id 
_chem_comp.type 
_chem_comp.mon_nstd_flag 
_chem_comp.name 
_chem_comp.pdbx_synonyms 
_chem_comp.formula 
_chem_comp.formula_weight 
ALA 'L-peptide linking' y ALANINE                           ?    'C3 H7 N O2'       89.093  
ARG 'L-peptide linking' y ARGININE                          ?    'C6 H15 N4 O2 1'   175.209 
ASN 'L-peptide linking' y ASPARAGINE                        ?    'C4 H8 N2 O3'      132.118 
ASP 'L-peptide linking' y 'ASPARTIC ACID'                   ?    'C4 H7 N O4'       133.103 
GLN 'L-peptide linking' y GLUTAMINE                         ?    'C5 H10 N2 O3'     146.144 
GLU 'L-peptide linking' y 'GLUTAMIC ACID'                   ?    'C5 H9 N O4'       147.129 
GLY 'peptide linking'   y GLYCINE                           ?    'C2 H5 N O2'       75.067  
HEM non-polymer         . 'PROTOPORPHYRIN IX CONTAINING FE' HEME 'C34 H32 Fe N4 O4' 616.487 
HIS 'L-peptide linking' y HISTIDINE                         ?    'C6 H10 N3 O2 1'   156.162 
HOH non-polymer         . WATER                             ?    'H2 O'             18.015  
ILE 'L-peptide linking' y ISOLEUCINE                        ?    'C6 H13 N O2'      131.173 
LEU 'L-peptide linking' y LEUCINE                           ?    'C6 H13 N O2'      131.173 
LYS 'L-peptide linking' y LYSINE                            ?    'C6 H15 N2 O2 1'   147.195 
MET 'L-peptide linking' y METHIONINE                        ?    'C5 H11 N O2 S'    149.211 
OH  non-polymer         . 'HYDROXIDE ION'                   ?    'H O -1'           17.007  
PHE 'L-peptide linking' y PHENYLALANINE                     ?    'C9 H11 N O2'      165.189 
PRO 'L-peptide linking' y PROLINE                           ?    'C5 H9 N O2'       115.130 
SER 'L-peptide linking' y SERINE                            ?    'C3 H7 N O3'       105.093 
SO4 non-polymer         . 'SULFATE ION'                     ?    'O4 S -2'          96.063  
THR 'L-peptide linking' y THREONINE                         ?    'C4 H9 N O3'       119.119 
TRP 'L-peptide linking' y TRYPTOPHAN                        ?    'C11 H12 N2 O2'    204.225 
TYR 'L-peptide linking' y TYROSINE                          ?    'C9 H11 N O3'      181.189 
VAL 'L-peptide linking' y VALINE                            ?    'C5 H11 N O2'      117.146 
# 
_exptl.entry_id          1GJN 
_exptl.method            'X-RAY DIFFRACTION' 
_exptl.crystals_number   1 
# 
_exptl_crystal.id                    1 
_exptl_crystal.density_meas          ? 
_exptl_crystal.density_Matthews      1.80 
_exptl_crystal.density_percent_sol   31.76 
_exptl_crystal.description           ? 
# 
_exptl_crystal_grow.crystal_id      1 
_exptl_crystal_grow.method          ? 
_exptl_crystal_grow.temp            ? 
_exptl_crystal_grow.temp_details    ? 
_exptl_crystal_grow.pH              5.20 
_exptl_crystal_grow.pdbx_pH_range   ? 
_exptl_crystal_grow.pdbx_details    '6-10 MG/ML PROTEIN 3.0 M AMMONIUM SULPHATE, 10.8% GLYCEROL PH 5.2, RT.' 
# 
_diffrn.id                     1 
_diffrn.ambient_temp           100.0 
_diffrn.ambient_temp_details   ? 
_diffrn.crystal_id             1 
# 
_diffrn_detector.diffrn_id              1 
_diffrn_detector.detector               'IMAGE PLATE' 
_diffrn_detector.type                   MARRESEARCH 
_diffrn_detector.pdbx_collection_date   2000-02-15 
_diffrn_detector.details                ? 
# 
_diffrn_radiation.diffrn_id                        1 
_diffrn_radiation.wavelength_id                    1 
_diffrn_radiation.pdbx_monochromatic_or_laue_m_l   M 
_diffrn_radiation.monochromator                    ? 
_diffrn_radiation.pdbx_diffrn_protocol             'SINGLE WAVELENGTH' 
_diffrn_radiation.pdbx_scattering_type             x-ray 
# 
_diffrn_radiation_wavelength.id           1 
_diffrn_radiation_wavelength.wavelength   0.8730 
_diffrn_radiation_wavelength.wt           1.0 
# 
_diffrn_source.diffrn_id                   1 
_diffrn_source.source                      SYNCHROTRON 
_diffrn_source.type                        'ESRF BEAMLINE BM1A' 
_diffrn_source.pdbx_synchrotron_site       ESRF 
_diffrn_source.pdbx_synchrotron_beamline   BM1A 
_diffrn_source.pdbx_wavelength             0.8730 
_diffrn_source.pdbx_wavelength_list        ? 
# 
_reflns.pdbx_diffrn_id               1 
_reflns.pdbx_ordinal                 1 
_reflns.entry_id                     1GJN 
_reflns.observed_criterion_sigma_I   ? 
_reflns.observed_criterion_sigma_F   ? 
_reflns.d_resolution_low             21.000 
_reflns.d_resolution_high            1.350 
_reflns.number_obs                   26717 
_reflns.number_all                   ? 
_reflns.percent_possible_obs         98.4 
_reflns.pdbx_Rmerge_I_obs            0.08300 
_reflns.pdbx_Rsym_value              ? 
_reflns.pdbx_netI_over_sigmaI        22.0000 
_reflns.B_iso_Wilson_estimate        11.5 
_reflns.pdbx_redundancy              4.200 
# 
_reflns_shell.pdbx_diffrn_id         1 
_reflns_shell.pdbx_ordinal           1 
_reflns_shell.d_res_high             1.35 
_reflns_shell.d_res_low              1.38 
_reflns_shell.percent_possible_all   85.4 
_reflns_shell.Rmerge_I_obs           0.30500 
_reflns_shell.pdbx_Rsym_value        ? 
_reflns_shell.meanI_over_sigI_obs    2.700 
_reflns_shell.pdbx_redundancy        2.40 
# 
_refine.pdbx_refine_id                           'X-RAY DIFFRACTION' 
_refine.entry_id                                 1GJN 
_refine.pdbx_diffrn_id                           1 
_refine.pdbx_TLS_residual_ADP_flag               ? 
_refine.ls_number_reflns_obs                     25526 
_refine.ls_number_reflns_all                     ? 
_refine.pdbx_ls_sigma_I                          ? 
_refine.pdbx_ls_sigma_F                          0.0 
_refine.pdbx_data_cutoff_high_absF               2057058.11 
_refine.pdbx_data_cutoff_low_absF                ? 
_refine.pdbx_data_cutoff_high_rms_absF           ? 
_refine.ls_d_res_low                             20.79 
_refine.ls_d_res_high                            1.35 
_refine.ls_percent_reflns_obs                    94.4 
_refine.ls_R_factor_obs                          0.178 
_refine.ls_R_factor_all                          ? 
_refine.ls_R_factor_R_work                       0.178 
_refine.ls_R_factor_R_free                       0.205 
_refine.ls_R_factor_R_free_error                 0.006 
_refine.ls_R_factor_R_free_error_details         ? 
_refine.ls_percent_reflns_R_free                 5.0 
_refine.ls_number_reflns_R_free                  1277 
_refine.ls_number_parameters                     ? 
_refine.ls_number_restraints                     ? 
_refine.occupancy_min                            ? 
_refine.occupancy_max                            ? 
_refine.correlation_coeff_Fo_to_Fc               ? 
_refine.correlation_coeff_Fo_to_Fc_free          ? 
_refine.B_iso_mean                               15.6 
_refine.aniso_B[1][1]                            -3.55 
_refine.aniso_B[2][2]                            2.27 
_refine.aniso_B[3][3]                            1.28 
_refine.aniso_B[1][2]                            0.00 
_refine.aniso_B[1][3]                            1.13 
_refine.aniso_B[2][3]                            0.00 
_refine.solvent_model_details                    'FLAT MODEL' 
_refine.solvent_model_param_ksol                 0.438879 
_refine.solvent_model_param_bsol                 71.5094 
_refine.pdbx_solvent_vdw_probe_radii             ? 
_refine.pdbx_solvent_ion_probe_radii             ? 
_refine.pdbx_solvent_shrinkage_radii             ? 
_refine.pdbx_ls_cross_valid_method               THROUGHOUT 
_refine.details                                  ? 
_refine.pdbx_starting_model                      1WLA 
_refine.pdbx_method_to_determine_struct          'MOLECULAR REPLACEMENT' 
_refine.pdbx_isotropic_thermal_model             RESTRAINED 
_refine.pdbx_stereochemistry_target_values       ? 
_refine.pdbx_stereochem_target_val_spec_case     ? 
_refine.pdbx_R_Free_selection_details            RANDOM 
_refine.pdbx_overall_ESU_R                       ? 
_refine.pdbx_overall_ESU_R_Free                  ? 
_refine.overall_SU_ML                            ? 
_refine.pdbx_overall_phase_error                 ? 
_refine.overall_SU_B                             ? 
_refine.overall_SU_R_Cruickshank_DPI             ? 
_refine.pdbx_overall_SU_R_free_Cruickshank_DPI   ? 
_refine.pdbx_overall_SU_R_Blow_DPI               ? 
_refine.pdbx_overall_SU_R_free_Blow_DPI          ? 
# 
_refine_analyze.pdbx_refine_id                  'X-RAY DIFFRACTION' 
_refine_analyze.entry_id                        1GJN 
_refine_analyze.Luzzati_coordinate_error_obs    0.14 
_refine_analyze.Luzzati_sigma_a_obs             0.15 
_refine_analyze.Luzzati_d_res_low_obs           5.00 
_refine_analyze.Luzzati_coordinate_error_free   0.16 
_refine_analyze.Luzzati_sigma_a_free            0.19 
_refine_analyze.Luzzati_d_res_low_free          ? 
_refine_analyze.number_disordered_residues      ? 
_refine_analyze.occupancy_sum_hydrogen          ? 
_refine_analyze.occupancy_sum_non_hydrogen      ? 
# 
_refine_hist.pdbx_refine_id                   'X-RAY DIFFRACTION' 
_refine_hist.cycle_id                         LAST 
_refine_hist.pdbx_number_atoms_protein        1199 
_refine_hist.pdbx_number_atoms_nucleic_acid   0 
_refine_hist.pdbx_number_atoms_ligand         54 
_refine_hist.number_atoms_solvent             159 
_refine_hist.number_atoms_total               1412 
_refine_hist.d_res_high                       1.35 
_refine_hist.d_res_low                        20.79 
# 
loop_
_refine_ls_restr.type 
_refine_ls_restr.dev_ideal 
_refine_ls_restr.dev_ideal_target 
_refine_ls_restr.weight 
_refine_ls_restr.number 
_refine_ls_restr.pdbx_refine_id 
_refine_ls_restr.pdbx_restraint_function 
c_bond_d                0.012 ? ? ? 'X-RAY DIFFRACTION' ? 
c_bond_d_na             ?     ? ? ? 'X-RAY DIFFRACTION' ? 
c_bond_d_prot           ?     ? ? ? 'X-RAY DIFFRACTION' ? 
c_angle_d               ?     ? ? ? 'X-RAY DIFFRACTION' ? 
c_angle_d_na            ?     ? ? ? 'X-RAY DIFFRACTION' ? 
c_angle_d_prot          ?     ? ? ? 'X-RAY DIFFRACTION' ? 
c_angle_deg             1.4   ? ? ? 'X-RAY DIFFRACTION' ? 
c_angle_deg_na          ?     ? ? ? 'X-RAY DIFFRACTION' ? 
c_angle_deg_prot        ?     ? ? ? 'X-RAY DIFFRACTION' ? 
c_dihedral_angle_d      18.1  ? ? ? 'X-RAY DIFFRACTION' ? 
c_dihedral_angle_d_na   ?     ? ? ? 'X-RAY DIFFRACTION' ? 
c_dihedral_angle_d_prot ?     ? ? ? 'X-RAY DIFFRACTION' ? 
c_improper_angle_d      1.11  ? ? ? 'X-RAY DIFFRACTION' ? 
c_improper_angle_d_na   ?     ? ? ? 'X-RAY DIFFRACTION' ? 
c_improper_angle_d_prot ?     ? ? ? 'X-RAY DIFFRACTION' ? 
c_mcbond_it             ?     ? ? ? 'X-RAY DIFFRACTION' ? 
c_mcangle_it            ?     ? ? ? 'X-RAY DIFFRACTION' ? 
c_scbond_it             ?     ? ? ? 'X-RAY DIFFRACTION' ? 
c_scangle_it            ?     ? ? ? 'X-RAY DIFFRACTION' ? 
# 
_refine_ls_shell.pdbx_refine_id                   'X-RAY DIFFRACTION' 
_refine_ls_shell.pdbx_total_number_of_bins_used   6 
_refine_ls_shell.d_res_high                       1.35 
_refine_ls_shell.d_res_low                        1.43 
_refine_ls_shell.number_reflns_R_work             3575 
_refine_ls_shell.R_factor_R_work                  0.259 
_refine_ls_shell.percent_reflns_obs               85.0 
_refine_ls_shell.R_factor_R_free                  0.308 
_refine_ls_shell.R_factor_R_free_error            0.021 
_refine_ls_shell.percent_reflns_R_free            5.5 
_refine_ls_shell.number_reflns_R_free             210 
_refine_ls_shell.number_reflns_all                ? 
_refine_ls_shell.R_factor_all                     ? 
# 
_struct.entry_id                  1GJN 
_struct.title                     'Hydrogen Peroxide Derived Myoglobin Compound II at pH 5.2' 
_struct.pdbx_model_details        ? 
_struct.pdbx_CASP_flag            ? 
_struct.pdbx_model_type_details   ? 
# 
_struct_keywords.entry_id        1GJN 
_struct_keywords.pdbx_keywords   'OXYGEN TRANSPORT' 
_struct_keywords.text            
'OXYGEN TRANSPORT, REACTION INTERMEDIATE, HAEM, HEME, OXYGEN ACTIVATION, PEROXIDASE, MONOOXYGENASE, FERRYL, HYDROXY RADICAL' 
# 
loop_
_struct_asym.id 
_struct_asym.pdbx_blank_PDB_chainid_flag 
_struct_asym.pdbx_modified 
_struct_asym.entity_id 
_struct_asym.details 
A N N 1 ? 
B N N 2 ? 
C N N 3 ? 
D N N 4 ? 
E N N 4 ? 
F N N 5 ? 
# 
_struct_biol.id   1 
# 
loop_
_struct_conf.conf_type_id 
_struct_conf.id 
_struct_conf.pdbx_PDB_helix_id 
_struct_conf.beg_label_comp_id 
_struct_conf.beg_label_asym_id 
_struct_conf.beg_label_seq_id 
_struct_conf.pdbx_beg_PDB_ins_code 
_struct_conf.end_label_comp_id 
_struct_conf.end_label_asym_id 
_struct_conf.end_label_seq_id 
_struct_conf.pdbx_end_PDB_ins_code 
_struct_conf.beg_auth_comp_id 
_struct_conf.beg_auth_asym_id 
_struct_conf.beg_auth_seq_id 
_struct_conf.end_auth_comp_id 
_struct_conf.end_auth_asym_id 
_struct_conf.end_auth_seq_id 
_struct_conf.pdbx_PDB_helix_class 
_struct_conf.details 
_struct_conf.pdbx_PDB_helix_length 
HELX_P HELX_P1 1 SER A 3   ? ALA A 19  ? SER A 3   ALA A 19  1 ? 17 
HELX_P HELX_P2 2 ASP A 20  ? HIS A 36  ? ASP A 20  HIS A 36  1 ? 17 
HELX_P HELX_P3 3 HIS A 36  ? GLU A 41  ? HIS A 36  GLU A 41  1 ? 6  
HELX_P HELX_P4 4 THR A 51  ? SER A 58  ? THR A 51  SER A 58  1 ? 8  
HELX_P HELX_P5 5 SER A 58  ? LYS A 77  ? SER A 58  LYS A 77  1 ? 20 
HELX_P HELX_P6 6 HIS A 82  ? LYS A 96  ? HIS A 82  LYS A 96  1 ? 15 
HELX_P HELX_P7 7 PRO A 100 ? HIS A 119 ? PRO A 100 HIS A 119 1 ? 20 
HELX_P HELX_P8 8 GLY A 124 ? GLY A 150 ? GLY A 124 GLY A 150 1 ? 27 
# 
_struct_conf_type.id          HELX_P 
_struct_conf_type.criteria    ? 
_struct_conf_type.reference   ? 
# 
loop_
_struct_conn.id 
_struct_conn.conn_type_id 
_struct_conn.pdbx_leaving_atom_flag 
_struct_conn.pdbx_PDB_id 
_struct_conn.ptnr1_label_asym_id 
_struct_conn.ptnr1_label_comp_id 
_struct_conn.ptnr1_label_seq_id 
_struct_conn.ptnr1_label_atom_id 
_struct_conn.pdbx_ptnr1_label_alt_id 
_struct_conn.pdbx_ptnr1_PDB_ins_code 
_struct_conn.pdbx_ptnr1_standard_comp_id 
_struct_conn.ptnr1_symmetry 
_struct_conn.ptnr2_label_asym_id 
_struct_conn.ptnr2_label_comp_id 
_struct_conn.ptnr2_label_seq_id 
_struct_conn.ptnr2_label_atom_id 
_struct_conn.pdbx_ptnr2_label_alt_id 
_struct_conn.pdbx_ptnr2_PDB_ins_code 
_struct_conn.ptnr1_auth_asym_id 
_struct_conn.ptnr1_auth_comp_id 
_struct_conn.ptnr1_auth_seq_id 
_struct_conn.ptnr2_auth_asym_id 
_struct_conn.ptnr2_auth_comp_id 
_struct_conn.ptnr2_auth_seq_id 
_struct_conn.ptnr2_symmetry 
_struct_conn.pdbx_ptnr3_label_atom_id 
_struct_conn.pdbx_ptnr3_label_seq_id 
_struct_conn.pdbx_ptnr3_label_comp_id 
_struct_conn.pdbx_ptnr3_label_asym_id 
_struct_conn.pdbx_ptnr3_label_alt_id 
_struct_conn.pdbx_ptnr3_PDB_ins_code 
_struct_conn.details 
_struct_conn.pdbx_dist_value 
_struct_conn.pdbx_value_order 
_struct_conn.pdbx_role 
metalc1 metalc ? ? A HIS 93 NE2 ? ? ? 1_555 B HEM . FE ? ? A HIS 93   A HEM 1154 1_555 ? ? ? ? ? ? ? 2.137 ? ? 
metalc2 metalc ? ? B HEM .  FE  ? ? ? 1_555 C OH  . O  ? ? A HEM 1154 A OH  1155 1_555 ? ? ? ? ? ? ? 1.921 ? ? 
# 
_struct_conn_type.id          metalc 
_struct_conn_type.criteria    ? 
_struct_conn_type.reference   ? 
# 
loop_
_struct_site.id 
_struct_site.pdbx_evidence_code 
_struct_site.pdbx_auth_asym_id 
_struct_site.pdbx_auth_comp_id 
_struct_site.pdbx_auth_seq_id 
_struct_site.pdbx_auth_ins_code 
_struct_site.pdbx_num_residues 
_struct_site.details 
AC1 Software A SO4 1156 ? 3  'BINDING SITE FOR RESIDUE SO4 A 1156' 
AC2 Software A SO4 1157 ? 5  'BINDING SITE FOR RESIDUE SO4 A 1157' 
AC3 Software A HEM 1154 ? 23 'BINDING SITE FOR RESIDUE HEM A 1154' 
AC4 Software A OH  1155 ? 3  'BINDING SITE FOR RESIDUE OH A 1155'  
# 
loop_
_struct_site_gen.id 
_struct_site_gen.site_id 
_struct_site_gen.pdbx_num_res 
_struct_site_gen.label_comp_id 
_struct_site_gen.label_asym_id 
_struct_site_gen.label_seq_id 
_struct_site_gen.pdbx_auth_ins_code 
_struct_site_gen.auth_comp_id 
_struct_site_gen.auth_asym_id 
_struct_site_gen.auth_seq_id 
_struct_site_gen.label_atom_id 
_struct_site_gen.label_alt_id 
_struct_site_gen.symmetry 
_struct_site_gen.details 
1  AC1 3  THR A 51  ? THR A 51   . ? 1_555 ? 
2  AC1 3  GLU A 52  ? GLU A 52   . ? 1_555 ? 
3  AC1 3  HOH F .   ? HOH A 2156 . ? 1_555 ? 
4  AC2 5  HIS A 81  ? HIS A 81   . ? 1_555 ? 
5  AC2 5  HIS A 82  ? HIS A 82   . ? 1_555 ? 
6  AC2 5  GLU A 83  ? GLU A 83   . ? 1_555 ? 
7  AC2 5  HOH F .   ? HOH A 2158 . ? 1_555 ? 
8  AC2 5  HOH F .   ? HOH A 2159 . ? 1_555 ? 
9  AC3 23 THR A 39  ? THR A 39   . ? 1_555 ? 
10 AC3 23 LYS A 42  ? LYS A 42   . ? 1_555 ? 
11 AC3 23 PHE A 43  ? PHE A 43   . ? 1_555 ? 
12 AC3 23 LYS A 45  ? LYS A 45   . ? 1_555 ? 
13 AC3 23 HIS A 64  ? HIS A 64   . ? 1_555 ? 
14 AC3 23 VAL A 67  ? VAL A 67   . ? 1_555 ? 
15 AC3 23 VAL A 68  ? VAL A 68   . ? 1_555 ? 
16 AC3 23 LEU A 89  ? LEU A 89   . ? 1_555 ? 
17 AC3 23 SER A 92  ? SER A 92   . ? 1_555 ? 
18 AC3 23 HIS A 93  ? HIS A 93   . ? 1_555 ? 
19 AC3 23 HIS A 97  ? HIS A 97   . ? 1_555 ? 
20 AC3 23 ILE A 99  ? ILE A 99   . ? 1_555 ? 
21 AC3 23 TYR A 103 ? TYR A 103  . ? 1_555 ? 
22 AC3 23 HIS A 113 ? HIS A 113  . ? 1_545 ? 
23 AC3 23 HIS A 116 ? HIS A 116  . ? 1_545 ? 
24 AC3 23 GLN A 128 ? GLN A 128  . ? 1_545 ? 
25 AC3 23 OH  C .   ? OH  A 1155 . ? 1_555 ? 
26 AC3 23 HOH F .   ? HOH A 2150 . ? 1_555 ? 
27 AC3 23 HOH F .   ? HOH A 2151 . ? 1_555 ? 
28 AC3 23 HOH F .   ? HOH A 2152 . ? 1_555 ? 
29 AC3 23 HOH F .   ? HOH A 2153 . ? 1_555 ? 
30 AC3 23 HOH F .   ? HOH A 2154 . ? 1_555 ? 
31 AC3 23 HOH F .   ? HOH A 2155 . ? 1_555 ? 
32 AC4 3  HIS A 64  ? HIS A 64   . ? 1_555 ? 
33 AC4 3  VAL A 68  ? VAL A 68   . ? 1_555 ? 
34 AC4 3  HEM B .   ? HEM A 1154 . ? 1_555 ? 
# 
_atom_sites.entry_id                    1GJN 
_atom_sites.fract_transf_matrix[1][1]   0.01641546 
_atom_sites.fract_transf_matrix[1][2]   -0.00058262 
_atom_sites.fract_transf_matrix[1][3]   0.00196707 
_atom_sites.fract_transf_matrix[2][1]   0.00380505 
_atom_sites.fract_transf_matrix[2][2]   -0.00730693 
_atom_sites.fract_transf_matrix[2][3]   -0.03391784 
_atom_sites.fract_transf_matrix[3][1]   0.00968293 
_atom_sites.fract_transf_matrix[3][2]   0.02735851 
_atom_sites.fract_transf_matrix[3][3]   -0.00480758 
_atom_sites.fract_transf_vector[1]      0.246531 
_atom_sites.fract_transf_vector[2]      -0.824106 
_atom_sites.fract_transf_vector[3]      -0.003746 
# 
loop_
_atom_type.symbol 
C  
FE 
N  
O  
S  
# 
loop_
_atom_site.group_PDB 
_atom_site.id 
_atom_site.type_symbol 
_atom_site.label_atom_id 
_atom_site.label_alt_id 
_atom_site.label_comp_id 
_atom_site.label_asym_id 
_atom_site.label_entity_id 
_atom_site.label_seq_id 
_atom_site.pdbx_PDB_ins_code 
_atom_site.Cartn_x 
_atom_site.Cartn_y 
_atom_site.Cartn_z 
_atom_site.occupancy 
_atom_site.B_iso_or_equiv 
_atom_site.pdbx_formal_charge 
_atom_site.auth_seq_id 
_atom_site.auth_comp_id 
_atom_site.auth_asym_id 
_atom_site.auth_atom_id 
_atom_site.pdbx_PDB_model_num 
ATOM   1    N  N   . GLY A 1 1   ? 16.376  9.113   -6.012  1.00 22.96 ? 1    GLY A N   1 
ATOM   2    C  CA  . GLY A 1 1   ? 15.031  9.681   -5.719  1.00 19.96 ? 1    GLY A CA  1 
ATOM   3    C  C   . GLY A 1 1   ? 14.245  9.902   -6.997  1.00 15.84 ? 1    GLY A C   1 
ATOM   4    O  O   . GLY A 1 1   ? 14.667  9.522   -8.083  1.00 24.82 ? 1    GLY A O   1 
ATOM   5    N  N   . LEU A 1 2   ? 13.075  10.492  -6.852  1.00 13.71 ? 2    LEU A N   1 
ATOM   6    C  CA  . LEU A 1 2   ? 12.231  10.796  -8.004  1.00 13.07 ? 2    LEU A CA  1 
ATOM   7    C  C   . LEU A 1 2   ? 12.457  12.229  -8.431  1.00 14.05 ? 2    LEU A C   1 
ATOM   8    O  O   . LEU A 1 2   ? 12.757  13.096  -7.595  1.00 16.34 ? 2    LEU A O   1 
ATOM   9    C  CB  . LEU A 1 2   ? 10.759  10.638  -7.645  1.00 14.18 ? 2    LEU A CB  1 
ATOM   10   C  CG  . LEU A 1 2   ? 10.192  9.212   -7.604  1.00 11.67 ? 2    LEU A CG  1 
ATOM   11   C  CD1 . LEU A 1 2   ? 10.727  8.438   -6.399  1.00 13.59 ? 2    LEU A CD1 1 
ATOM   12   C  CD2 . LEU A 1 2   ? 8.680   9.311   -7.540  1.00 11.78 ? 2    LEU A CD2 1 
ATOM   13   N  N   . SER A 1 3   ? 12.322  12.477  -9.724  1.00 12.24 ? 3    SER A N   1 
ATOM   14   C  CA  . SER A 1 3   ? 12.439  13.822  -10.266 1.00 12.56 ? 3    SER A CA  1 
ATOM   15   C  C   . SER A 1 3   ? 11.137  14.564  -9.962  1.00 15.68 ? 3    SER A C   1 
ATOM   16   O  O   . SER A 1 3   ? 10.130  13.960  -9.565  1.00 13.20 ? 3    SER A O   1 
ATOM   17   C  CB  . SER A 1 3   ? 12.620  13.764  -11.783 1.00 13.91 ? 3    SER A CB  1 
ATOM   18   O  OG  . SER A 1 3   ? 11.433  13.272  -12.407 1.00 14.15 ? 3    SER A OG  1 
ATOM   19   N  N   . ASP A 1 4   ? 11.147  15.885  -10.132 1.00 15.94 ? 4    ASP A N   1 
ATOM   20   C  CA  . ASP A 1 4   ? 9.941   16.653  -9.897  1.00 16.57 ? 4    ASP A CA  1 
ATOM   21   C  C   . ASP A 1 4   ? 8.850   16.156  -10.853 1.00 14.62 ? 4    ASP A C   1 
ATOM   22   O  O   . ASP A 1 4   ? 7.688   16.034  -10.470 1.00 13.66 ? 4    ASP A O   1 
ATOM   23   C  CB  . ASP A 1 4   ? 10.222  18.141  -10.130 1.00 21.99 ? 4    ASP A CB  1 
ATOM   24   C  CG  . ASP A 1 4   ? 11.272  18.676  -9.184  1.00 27.21 ? 4    ASP A CG  1 
ATOM   25   O  OD1 . ASP A 1 4   ? 11.120  18.468  -7.956  1.00 29.48 ? 4    ASP A OD1 1 
ATOM   26   O  OD2 . ASP A 1 4   ? 12.252  19.293  -9.658  1.00 37.28 ? 4    ASP A OD2 1 
ATOM   27   N  N   . GLY A 1 5   ? 9.231   15.867  -12.094 1.00 16.53 ? 5    GLY A N   1 
ATOM   28   C  CA  . GLY A 1 5   ? 8.269   15.381  -13.065 1.00 12.33 ? 5    GLY A CA  1 
ATOM   29   C  C   . GLY A 1 5   ? 7.639   14.060  -12.621 1.00 13.60 ? 5    GLY A C   1 
ATOM   30   O  O   . GLY A 1 5   ? 6.432   13.844  -12.776 1.00 13.23 ? 5    GLY A O   1 
ATOM   31   N  N   . GLU A 1 6   ? 8.456   13.172  -12.072 1.00 12.01 ? 6    GLU A N   1 
ATOM   32   C  CA  . GLU A 1 6   ? 7.937   11.896  -11.597 1.00 9.62  ? 6    GLU A CA  1 
ATOM   33   C  C   . GLU A 1 6   ? 7.016   12.094  -10.403 1.00 11.17 ? 6    GLU A C   1 
ATOM   34   O  O   . GLU A 1 6   ? 5.976   11.451  -10.320 1.00 10.83 ? 6    GLU A O   1 
ATOM   35   C  CB  . GLU A 1 6   ? 9.108   10.978  -11.258 1.00 10.32 ? 6    GLU A CB  1 
ATOM   36   C  CG  . GLU A 1 6   ? 9.839   10.519  -12.519 1.00 12.67 ? 6    GLU A CG  1 
ATOM   37   C  CD  . GLU A 1 6   ? 11.146  9.790   -12.270 1.00 10.59 ? 6    GLU A CD  1 
ATOM   38   O  OE1 . GLU A 1 6   ? 11.808  10.043  -11.239 1.00 12.26 ? 6    GLU A OE1 1 
ATOM   39   O  OE2 . GLU A 1 6   ? 11.539  8.967   -13.124 1.00 12.25 ? 6    GLU A OE2 1 
ATOM   40   N  N   . TRP A 1 7   ? 7.375   12.972  -9.469  1.00 10.16 ? 7    TRP A N   1 
ATOM   41   C  CA  . TRP A 1 7   ? 6.485   13.200  -8.331  1.00 9.25  ? 7    TRP A CA  1 
ATOM   42   C  C   . TRP A 1 7   ? 5.146   13.763  -8.822  1.00 10.39 ? 7    TRP A C   1 
ATOM   43   O  O   . TRP A 1 7   ? 4.084   13.436  -8.300  1.00 9.47  ? 7    TRP A O   1 
ATOM   44   C  CB  . TRP A 1 7   ? 7.082   14.193  -7.326  1.00 10.25 ? 7    TRP A CB  1 
ATOM   45   C  CG  . TRP A 1 7   ? 8.057   13.526  -6.378  1.00 10.22 ? 7    TRP A CG  1 
ATOM   46   C  CD1 . TRP A 1 7   ? 9.387   13.817  -6.214  1.00 9.90  ? 7    TRP A CD1 1 
ATOM   47   C  CD2 . TRP A 1 7   ? 7.769   12.445  -5.486  1.00 9.52  ? 7    TRP A CD2 1 
ATOM   48   N  NE1 . TRP A 1 7   ? 9.947   12.979  -5.273  1.00 11.46 ? 7    TRP A NE1 1 
ATOM   49   C  CE2 . TRP A 1 7   ? 8.977   12.119  -4.813  1.00 10.43 ? 7    TRP A CE2 1 
ATOM   50   C  CE3 . TRP A 1 7   ? 6.608   11.715  -5.185  1.00 10.63 ? 7    TRP A CE3 1 
ATOM   51   C  CZ2 . TRP A 1 7   ? 9.060   11.095  -3.877  1.00 12.45 ? 7    TRP A CZ2 1 
ATOM   52   C  CZ3 . TRP A 1 7   ? 6.693   10.683  -4.231  1.00 10.11 ? 7    TRP A CZ3 1 
ATOM   53   C  CH2 . TRP A 1 7   ? 7.918   10.392  -3.594  1.00 10.36 ? 7    TRP A CH2 1 
ATOM   54   N  N   . GLN A 1 8   ? 5.179   14.626  -9.833  1.00 10.65 ? 8    GLN A N   1 
ATOM   55   C  CA  . GLN A 1 8   ? 3.929   15.179  -10.325 1.00 12.66 ? 8    GLN A CA  1 
ATOM   56   C  C   . GLN A 1 8   ? 3.069   14.056  -10.886 1.00 10.45 ? 8    GLN A C   1 
ATOM   57   O  O   . GLN A 1 8   ? 1.848   14.035  -10.707 1.00 10.26 ? 8    GLN A O   1 
ATOM   58   C  CB  . GLN A 1 8   ? 4.208   16.254  -11.383 1.00 13.80 ? 8    GLN A CB  1 
ATOM   59   C  CG  . GLN A 1 8   ? 2.958   16.862  -12.004 1.00 14.54 ? 8    GLN A CG  1 
ATOM   60   C  CD  . GLN A 1 8   ? 3.296   18.027  -12.931 1.00 19.21 ? 8    GLN A CD  1 
ATOM   61   O  OE1 . GLN A 1 8   ? 4.171   17.917  -13.789 1.00 23.81 ? 8    GLN A OE1 1 
ATOM   62   N  NE2 . GLN A 1 8   ? 2.601   19.147  -12.755 1.00 22.68 ? 8    GLN A NE2 1 
ATOM   63   N  N   . GLN A 1 9   ? 3.694   13.109  -11.575 1.00 10.10 ? 9    GLN A N   1 
ATOM   64   C  CA  . GLN A 1 9   ? 2.929   11.970  -12.087 1.00 9.74  ? 9    GLN A CA  1 
ATOM   65   C  C   . GLN A 1 9   ? 2.351   11.152  -10.929 1.00 11.93 ? 9    GLN A C   1 
ATOM   66   O  O   . GLN A 1 9   ? 1.195   10.724  -10.963 1.00 11.27 ? 9    GLN A O   1 
ATOM   67   C  CB  . GLN A 1 9   ? 3.837   11.077  -12.931 1.00 13.83 ? 9    GLN A CB  1 
ATOM   68   C  CG  . GLN A 1 9   ? 3.898   11.412  -14.411 1.00 21.07 ? 9    GLN A CG  1 
ATOM   69   C  CD  . GLN A 1 9   ? 2.531   11.270  -15.084 1.00 22.95 ? 9    GLN A CD  1 
ATOM   70   O  OE1 . GLN A 1 9   ? 1.630   12.077  -14.859 1.00 34.14 ? 9    GLN A OE1 1 
ATOM   71   N  NE2 . GLN A 1 9   ? 2.372   10.240  -15.892 1.00 28.06 ? 9    GLN A NE2 1 
ATOM   72   N  N   . VAL A 1 10  ? 3.160   10.908  -9.908  1.00 10.71 ? 10   VAL A N   1 
ATOM   73   C  CA  . VAL A 1 10  ? 2.675   10.159  -8.762  1.00 9.10  ? 10   VAL A CA  1 
ATOM   74   C  C   . VAL A 1 10  ? 1.428   10.797  -8.157  1.00 9.92  ? 10   VAL A C   1 
ATOM   75   O  O   . VAL A 1 10  ? 0.434   10.108  -7.875  1.00 9.69  ? 10   VAL A O   1 
ATOM   76   C  CB  . VAL A 1 10  ? 3.748   10.065  -7.656  1.00 10.02 ? 10   VAL A CB  1 
ATOM   77   C  CG1 . VAL A 1 10  ? 3.129   9.440   -6.392  1.00 10.18 ? 10   VAL A CG1 1 
ATOM   78   C  CG2 . VAL A 1 10  ? 4.942   9.256   -8.160  1.00 9.87  ? 10   VAL A CG2 1 
ATOM   79   N  N   . LEU A 1 11  ? 1.499   12.104  -7.920  1.00 9.44  ? 11   LEU A N   1 
ATOM   80   C  CA  . LEU A 1 11  ? 0.392   12.768  -7.280  1.00 9.50  ? 11   LEU A CA  1 
ATOM   81   C  C   . LEU A 1 11  ? -0.801  12.919  -8.222  1.00 9.38  ? 11   LEU A C   1 
ATOM   82   O  O   . LEU A 1 11  ? -1.940  13.036  -7.772  1.00 10.42 ? 11   LEU A O   1 
ATOM   83   C  CB  . LEU A 1 11  ? 0.879   14.107  -6.689  1.00 10.22 ? 11   LEU A CB  1 
ATOM   84   C  CG  . LEU A 1 11  ? 1.947   13.830  -5.615  1.00 12.57 ? 11   LEU A CG  1 
ATOM   85   C  CD1 . LEU A 1 11  ? 2.287   15.133  -4.890  1.00 14.82 ? 11   LEU A CD1 1 
ATOM   86   C  CD2 . LEU A 1 11  ? 1.423   12.817  -4.588  1.00 14.75 ? 11   LEU A CD2 1 
ATOM   87   N  N   . ASN A 1 12  ? -0.560  12.908  -9.526  1.00 10.13 ? 12   ASN A N   1 
ATOM   88   C  CA  . ASN A 1 12  ? -1.689  12.965  -10.449 1.00 13.00 ? 12   ASN A CA  1 
ATOM   89   C  C   . ASN A 1 12  ? -2.423  11.610  -10.371 1.00 9.27  ? 12   ASN A C   1 
ATOM   90   O  O   . ASN A 1 12  ? -3.640  11.549  -10.319 1.00 12.43 ? 12   ASN A O   1 
ATOM   91   C  CB  . ASN A 1 12  ? -1.202  13.228  -11.871 1.00 11.65 ? 12   ASN A CB  1 
ATOM   92   C  CG  . ASN A 1 12  ? -2.352  13.325  -12.848 1.00 19.15 ? 12   ASN A CG  1 
ATOM   93   O  OD1 . ASN A 1 12  ? -3.216  14.179  -12.702 1.00 23.98 ? 12   ASN A OD1 1 
ATOM   94   N  ND2 . ASN A 1 12  ? -2.373  12.447  -13.832 1.00 21.56 ? 12   ASN A ND2 1 
ATOM   95   N  N   . VAL A 1 13  ? -1.658  10.526  -10.383 1.00 10.34 ? 13   VAL A N   1 
ATOM   96   C  CA  . VAL A 1 13  ? -2.246  9.193   -10.262 1.00 12.31 ? 13   VAL A CA  1 
ATOM   97   C  C   . VAL A 1 13  ? -2.989  9.115   -8.930  1.00 13.62 ? 13   VAL A C   1 
ATOM   98   O  O   . VAL A 1 13  ? -4.101  8.557   -8.835  1.00 15.55 ? 13   VAL A O   1 
ATOM   99   C  CB  . VAL A 1 13  ? -1.139  8.106   -10.282 1.00 14.55 ? 13   VAL A CB  1 
ATOM   100  C  CG1 . VAL A 1 13  ? -1.704  6.744   -9.822  1.00 15.11 ? 13   VAL A CG1 1 
ATOM   101  C  CG2 . VAL A 1 13  ? -0.549  8.003   -11.672 1.00 19.65 ? 13   VAL A CG2 1 
ATOM   102  N  N   . TRP A 1 14  ? -2.401  9.676   -7.879  1.00 12.37 ? 14   TRP A N   1 
ATOM   103  C  CA  . TRP A 1 14  ? -3.049  9.587   -6.584  1.00 10.12 ? 14   TRP A CA  1 
ATOM   104  C  C   . TRP A 1 14  ? -4.414  10.259  -6.561  1.00 11.75 ? 14   TRP A C   1 
ATOM   105  O  O   . TRP A 1 14  ? -5.301  9.864   -5.802  1.00 11.48 ? 14   TRP A O   1 
ATOM   106  C  CB  . TRP A 1 14  ? -2.151  10.147  -5.479  1.00 12.99 ? 14   TRP A CB  1 
ATOM   107  C  CG  . TRP A 1 14  ? -2.598  9.739   -4.132  1.00 13.67 ? 14   TRP A CG  1 
ATOM   108  C  CD1 . TRP A 1 14  ? -3.230  10.516  -3.212  1.00 16.97 ? 14   TRP A CD1 1 
ATOM   109  C  CD2 . TRP A 1 14  ? -2.534  8.423   -3.577  1.00 14.81 ? 14   TRP A CD2 1 
ATOM   110  N  NE1 . TRP A 1 14  ? -3.577  9.766   -2.107  1.00 16.60 ? 14   TRP A NE1 1 
ATOM   111  C  CE2 . TRP A 1 14  ? -3.164  8.478   -2.308  1.00 11.58 ? 14   TRP A CE2 1 
ATOM   112  C  CE3 . TRP A 1 14  ? -2.013  7.210   -4.021  1.00 12.66 ? 14   TRP A CE3 1 
ATOM   113  C  CZ2 . TRP A 1 14  ? -3.281  7.356   -1.483  1.00 14.73 ? 14   TRP A CZ2 1 
ATOM   114  C  CZ3 . TRP A 1 14  ? -2.131  6.086   -3.187  1.00 16.86 ? 14   TRP A CZ3 1 
ATOM   115  C  CH2 . TRP A 1 14  ? -2.763  6.181   -1.941  1.00 14.56 ? 14   TRP A CH2 1 
ATOM   116  N  N   . GLY A 1 15  ? -4.601  11.272  -7.402  1.00 11.45 ? 15   GLY A N   1 
ATOM   117  C  CA  . GLY A 1 15  ? -5.897  11.937  -7.458  1.00 12.49 ? 15   GLY A CA  1 
ATOM   118  C  C   . GLY A 1 15  ? -6.968  10.942  -7.865  1.00 13.03 ? 15   GLY A C   1 
ATOM   119  O  O   . GLY A 1 15  ? -8.132  11.062  -7.449  1.00 14.36 ? 15   GLY A O   1 
ATOM   120  N  N   . LYS A 1 16  ? -6.593  9.940   -8.660  1.00 13.85 ? 16   LYS A N   1 
ATOM   121  C  CA  . LYS A 1 16  ? -7.560  8.941   -9.108  1.00 13.65 ? 16   LYS A CA  1 
ATOM   122  C  C   . LYS A 1 16  ? -7.984  8.112   -7.902  1.00 11.82 ? 16   LYS A C   1 
ATOM   123  O  O   . LYS A 1 16  ? -9.157  7.794   -7.718  1.00 16.06 ? 16   LYS A O   1 
ATOM   124  C  CB  . LYS A 1 16  ? -6.935  8.041   -10.190 1.00 13.73 ? 16   LYS A CB  1 
ATOM   125  C  CG  . LYS A 1 16  ? -6.441  8.824   -11.393 1.00 18.58 ? 16   LYS A CG  1 
ATOM   126  C  CD  . LYS A 1 16  ? -5.932  7.885   -12.490 1.00 26.19 ? 16   LYS A CD  1 
ATOM   127  C  CE  . LYS A 1 16  ? -5.233  8.656   -13.606 1.00 27.90 ? 16   LYS A CE  1 
ATOM   128  N  NZ  . LYS A 1 16  ? -6.047  9.754   -14.190 1.00 29.83 ? 16   LYS A NZ  1 
ATOM   129  N  N   . VAL A 1 17  ? -7.014  7.769   -7.059  1.00 10.33 ? 17   VAL A N   1 
ATOM   130  C  CA  . VAL A 1 17  ? -7.309  7.004   -5.852  1.00 10.42 ? 17   VAL A CA  1 
ATOM   131  C  C   . VAL A 1 17  ? -8.206  7.807   -4.890  1.00 11.53 ? 17   VAL A C   1 
ATOM   132  O  O   . VAL A 1 17  ? -9.171  7.269   -4.334  1.00 13.07 ? 17   VAL A O   1 
ATOM   133  C  CB  . VAL A 1 17  ? -5.983  6.636   -5.122  1.00 9.06  ? 17   VAL A CB  1 
ATOM   134  C  CG1 . VAL A 1 17  ? -6.263  5.948   -3.790  1.00 12.54 ? 17   VAL A CG1 1 
ATOM   135  C  CG2 . VAL A 1 17  ? -5.108  5.763   -6.056  1.00 13.18 ? 17   VAL A CG2 1 
ATOM   136  N  N   . GLU A 1 18  ? -7.919  9.096   -4.721  1.00 10.68 ? 18   GLU A N   1 
ATOM   137  C  CA  . GLU A 1 18  ? -8.671  9.921   -3.785  1.00 11.37 ? 18   GLU A CA  1 
ATOM   138  C  C   . GLU A 1 18  ? -10.129 10.100  -4.133  1.00 12.09 ? 18   GLU A C   1 
ATOM   139  O  O   . GLU A 1 18  ? -10.922 10.476  -3.263  1.00 14.43 ? 18   GLU A O   1 
ATOM   140  C  CB  . GLU A 1 18  ? -8.001  11.294  -3.611  1.00 14.04 ? 18   GLU A CB  1 
ATOM   141  C  CG  . GLU A 1 18  ? -6.641  11.184  -2.949  1.00 15.74 ? 18   GLU A CG  1 
ATOM   142  C  CD  . GLU A 1 18  ? -5.974  12.529  -2.769  1.00 22.32 ? 18   GLU A CD  1 
ATOM   143  O  OE1 . GLU A 1 18  ? -6.254  13.454  -3.559  1.00 27.59 ? 18   GLU A OE1 1 
ATOM   144  O  OE2 . GLU A 1 18  ? -5.156  12.645  -1.847  1.00 22.85 ? 18   GLU A OE2 1 
ATOM   145  N  N   . ALA A 1 19  ? -10.492 9.844   -5.390  1.00 11.01 ? 19   ALA A N   1 
ATOM   146  C  CA  . ALA A 1 19  ? -11.892 9.985   -5.786  1.00 11.58 ? 19   ALA A CA  1 
ATOM   147  C  C   . ALA A 1 19  ? -12.722 8.840   -5.199  1.00 12.35 ? 19   ALA A C   1 
ATOM   148  O  O   . ALA A 1 19  ? -13.944 8.946   -5.105  1.00 13.93 ? 19   ALA A O   1 
ATOM   149  C  CB  . ALA A 1 19  ? -12.007 9.994   -7.303  1.00 13.22 ? 19   ALA A CB  1 
ATOM   150  N  N   . ASP A 1 20  ? -12.069 7.740   -4.843  1.00 10.12 ? 20   ASP A N   1 
ATOM   151  C  CA  . ASP A 1 20  ? -12.748 6.584   -4.248  1.00 11.02 ? 20   ASP A CA  1 
ATOM   152  C  C   . ASP A 1 20  ? -11.737 5.858   -3.377  1.00 10.71 ? 20   ASP A C   1 
ATOM   153  O  O   . ASP A 1 20  ? -11.285 4.749   -3.717  1.00 10.33 ? 20   ASP A O   1 
ATOM   154  C  CB  . ASP A 1 20  ? -13.272 5.650   -5.344  1.00 13.05 ? 20   ASP A CB  1 
ATOM   155  C  CG  . ASP A 1 20  ? -14.035 4.467   -4.784  1.00 13.34 ? 20   ASP A CG  1 
ATOM   156  O  OD1 . ASP A 1 20  ? -14.387 4.507   -3.597  1.00 15.65 ? 20   ASP A OD1 1 
ATOM   157  O  OD2 . ASP A 1 20  ? -14.260 3.503   -5.545  1.00 18.84 ? 20   ASP A OD2 1 
ATOM   158  N  N   . ILE A 1 21  ? -11.377 6.471   -2.252  1.00 10.88 ? 21   ILE A N   1 
ATOM   159  C  CA  . ILE A 1 21  ? -10.377 5.880   -1.355  1.00 10.91 ? 21   ILE A CA  1 
ATOM   160  C  C   . ILE A 1 21  ? -10.796 4.512   -0.800  1.00 12.37 ? 21   ILE A C   1 
ATOM   161  O  O   . ILE A 1 21  ? -9.991  3.582   -0.748  1.00 12.83 ? 21   ILE A O   1 
ATOM   162  C  CB  . ILE A 1 21  ? -10.083 6.837   -0.191  1.00 15.90 ? 21   ILE A CB  1 
ATOM   163  C  CG1 . ILE A 1 21  ? -9.364  8.073   -0.725  1.00 21.64 ? 21   ILE A CG1 1 
ATOM   164  C  CG2 . ILE A 1 21  ? -9.251  6.141   0.878   1.00 18.76 ? 21   ILE A CG2 1 
ATOM   165  C  CD1 . ILE A 1 21  ? -7.945  7.803   -1.200  1.00 29.96 ? 21   ILE A CD1 1 
ATOM   166  N  N   . ALA A 1 22  ? -12.057 4.398   -0.399  1.00 15.69 ? 22   ALA A N   1 
ATOM   167  C  CA  . ALA A 1 22  ? -12.566 3.150   0.161   1.00 16.90 ? 22   ALA A CA  1 
ATOM   168  C  C   . ALA A 1 22  ? -12.550 2.020   -0.856  1.00 13.56 ? 22   ALA A C   1 
ATOM   169  O  O   . ALA A 1 22  ? -12.135 0.912   -0.534  1.00 14.74 ? 22   ALA A O   1 
ATOM   170  C  CB  . ALA A 1 22  ? -13.981 3.351   0.680   1.00 18.58 ? 22   ALA A CB  1 
ATOM   171  N  N   . GLY A 1 23  ? -13.017 2.298   -2.066  1.00 13.15 ? 23   GLY A N   1 
ATOM   172  C  CA  . GLY A 1 23  ? -13.047 1.295   -3.114  1.00 14.16 ? 23   GLY A CA  1 
ATOM   173  C  C   . GLY A 1 23  ? -11.661 0.850   -3.498  1.00 12.68 ? 23   GLY A C   1 
ATOM   174  O  O   . GLY A 1 23  ? -11.400 -0.342  -3.666  1.00 12.53 ? 23   GLY A O   1 
ATOM   175  N  N   . HIS A 1 24  ? -10.752 1.806   -3.658  1.00 11.54 ? 24   HIS A N   1 
ATOM   176  C  CA  . HIS A 1 24  ? -9.391  1.425   -3.994  1.00 8.35  ? 24   HIS A CA  1 
ATOM   177  C  C   . HIS A 1 24  ? -8.746  0.656   -2.834  1.00 10.56 ? 24   HIS A C   1 
ATOM   178  O  O   . HIS A 1 24  ? -8.045  -0.331  -3.054  1.00 10.24 ? 24   HIS A O   1 
ATOM   179  C  CB  . HIS A 1 24  ? -8.540  2.654   -4.304  1.00 8.69  ? 24   HIS A CB  1 
ATOM   180  C  CG  . HIS A 1 24  ? -8.773  3.227   -5.667  1.00 9.33  ? 24   HIS A CG  1 
ATOM   181  N  ND1 . HIS A 1 24  ? -9.858  4.022   -5.946  1.00 12.49 ? 24   HIS A ND1 1 
ATOM   182  C  CD2 . HIS A 1 24  ? -8.065  3.136   -6.819  1.00 8.72  ? 24   HIS A CD2 1 
ATOM   183  C  CE1 . HIS A 1 24  ? -9.815  4.401   -7.214  1.00 10.66 ? 24   HIS A CE1 1 
ATOM   184  N  NE2 . HIS A 1 24  ? -8.738  3.877   -7.765  1.00 13.84 ? 24   HIS A NE2 1 
ATOM   185  N  N   . GLY A 1 25  ? -8.995  1.103   -1.604  1.00 10.08 ? 25   GLY A N   1 
ATOM   186  C  CA  . GLY A 1 25  ? -8.414  0.469   -0.434  1.00 10.94 ? 25   GLY A CA  1 
ATOM   187  C  C   . GLY A 1 25  ? -8.899  -0.953  -0.278  1.00 8.76  ? 25   GLY A C   1 
ATOM   188  O  O   . GLY A 1 25  ? -8.111  -1.860  -0.014  1.00 11.17 ? 25   GLY A O   1 
ATOM   189  N  N   . GLN A 1 26  ? -10.201 -1.132  -0.444  1.00 13.25 ? 26   GLN A N   1 
ATOM   190  C  CA  . GLN A 1 26  ? -10.796 -2.451  -0.352  1.00 11.90 ? 26   GLN A CA  1 
ATOM   191  C  C   . GLN A 1 26  ? -10.185 -3.381  -1.404  1.00 11.92 ? 26   GLN A C   1 
ATOM   192  O  O   . GLN A 1 26  ? -9.762  -4.492  -1.085  1.00 13.41 ? 26   GLN A O   1 
ATOM   193  C  CB  . GLN A 1 26  ? -12.300 -2.357  -0.588  1.00 15.39 ? 26   GLN A CB  1 
ATOM   194  C  CG  . GLN A 1 26  ? -12.957 -3.722  -0.726  1.00 18.66 ? 26   GLN A CG  1 
ATOM   195  C  CD  . GLN A 1 26  ? -14.283 -3.672  -1.443  1.00 21.46 ? 26   GLN A CD  1 
ATOM   196  O  OE1 . GLN A 1 26  ? -14.346 -3.334  -2.633  1.00 26.65 ? 26   GLN A OE1 1 
ATOM   197  N  NE2 . GLN A 1 26  ? -15.343 -4.016  -0.741  1.00 27.09 ? 26   GLN A NE2 1 
ATOM   198  N  N   . GLU A 1 27  ? -10.117 -2.929  -2.653  1.00 10.98 ? 27   GLU A N   1 
ATOM   199  C  CA  . GLU A 1 27  ? -9.575  -3.780  -3.715  1.00 10.77 ? 27   GLU A CA  1 
ATOM   200  C  C   . GLU A 1 27  ? -8.099  -4.090  -3.519  1.00 9.64  ? 27   GLU A C   1 
ATOM   201  O  O   . GLU A 1 27  ? -7.644  -5.192  -3.846  1.00 10.74 ? 27   GLU A O   1 
ATOM   202  C  CB  . GLU A 1 27  ? -9.805  -3.157  -5.087  1.00 11.45 ? 27   GLU A CB  1 
ATOM   203  C  CG  . GLU A 1 27  ? -11.261 -3.239  -5.518  1.00 13.34 ? 27   GLU A CG  1 
ATOM   204  C  CD  . GLU A 1 27  ? -11.489 -2.788  -6.959  1.00 16.82 ? 27   GLU A CD  1 
ATOM   205  O  OE1 . GLU A 1 27  ? -10.650 -3.097  -7.837  1.00 19.42 ? 27   GLU A OE1 1 
ATOM   206  O  OE2 . GLU A 1 27  ? -12.533 -2.135  -7.199  1.00 20.78 ? 27   GLU A OE2 1 
ATOM   207  N  N   . VAL A 1 28  ? -7.333  -3.134  -2.999  1.00 9.30  ? 28   VAL A N   1 
ATOM   208  C  CA  . VAL A 1 28  ? -5.924  -3.420  -2.758  1.00 9.28  ? 28   VAL A CA  1 
ATOM   209  C  C   . VAL A 1 28  ? -5.811  -4.528  -1.688  1.00 9.44  ? 28   VAL A C   1 
ATOM   210  O  O   . VAL A 1 28  ? -5.041  -5.481  -1.847  1.00 10.22 ? 28   VAL A O   1 
ATOM   211  C  CB  . VAL A 1 28  ? -5.176  -2.134  -2.280  1.00 8.62  ? 28   VAL A CB  1 
ATOM   212  C  CG1 . VAL A 1 28  ? -3.808  -2.506  -1.692  1.00 9.76  ? 28   VAL A CG1 1 
ATOM   213  C  CG2 . VAL A 1 28  ? -4.960  -1.168  -3.445  1.00 9.93  ? 28   VAL A CG2 1 
ATOM   214  N  N   . LEU A 1 29  ? -6.568  -4.416  -0.598  1.00 9.47  ? 29   LEU A N   1 
ATOM   215  C  CA  . LEU A 1 29  ? -6.474  -5.453  0.433   1.00 8.98  ? 29   LEU A CA  1 
ATOM   216  C  C   . LEU A 1 29  ? -7.015  -6.795  -0.067  1.00 11.11 ? 29   LEU A C   1 
ATOM   217  O  O   . LEU A 1 29  ? -6.459  -7.836  0.258   1.00 12.32 ? 29   LEU A O   1 
ATOM   218  C  CB  . LEU A 1 29  ? -7.188  -5.033  1.726   1.00 12.10 ? 29   LEU A CB  1 
ATOM   219  C  CG  . LEU A 1 29  ? -6.538  -3.870  2.490   1.00 10.79 ? 29   LEU A CG  1 
ATOM   220  C  CD1 . LEU A 1 29  ? -7.419  -3.474  3.671   1.00 11.56 ? 29   LEU A CD1 1 
ATOM   221  C  CD2 . LEU A 1 29  ? -5.167  -4.277  2.978   1.00 12.26 ? 29   LEU A CD2 1 
ATOM   222  N  N   . ILE A 1 30  ? -8.084  -6.788  -0.846  1.00 11.59 ? 30   ILE A N   1 
ATOM   223  C  CA  . ILE A 1 30  ? -8.573  -8.076  -1.327  1.00 11.23 ? 30   ILE A CA  1 
ATOM   224  C  C   . ILE A 1 30  ? -7.562  -8.702  -2.291  1.00 12.39 ? 30   ILE A C   1 
ATOM   225  O  O   . ILE A 1 30  ? -7.370  -9.929  -2.283  1.00 13.79 ? 30   ILE A O   1 
ATOM   226  C  CB  . ILE A 1 30  ? -9.957  -7.917  -1.989  1.00 13.66 ? 30   ILE A CB  1 
ATOM   227  C  CG1 . ILE A 1 30  ? -10.988 -7.629  -0.900  1.00 14.80 ? 30   ILE A CG1 1 
ATOM   228  C  CG2 . ILE A 1 30  ? -10.343 -9.190  -2.746  1.00 16.56 ? 30   ILE A CG2 1 
ATOM   229  C  CD1 . ILE A 1 30  ? -12.415 -7.352  -1.407  1.00 16.06 ? 30   ILE A CD1 1 
ATOM   230  N  N   . ARG A 1 31  ? -6.918  -7.882  -3.127  1.00 11.19 ? 31   ARG A N   1 
ATOM   231  C  CA  . ARG A 1 31  ? -5.898  -8.400  -4.044  1.00 10.08 ? 31   ARG A CA  1 
ATOM   232  C  C   . ARG A 1 31  ? -4.766  -9.026  -3.215  1.00 13.56 ? 31   ARG A C   1 
ATOM   233  O  O   . ARG A 1 31  ? -4.256  -10.106 -3.517  1.00 13.34 ? 31   ARG A O   1 
ATOM   234  C  CB  . ARG A 1 31  ? -5.366  -7.261  -4.934  1.00 12.28 ? 31   ARG A CB  1 
ATOM   235  C  CG  . ARG A 1 31  ? -4.264  -7.647  -5.920  1.00 15.52 ? 31   ARG A CG  1 
ATOM   236  C  CD  . ARG A 1 31  ? -4.753  -8.618  -6.993  1.00 19.35 ? 31   ARG A CD  1 
ATOM   237  N  NE  . ARG A 1 31  ? -3.663  -8.969  -7.895  1.00 17.92 ? 31   ARG A NE  1 
ATOM   238  C  CZ  . ARG A 1 31  ? -3.834  -9.626  -9.038  1.00 22.03 ? 31   ARG A CZ  1 
ATOM   239  N  NH1 . ARG A 1 31  ? -5.047  -9.993  -9.412  1.00 25.26 ? 31   ARG A NH1 1 
ATOM   240  N  NH2 . ARG A 1 31  ? -2.787  -9.943  -9.780  1.00 22.25 ? 31   ARG A NH2 1 
ATOM   241  N  N   . LEU A 1 32  ? -4.360  -8.342  -2.153  1.00 11.94 ? 32   LEU A N   1 
ATOM   242  C  CA  . LEU A 1 32  ? -3.312  -8.848  -1.295  1.00 10.32 ? 32   LEU A CA  1 
ATOM   243  C  C   . LEU A 1 32  ? -3.699  -10.174 -0.609  1.00 10.72 ? 32   LEU A C   1 
ATOM   244  O  O   . LEU A 1 32  ? -2.938  -11.143 -0.597  1.00 11.38 ? 32   LEU A O   1 
ATOM   245  C  CB  . LEU A 1 32  ? -3.041  -7.805  -0.206  1.00 10.79 ? 32   LEU A CB  1 
ATOM   246  C  CG  . LEU A 1 32  ? -2.026  -8.163  0.874   1.00 9.49  ? 32   LEU A CG  1 
ATOM   247  C  CD1 . LEU A 1 32  ? -0.650  -8.281  0.256   1.00 13.11 ? 32   LEU A CD1 1 
ATOM   248  C  CD2 . LEU A 1 32  ? -2.027  -7.078  1.948   1.00 14.91 ? 32   LEU A CD2 1 
ATOM   249  N  N   . PHE A 1 33  ? -4.881  -10.198 -0.003  1.00 11.38 ? 33   PHE A N   1 
ATOM   250  C  CA  . PHE A 1 33  ? -5.309  -11.372 0.738   1.00 11.13 ? 33   PHE A CA  1 
ATOM   251  C  C   . PHE A 1 33  ? -5.592  -12.590 -0.115  1.00 12.32 ? 33   PHE A C   1 
ATOM   252  O  O   . PHE A 1 33  ? -5.316  -13.706 0.313   1.00 14.88 ? 33   PHE A O   1 
ATOM   253  C  CB  . PHE A 1 33  ? -6.580  -11.081 1.536   1.00 11.23 ? 33   PHE A CB  1 
ATOM   254  C  CG  . PHE A 1 33  ? -6.422  -10.034 2.601   1.00 12.35 ? 33   PHE A CG  1 
ATOM   255  C  CD1 . PHE A 1 33  ? -5.203  -9.819  3.231   1.00 10.85 ? 33   PHE A CD1 1 
ATOM   256  C  CD2 . PHE A 1 33  ? -7.542  -9.313  3.022   1.00 12.50 ? 33   PHE A CD2 1 
ATOM   257  C  CE1 . PHE A 1 33  ? -5.106  -8.893  4.279   1.00 11.97 ? 33   PHE A CE1 1 
ATOM   258  C  CE2 . PHE A 1 33  ? -7.457  -8.390  4.064   1.00 13.32 ? 33   PHE A CE2 1 
ATOM   259  C  CZ  . PHE A 1 33  ? -6.244  -8.177  4.695   1.00 13.21 ? 33   PHE A CZ  1 
ATOM   260  N  N   . THR A 1 34  ? -6.168  -12.378 -1.292  1.00 13.87 ? 34   THR A N   1 
ATOM   261  C  CA  . THR A 1 34  ? -6.502  -13.509 -2.153  1.00 15.43 ? 34   THR A CA  1 
ATOM   262  C  C   . THR A 1 34  ? -5.262  -14.031 -2.859  1.00 14.39 ? 34   THR A C   1 
ATOM   263  O  O   . THR A 1 34  ? -5.119  -15.242 -3.077  1.00 16.43 ? 34   THR A O   1 
ATOM   264  C  CB  . THR A 1 34  ? -7.604  -13.138 -3.186  1.00 14.65 ? 34   THR A CB  1 
ATOM   265  O  OG1 . THR A 1 34  ? -7.163  -12.060 -4.017  1.00 17.14 ? 34   THR A OG1 1 
ATOM   266  C  CG2 . THR A 1 34  ? -8.864  -12.742 -2.474  1.00 14.92 ? 34   THR A CG2 1 
ATOM   267  N  N   . GLY A 1 35  ? -4.339  -13.142 -3.210  1.00 12.46 ? 35   GLY A N   1 
ATOM   268  C  CA  . GLY A 1 35  ? -3.141  -13.609 -3.871  1.00 11.47 ? 35   GLY A CA  1 
ATOM   269  C  C   . GLY A 1 35  ? -2.101  -14.169 -2.923  1.00 12.72 ? 35   GLY A C   1 
ATOM   270  O  O   . GLY A 1 35  ? -1.261  -14.983 -3.325  1.00 14.08 ? 35   GLY A O   1 
ATOM   271  N  N   . HIS A 1 36  ? -2.158  -13.742 -1.660  1.00 13.21 ? 36   HIS A N   1 
ATOM   272  C  CA  . HIS A 1 36  ? -1.189  -14.182 -0.654  1.00 10.80 ? 36   HIS A CA  1 
ATOM   273  C  C   . HIS A 1 36  ? -1.935  -14.403 0.650   1.00 13.04 ? 36   HIS A C   1 
ATOM   274  O  O   . HIS A 1 36  ? -1.874  -13.594 1.568   1.00 13.08 ? 36   HIS A O   1 
ATOM   275  C  CB  . HIS A 1 36  ? -0.119  -13.083 -0.483  1.00 11.58 ? 36   HIS A CB  1 
ATOM   276  C  CG  . HIS A 1 36  ? 0.458   -12.603 -1.777  1.00 13.16 ? 36   HIS A CG  1 
ATOM   277  N  ND1 . HIS A 1 36  ? 1.485   -13.260 -2.427  1.00 14.22 ? 36   HIS A ND1 1 
ATOM   278  C  CD2 . HIS A 1 36  ? 0.130   -11.548 -2.563  1.00 17.79 ? 36   HIS A CD2 1 
ATOM   279  C  CE1 . HIS A 1 36  ? 1.761   -12.629 -3.552  1.00 17.19 ? 36   HIS A CE1 1 
ATOM   280  N  NE2 . HIS A 1 36  ? 0.954   -11.589 -3.660  1.00 18.96 ? 36   HIS A NE2 1 
ATOM   281  N  N   . PRO A 1 37  ? -2.649  -15.530 0.763   1.00 11.86 ? 37   PRO A N   1 
ATOM   282  C  CA  . PRO A 1 37  ? -3.420  -15.828 1.978   1.00 12.55 ? 37   PRO A CA  1 
ATOM   283  C  C   . PRO A 1 37  ? -2.692  -15.714 3.290   1.00 11.87 ? 37   PRO A C   1 
ATOM   284  O  O   . PRO A 1 37  ? -3.322  -15.469 4.331   1.00 13.79 ? 37   PRO A O   1 
ATOM   285  C  CB  . PRO A 1 37  ? -3.907  -17.248 1.733   1.00 13.53 ? 37   PRO A CB  1 
ATOM   286  C  CG  . PRO A 1 37  ? -4.032  -17.304 0.251   1.00 14.66 ? 37   PRO A CG  1 
ATOM   287  C  CD  . PRO A 1 37  ? -2.789  -16.613 -0.229  1.00 14.59 ? 37   PRO A CD  1 
ATOM   288  N  N   . GLU A 1 38  ? -1.381  -15.920 3.281   1.00 13.28 ? 38   GLU A N   1 
ATOM   289  C  CA  . GLU A 1 38  ? -0.647  -15.827 4.532   1.00 12.76 ? 38   GLU A CA  1 
ATOM   290  C  C   . GLU A 1 38  ? -0.755  -14.411 5.113   1.00 13.97 ? 38   GLU A C   1 
ATOM   291  O  O   . GLU A 1 38  ? -0.616  -14.215 6.322   1.00 16.71 ? 38   GLU A O   1 
ATOM   292  C  CB  . GLU A 1 38  ? 0.828   -16.211 4.319   1.00 16.00 ? 38   GLU A CB  1 
ATOM   293  C  CG  . GLU A 1 38  ? 1.631   -15.241 3.445   1.00 11.66 ? 38   GLU A CG  1 
ATOM   294  C  CD  . GLU A 1 38  ? 1.591   -15.560 1.956   1.00 12.47 ? 38   GLU A CD  1 
ATOM   295  O  OE1 . GLU A 1 38  ? 0.555   -16.024 1.444   1.00 14.11 ? 38   GLU A OE1 1 
ATOM   296  O  OE2 . GLU A 1 38  ? 2.612   -15.319 1.306   1.00 12.66 ? 38   GLU A OE2 1 
ATOM   297  N  N   . THR A 1 39  ? -1.026  -13.418 4.268   1.00 12.60 ? 39   THR A N   1 
ATOM   298  C  CA  . THR A 1 39  ? -1.102  -12.055 4.775   1.00 12.77 ? 39   THR A CA  1 
ATOM   299  C  C   . THR A 1 39  ? -2.353  -11.837 5.601   1.00 12.84 ? 39   THR A C   1 
ATOM   300  O  O   . THR A 1 39  ? -2.347  -11.049 6.537   1.00 12.63 ? 39   THR A O   1 
ATOM   301  C  CB  . THR A 1 39  ? -1.031  -11.025 3.631   1.00 10.78 ? 39   THR A CB  1 
ATOM   302  O  OG1 . THR A 1 39  ? -2.133  -11.209 2.731   1.00 11.64 ? 39   THR A OG1 1 
ATOM   303  C  CG2 . THR A 1 39  ? 0.261   -11.200 2.835   1.00 13.84 ? 39   THR A CG2 1 
ATOM   304  N  N   . LEU A 1 40  ? -3.428  -12.547 5.264   1.00 11.81 ? 40   LEU A N   1 
ATOM   305  C  CA  . LEU A 1 40  ? -4.679  -12.417 6.010   1.00 14.39 ? 40   LEU A CA  1 
ATOM   306  C  C   . LEU A 1 40  ? -4.466  -12.831 7.463   1.00 10.50 ? 40   LEU A C   1 
ATOM   307  O  O   . LEU A 1 40  ? -5.079  -12.278 8.382   1.00 12.74 ? 40   LEU A O   1 
ATOM   308  C  CB  . LEU A 1 40  ? -5.760  -13.312 5.386   1.00 15.81 ? 40   LEU A CB  1 
ATOM   309  C  CG  . LEU A 1 40  ? -7.157  -13.169 5.998   1.00 15.74 ? 40   LEU A CG  1 
ATOM   310  C  CD1 . LEU A 1 40  ? -7.740  -11.827 5.577   1.00 19.17 ? 40   LEU A CD1 1 
ATOM   311  C  CD2 . LEU A 1 40  ? -8.065  -14.307 5.521   1.00 16.41 ? 40   LEU A CD2 1 
ATOM   312  N  N   . GLU A 1 41  ? -3.566  -13.793 7.671   1.00 12.48 ? 41   GLU A N   1 
ATOM   313  C  CA  . GLU A 1 41  ? -3.305  -14.301 9.007   1.00 14.33 ? 41   GLU A CA  1 
ATOM   314  C  C   . GLU A 1 41  ? -2.667  -13.284 9.935   1.00 13.31 ? 41   GLU A C   1 
ATOM   315  O  O   . GLU A 1 41  ? -2.677  -13.468 11.154  1.00 17.76 ? 41   GLU A O   1 
ATOM   316  C  CB  . GLU A 1 41  ? -2.448  -15.567 8.946   1.00 17.88 ? 41   GLU A CB  1 
ATOM   317  C  CG  . GLU A 1 41  ? -3.137  -16.722 8.280   1.00 20.21 ? 41   GLU A CG  1 
ATOM   318  C  CD  . GLU A 1 41  ? -4.552  -16.954 8.799   1.00 21.04 ? 41   GLU A CD  1 
ATOM   319  O  OE1 . GLU A 1 41  ? -4.699  -17.228 9.999   1.00 20.63 ? 41   GLU A OE1 1 
ATOM   320  O  OE2 . GLU A 1 41  ? -5.520  -16.857 8.005   1.00 24.70 ? 41   GLU A OE2 1 
ATOM   321  N  N   . LYS A 1 42  ? -2.124  -12.206 9.367   1.00 13.60 ? 42   LYS A N   1 
ATOM   322  C  CA  . LYS A 1 42  ? -1.527  -11.148 10.190  1.00 15.23 ? 42   LYS A CA  1 
ATOM   323  C  C   . LYS A 1 42  ? -2.594  -10.231 10.767  1.00 13.85 ? 42   LYS A C   1 
ATOM   324  O  O   . LYS A 1 42  ? -2.313  -9.435  11.665  1.00 14.76 ? 42   LYS A O   1 
ATOM   325  C  CB  . LYS A 1 42  ? -0.542  -10.300 9.382   1.00 13.35 ? 42   LYS A CB  1 
ATOM   326  C  CG  . LYS A 1 42  ? 0.719   -11.019 8.983   1.00 14.00 ? 42   LYS A CG  1 
ATOM   327  C  CD  . LYS A 1 42  ? 1.559   -11.348 10.223  1.00 13.04 ? 42   LYS A CD  1 
ATOM   328  C  CE  . LYS A 1 42  ? 2.769   -12.154 9.824   1.00 14.12 ? 42   LYS A CE  1 
ATOM   329  N  NZ  . LYS A 1 42  ? 3.737   -12.350 10.963  1.00 15.92 ? 42   LYS A NZ  1 
ATOM   330  N  N   . PHE A 1 43  ? -3.820  -10.348 10.241  1.00 13.05 ? 43   PHE A N   1 
ATOM   331  C  CA  . PHE A 1 43  ? -4.952  -9.553  10.701  1.00 13.99 ? 43   PHE A CA  1 
ATOM   332  C  C   . PHE A 1 43  ? -5.923  -10.424 11.483  1.00 16.90 ? 43   PHE A C   1 
ATOM   333  O  O   . PHE A 1 43  ? -6.765  -11.107 10.897  1.00 18.49 ? 43   PHE A O   1 
ATOM   334  C  CB  . PHE A 1 43  ? -5.732  -8.951  9.529   1.00 11.96 ? 43   PHE A CB  1 
ATOM   335  C  CG  . PHE A 1 43  ? -4.997  -7.862  8.785   1.00 13.01 ? 43   PHE A CG  1 
ATOM   336  C  CD1 . PHE A 1 43  ? -4.153  -8.146  7.721   1.00 12.58 ? 43   PHE A CD1 1 
ATOM   337  C  CD2 . PHE A 1 43  ? -5.217  -6.536  9.118   1.00 11.95 ? 43   PHE A CD2 1 
ATOM   338  C  CE1 . PHE A 1 43  ? -3.537  -7.107  6.994   1.00 13.11 ? 43   PHE A CE1 1 
ATOM   339  C  CE2 . PHE A 1 43  ? -4.613  -5.516  8.407   1.00 13.05 ? 43   PHE A CE2 1 
ATOM   340  C  CZ  . PHE A 1 43  ? -3.779  -5.804  7.345   1.00 12.04 ? 43   PHE A CZ  1 
ATOM   341  N  N   . ASP A 1 44  ? -5.840  -10.386 12.801  1.00 20.95 ? 44   ASP A N   1 
ATOM   342  C  CA  . ASP A 1 44  ? -6.764  -11.182 13.575  1.00 22.27 ? 44   ASP A CA  1 
ATOM   343  C  C   . ASP A 1 44  ? -8.186  -10.774 13.239  1.00 23.84 ? 44   ASP A C   1 
ATOM   344  O  O   . ASP A 1 44  ? -9.088  -11.612 13.240  1.00 27.38 ? 44   ASP A O   1 
ATOM   345  C  CB  . ASP A 1 44  ? -6.518  -10.993 15.066  1.00 28.01 ? 44   ASP A CB  1 
ATOM   346  C  CG  . ASP A 1 44  ? -5.149  -11.459 15.480  1.00 32.11 ? 44   ASP A CG  1 
ATOM   347  O  OD1 . ASP A 1 44  ? -4.770  -12.581 15.080  1.00 32.08 ? 44   ASP A OD1 1 
ATOM   348  O  OD2 . ASP A 1 44  ? -4.459  -10.706 16.201  1.00 38.26 ? 44   ASP A OD2 1 
ATOM   349  N  N   . LYS A 1 45  ? -8.392  -9.501  12.913  1.00 18.48 ? 45   LYS A N   1 
ATOM   350  C  CA  . LYS A 1 45  ? -9.748  -9.063  12.615  1.00 20.40 ? 45   LYS A CA  1 
ATOM   351  C  C   . LYS A 1 45  ? -10.255 -9.382  11.209  1.00 17.08 ? 45   LYS A C   1 
ATOM   352  O  O   . LYS A 1 45  ? -11.406 -9.084  10.875  1.00 17.51 ? 45   LYS A O   1 
ATOM   353  C  CB  . LYS A 1 45  ? -9.908  -7.577  12.908  1.00 21.54 ? 45   LYS A CB  1 
ATOM   354  C  CG  . LYS A 1 45  ? -9.193  -6.666  11.932  1.00 22.48 ? 45   LYS A CG  1 
ATOM   355  C  CD  . LYS A 1 45  ? -9.463  -5.230  12.313  1.00 24.90 ? 45   LYS A CD  1 
ATOM   356  C  CE  . LYS A 1 45  ? -8.719  -4.280  11.397  1.00 25.40 ? 45   LYS A CE  1 
ATOM   357  N  NZ  . LYS A 1 45  ? -9.071  -2.873  11.679  1.00 33.38 ? 45   LYS A NZ  1 
ATOM   358  N  N   . PHE A 1 46  ? -9.412  -9.958  10.372  1.00 13.95 ? 46   PHE A N   1 
ATOM   359  C  CA  . PHE A 1 46  ? -9.872  -10.339 9.041   1.00 13.61 ? 46   PHE A CA  1 
ATOM   360  C  C   . PHE A 1 46  ? -9.763  -11.834 8.807   1.00 16.17 ? 46   PHE A C   1 
ATOM   361  O  O   . PHE A 1 46  ? -10.189 -12.330 7.776   1.00 17.23 ? 46   PHE A O   1 
ATOM   362  C  CB  . PHE A 1 46  ? -9.131  -9.574  7.928   1.00 17.66 ? 46   PHE A CB  1 
ATOM   363  C  CG  . PHE A 1 46  ? -9.421  -8.107  7.923   1.00 17.87 ? 46   PHE A CG  1 
ATOM   364  C  CD1 . PHE A 1 46  ? -10.728 -7.647  8.020   1.00 16.38 ? 46   PHE A CD1 1 
ATOM   365  C  CD2 . PHE A 1 46  ? -8.392  -7.175  7.867   1.00 18.23 ? 46   PHE A CD2 1 
ATOM   366  C  CE1 . PHE A 1 46  ? -11.007 -6.275  8.074   1.00 18.00 ? 46   PHE A CE1 1 
ATOM   367  C  CE2 . PHE A 1 46  ? -8.657  -5.816  7.918   1.00 19.52 ? 46   PHE A CE2 1 
ATOM   368  C  CZ  . PHE A 1 46  ? -9.964  -5.361  8.023   1.00 18.64 ? 46   PHE A CZ  1 
ATOM   369  N  N   . LYS A 1 47  ? -9.221  -12.558 9.779   1.00 18.86 ? 47   LYS A N   1 
ATOM   370  C  CA  . LYS A 1 47  ? -9.083  -14.013 9.652   1.00 20.72 ? 47   LYS A CA  1 
ATOM   371  C  C   . LYS A 1 47  ? -10.392 -14.737 9.395   1.00 23.29 ? 47   LYS A C   1 
ATOM   372  O  O   . LYS A 1 47  ? -10.386 -15.807 8.793   1.00 27.45 ? 47   LYS A O   1 
ATOM   373  C  CB  . LYS A 1 47  ? -8.450  -14.610 10.908  1.00 22.28 ? 47   LYS A CB  1 
ATOM   374  C  CG  . LYS A 1 47  ? -6.960  -14.529 10.931  1.00 25.96 ? 47   LYS A CG  1 
ATOM   375  C  CD  . LYS A 1 47  ? -6.449  -15.046 12.260  1.00 26.63 ? 47   LYS A CD  1 
ATOM   376  C  CE  . LYS A 1 47  ? -4.949  -14.926 12.363  1.00 31.72 ? 47   LYS A CE  1 
ATOM   377  N  NZ  . LYS A 1 47  ? -4.452  -15.562 13.620  1.00 32.66 ? 47   LYS A NZ  1 
ATOM   378  N  N   . HIS A 1 48  ? -11.509 -14.171 9.847   1.00 24.24 ? 48   HIS A N   1 
ATOM   379  C  CA  . HIS A 1 48  ? -12.818 -14.807 9.646   1.00 26.12 ? 48   HIS A CA  1 
ATOM   380  C  C   . HIS A 1 48  ? -13.297 -14.702 8.207   1.00 30.11 ? 48   HIS A C   1 
ATOM   381  O  O   . HIS A 1 48  ? -14.283 -15.340 7.828   1.00 33.41 ? 48   HIS A O   1 
ATOM   382  C  CB  . HIS A 1 48  ? -13.890 -14.159 10.521  1.00 28.45 ? 48   HIS A CB  1 
ATOM   383  C  CG  . HIS A 1 48  ? -14.216 -12.757 10.111  1.00 26.46 ? 48   HIS A CG  1 
ATOM   384  N  ND1 . HIS A 1 48  ? -13.409 -11.686 10.426  1.00 26.65 ? 48   HIS A ND1 1 
ATOM   385  C  CD2 . HIS A 1 48  ? -15.228 -12.258 9.362   1.00 24.96 ? 48   HIS A CD2 1 
ATOM   386  C  CE1 . HIS A 1 48  ? -13.908 -10.587 9.889   1.00 27.20 ? 48   HIS A CE1 1 
ATOM   387  N  NE2 . HIS A 1 48  ? -15.011 -10.907 9.237   1.00 22.95 ? 48   HIS A NE2 1 
ATOM   388  N  N   . LEU A 1 49  ? -12.639 -13.872 7.406   1.00 25.90 ? 49   LEU A N   1 
ATOM   389  C  CA  . LEU A 1 49  ? -13.058 -13.712 6.021   1.00 25.95 ? 49   LEU A CA  1 
ATOM   390  C  C   . LEU A 1 49  ? -12.603 -14.926 5.238   1.00 26.15 ? 49   LEU A C   1 
ATOM   391  O  O   . LEU A 1 49  ? -11.531 -14.944 4.637   1.00 28.46 ? 49   LEU A O   1 
ATOM   392  C  CB  . LEU A 1 49  ? -12.496 -12.415 5.427   1.00 21.81 ? 49   LEU A CB  1 
ATOM   393  C  CG  . LEU A 1 49  ? -13.085 -11.146 6.065   1.00 20.62 ? 49   LEU A CG  1 
ATOM   394  C  CD1 . LEU A 1 49  ? -12.390 -9.914  5.530   1.00 19.37 ? 49   LEU A CD1 1 
ATOM   395  C  CD2 . LEU A 1 49  ? -14.584 -11.073 5.772   1.00 21.02 ? 49   LEU A CD2 1 
ATOM   396  N  N   . LYS A 1 50  ? -13.461 -15.939 5.242   1.00 25.85 ? 50   LYS A N   1 
ATOM   397  C  CA  . LYS A 1 50  ? -13.178 -17.205 4.584   1.00 27.55 ? 50   LYS A CA  1 
ATOM   398  C  C   . LYS A 1 50  ? -13.323 -17.221 3.069   1.00 26.22 ? 50   LYS A C   1 
ATOM   399  O  O   . LYS A 1 50  ? -12.811 -18.127 2.418   1.00 29.39 ? 50   LYS A O   1 
ATOM   400  C  CB  . LYS A 1 50  ? -14.068 -18.297 5.179   1.00 30.58 ? 50   LYS A CB  1 
ATOM   401  C  CG  . LYS A 1 50  ? -14.023 -18.377 6.706   1.00 28.70 ? 50   LYS A CG  1 
ATOM   402  C  CD  . LYS A 1 50  ? -12.601 -18.576 7.210   1.00 34.19 ? 50   LYS A CD  1 
ATOM   403  C  CE  . LYS A 1 50  ? -12.566 -18.689 8.722   1.00 34.99 ? 50   LYS A CE  1 
ATOM   404  N  NZ  . LYS A 1 50  ? -11.165 -18.767 9.231   1.00 37.44 ? 50   LYS A NZ  1 
ATOM   405  N  N   . THR A 1 51  ? -14.021 -16.239 2.510   1.00 21.68 ? 51   THR A N   1 
ATOM   406  C  CA  . THR A 1 51  ? -14.223 -16.170 1.069   1.00 20.52 ? 51   THR A CA  1 
ATOM   407  C  C   . THR A 1 51  ? -14.067 -14.747 0.585   1.00 20.24 ? 51   THR A C   1 
ATOM   408  O  O   . THR A 1 51  ? -14.150 -13.815 1.382   1.00 18.76 ? 51   THR A O   1 
ATOM   409  C  CB  . THR A 1 51  ? -15.638 -16.634 0.676   1.00 24.37 ? 51   THR A CB  1 
ATOM   410  O  OG1 . THR A 1 51  ? -16.602 -15.714 1.205   1.00 21.61 ? 51   THR A OG1 1 
ATOM   411  C  CG2 . THR A 1 51  ? -15.930 -18.017 1.250   1.00 20.06 ? 51   THR A CG2 1 
ATOM   412  N  N   . GLU A 1 52  ? -13.832 -14.574 -0.713  1.00 19.97 ? 52   GLU A N   1 
ATOM   413  C  CA  . GLU A 1 52  ? -13.702 -13.231 -1.264  1.00 19.73 ? 52   GLU A CA  1 
ATOM   414  C  C   . GLU A 1 52  ? -15.031 -12.481 -1.192  1.00 23.72 ? 52   GLU A C   1 
ATOM   415  O  O   . GLU A 1 52  ? -15.065 -11.246 -1.165  1.00 20.08 ? 52   GLU A O   1 
ATOM   416  C  CB  . GLU A 1 52  ? -13.235 -13.285 -2.708  1.00 17.23 ? 52   GLU A CB  1 
ATOM   417  C  CG  . GLU A 1 52  ? -13.006 -11.917 -3.308  1.00 22.13 ? 52   GLU A CG  1 
ATOM   418  C  CD  . GLU A 1 52  ? -12.455 -12.009 -4.698  1.00 25.99 ? 52   GLU A CD  1 
ATOM   419  O  OE1 . GLU A 1 52  ? -11.712 -12.976 -4.958  1.00 26.46 ? 52   GLU A OE1 1 
ATOM   420  O  OE2 . GLU A 1 52  ? -12.755 -11.121 -5.521  1.00 30.93 ? 52   GLU A OE2 1 
ATOM   421  N  N   . ALA A 1 53  ? -16.136 -13.223 -1.163  1.00 21.27 ? 53   ALA A N   1 
ATOM   422  C  CA  . ALA A 1 53  ? -17.431 -12.576 -1.067  1.00 18.39 ? 53   ALA A CA  1 
ATOM   423  C  C   . ALA A 1 53  ? -17.530 -11.974 0.315   1.00 18.69 ? 53   ALA A C   1 
ATOM   424  O  O   . ALA A 1 53  ? -18.017 -10.862 0.466   1.00 23.10 ? 53   ALA A O   1 
ATOM   425  C  CB  . ALA A 1 53  ? -18.566 -13.586 -1.278  1.00 21.76 ? 53   ALA A CB  1 
ATOM   426  N  N   . GLU A 1 54  ? -17.062 -12.705 1.329   1.00 16.64 ? 54   GLU A N   1 
ATOM   427  C  CA  . GLU A 1 54  ? -17.130 -12.155 2.674   1.00 17.60 ? 54   GLU A CA  1 
ATOM   428  C  C   . GLU A 1 54  ? -16.201 -10.941 2.704   1.00 18.17 ? 54   GLU A C   1 
ATOM   429  O  O   . GLU A 1 54  ? -16.501 -9.951  3.375   1.00 19.89 ? 54   GLU A O   1 
ATOM   430  C  CB  . GLU A 1 54  ? -16.698 -13.188 3.721   1.00 16.34 ? 54   GLU A CB  1 
ATOM   431  C  CG  . GLU A 1 54  ? -17.613 -14.412 3.755   1.00 21.37 ? 54   GLU A CG  1 
ATOM   432  C  CD  . GLU A 1 54  ? -17.301 -15.362 4.887   1.00 32.45 ? 54   GLU A CD  1 
ATOM   433  O  OE1 . GLU A 1 54  ? -16.131 -15.778 5.007   1.00 35.52 ? 54   GLU A OE1 1 
ATOM   434  O  OE2 . GLU A 1 54  ? -18.232 -15.701 5.655   1.00 34.26 ? 54   GLU A OE2 1 
ATOM   435  N  N   . MET A 1 55  ? -15.080 -11.018 1.993   1.00 17.24 ? 55   MET A N   1 
ATOM   436  C  CA  . MET A 1 55  ? -14.145 -9.881  1.978   1.00 15.06 ? 55   MET A CA  1 
ATOM   437  C  C   . MET A 1 55  ? -14.824 -8.663  1.382   1.00 17.37 ? 55   MET A C   1 
ATOM   438  O  O   . MET A 1 55  ? -14.761 -7.573  1.949   1.00 15.43 ? 55   MET A O   1 
ATOM   439  C  CB  . MET A 1 55  ? -12.887 -10.206 1.167   1.00 15.02 ? 55   MET A CB  1 
ATOM   440  C  CG  . MET A 1 55  ? -12.001 -11.221 1.838   1.00 19.52 ? 55   MET A CG  1 
ATOM   441  S  SD  . MET A 1 55  ? -10.572 -11.510 0.777   1.00 17.33 ? 55   MET A SD  1 
ATOM   442  C  CE  . MET A 1 55  ? -9.926  -13.076 1.473   1.00 21.82 ? 55   MET A CE  1 
ATOM   443  N  N   . LYS A 1 56  ? -15.462 -8.855  0.233   1.00 17.22 ? 56   LYS A N   1 
ATOM   444  C  CA  . LYS A 1 56  ? -16.168 -7.776  -0.467  1.00 16.23 ? 56   LYS A CA  1 
ATOM   445  C  C   . LYS A 1 56  ? -17.287 -7.170  0.367   1.00 19.20 ? 56   LYS A C   1 
ATOM   446  O  O   . LYS A 1 56  ? -17.541 -5.967  0.270   1.00 19.53 ? 56   LYS A O   1 
ATOM   447  C  CB  . LYS A 1 56  ? -16.755 -8.296  -1.784  1.00 20.89 ? 56   LYS A CB  1 
ATOM   448  C  CG  . LYS A 1 56  ? -15.733 -8.671  -2.829  1.00 24.63 ? 56   LYS A CG  1 
ATOM   449  C  CD  . LYS A 1 56  ? -15.201 -7.456  -3.568  1.00 23.71 ? 56   LYS A CD  1 
ATOM   450  C  CE  . LYS A 1 56  ? -14.225 -7.891  -4.665  1.00 31.61 ? 56   LYS A CE  1 
ATOM   451  N  NZ  . LYS A 1 56  ? -13.797 -6.737  -5.502  1.00 34.13 ? 56   LYS A NZ  1 
ATOM   452  N  N   . ALA A 1 57  ? -17.951 -7.998  1.175   1.00 16.02 ? 57   ALA A N   1 
ATOM   453  C  CA  . ALA A 1 57  ? -19.072 -7.565  2.013   1.00 17.62 ? 57   ALA A CA  1 
ATOM   454  C  C   . ALA A 1 57  ? -18.652 -6.976  3.351   1.00 19.75 ? 57   ALA A C   1 
ATOM   455  O  O   . ALA A 1 57  ? -19.483 -6.473  4.109   1.00 21.29 ? 57   ALA A O   1 
ATOM   456  C  CB  . ALA A 1 57  ? -20.023 -8.751  2.249   1.00 21.03 ? 57   ALA A CB  1 
ATOM   457  N  N   . SER A 1 58  ? -17.356 -7.011  3.638   1.00 16.04 ? 58   SER A N   1 
ATOM   458  C  CA  . SER A 1 58  ? -16.868 -6.506  4.908   1.00 13.97 ? 58   SER A CA  1 
ATOM   459  C  C   . SER A 1 58  ? -16.681 -5.005  4.931   1.00 14.01 ? 58   SER A C   1 
ATOM   460  O  O   . SER A 1 58  ? -15.822 -4.465  4.234   1.00 15.32 ? 58   SER A O   1 
ATOM   461  C  CB  . SER A 1 58  ? -15.538 -7.170  5.256   1.00 12.59 ? 58   SER A CB  1 
ATOM   462  O  OG  . SER A 1 58  ? -15.012 -6.620  6.443   1.00 14.31 ? 58   SER A OG  1 
ATOM   463  N  N   . GLU A 1 59  ? -17.462 -4.323  5.756   1.00 14.28 ? 59   GLU A N   1 
ATOM   464  C  CA  . GLU A 1 59  ? -17.332 -2.881  5.849   1.00 13.26 ? 59   GLU A CA  1 
ATOM   465  C  C   . GLU A 1 59  ? -16.088 -2.510  6.650   1.00 13.24 ? 59   GLU A C   1 
ATOM   466  O  O   . GLU A 1 59  ? -15.499 -1.436  6.450   1.00 12.89 ? 59   GLU A O   1 
ATOM   467  C  CB  . GLU A 1 59  ? -18.590 -2.289  6.489   1.00 12.36 ? 59   GLU A CB  1 
ATOM   468  C  CG  . GLU A 1 59  ? -19.843 -2.423  5.611   1.00 16.06 ? 59   GLU A CG  1 
ATOM   469  C  CD  . GLU A 1 59  ? -19.618 -1.915  4.194   1.00 17.34 ? 59   GLU A CD  1 
ATOM   470  O  OE1 . GLU A 1 59  ? -19.016 -0.847  4.024   1.00 23.81 ? 59   GLU A OE1 1 
ATOM   471  O  OE2 . GLU A 1 59  ? -20.062 -2.589  3.238   1.00 26.80 ? 59   GLU A OE2 1 
ATOM   472  N  N   . ASP A 1 60  ? -15.683 -3.377  7.568   1.00 11.88 ? 60   ASP A N   1 
ATOM   473  C  CA  . ASP A 1 60  ? -14.492 -3.086  8.331   1.00 10.63 ? 60   ASP A CA  1 
ATOM   474  C  C   . ASP A 1 60  ? -13.254 -3.225  7.447   1.00 14.00 ? 60   ASP A C   1 
ATOM   475  O  O   . ASP A 1 60  ? -12.272 -2.520  7.673   1.00 12.04 ? 60   ASP A O   1 
ATOM   476  C  CB  . ASP A 1 60  ? -14.366 -4.011  9.537   1.00 14.30 ? 60   ASP A CB  1 
ATOM   477  C  CG  . ASP A 1 60  ? -13.371 -3.493  10.502  1.00 18.33 ? 60   ASP A CG  1 
ATOM   478  O  OD1 . ASP A 1 60  ? -13.552 -2.334  10.938  1.00 20.16 ? 60   ASP A OD1 1 
ATOM   479  O  OD2 . ASP A 1 60  ? -12.400 -4.216  10.789  1.00 21.07 ? 60   ASP A OD2 1 
ATOM   480  N  N   . LEU A 1 61  ? -13.286 -4.121  6.459   1.00 11.79 ? 61   LEU A N   1 
ATOM   481  C  CA  . LEU A 1 61  ? -12.141 -4.247  5.551   1.00 13.05 ? 61   LEU A CA  1 
ATOM   482  C  C   . LEU A 1 61  ? -12.035 -2.955  4.739   1.00 13.06 ? 61   LEU A C   1 
ATOM   483  O  O   . LEU A 1 61  ? -10.933 -2.459  4.493   1.00 13.86 ? 61   LEU A O   1 
ATOM   484  C  CB  . LEU A 1 61  ? -12.309 -5.480  4.625   1.00 13.36 ? 61   LEU A CB  1 
ATOM   485  C  CG  . LEU A 1 61  ? -11.143 -5.795  3.668   1.00 12.59 ? 61   LEU A CG  1 
ATOM   486  C  CD1 . LEU A 1 61  ? -11.190 -7.245  3.235   1.00 19.04 ? 61   LEU A CD1 1 
ATOM   487  C  CD2 . LEU A 1 61  ? -11.211 -4.885  2.481   1.00 22.74 ? 61   LEU A CD2 1 
ATOM   488  N  N   . LYS A 1 62  ? -13.156 -2.397  4.302   1.00 12.40 ? 62   LYS A N   1 
ATOM   489  C  CA  . LYS A 1 62  ? -13.122 -1.145  3.533   1.00 12.02 ? 62   LYS A CA  1 
ATOM   490  C  C   . LYS A 1 62  ? -12.594 -0.051  4.451   1.00 11.65 ? 62   LYS A C   1 
ATOM   491  O  O   . LYS A 1 62  ? -11.819 0.795   4.022   1.00 11.21 ? 62   LYS A O   1 
ATOM   492  C  CB  . LYS A 1 62  ? -14.525 -0.761  3.002   1.00 12.70 ? 62   LYS A CB  1 
ATOM   493  C  CG  . LYS A 1 62  ? -15.123 -1.716  1.979   1.00 21.21 ? 62   LYS A CG  1 
ATOM   494  C  CD  . LYS A 1 62  ? -16.523 -1.244  1.585   1.00 21.08 ? 62   LYS A CD  1 
ATOM   495  C  CE  . LYS A 1 62  ? -16.498 0.175   1.028   1.00 32.10 ? 62   LYS A CE  1 
ATOM   496  N  NZ  . LYS A 1 62  ? -17.855 0.636   0.575   1.00 34.56 ? 62   LYS A NZ  1 
ATOM   497  N  N   . LYS A 1 63  ? -13.025 -0.058  5.710   1.00 9.69  ? 63   LYS A N   1 
ATOM   498  C  CA  . LYS A 1 63  ? -12.544 0.922   6.665   1.00 9.28  ? 63   LYS A CA  1 
ATOM   499  C  C   . LYS A 1 63  ? -11.022 0.837   6.801   1.00 9.97  ? 63   LYS A C   1 
ATOM   500  O  O   . LYS A 1 63  ? -10.332 1.864   6.768   1.00 10.19 ? 63   LYS A O   1 
ATOM   501  C  CB  . LYS A 1 63  ? -13.202 0.671   8.014   1.00 10.02 ? 63   LYS A CB  1 
ATOM   502  C  CG  . LYS A 1 63  ? -12.832 1.701   9.084   1.00 10.15 ? 63   LYS A CG  1 
ATOM   503  C  CD  . LYS A 1 63  ? -13.499 1.289   10.398  1.00 12.56 ? 63   LYS A CD  1 
ATOM   504  C  CE  . LYS A 1 63  ? -13.154 2.190   11.539  1.00 12.66 ? 63   LYS A CE  1 
ATOM   505  N  NZ  . LYS A 1 63  ? -13.866 1.703   12.783  1.00 17.71 ? 63   LYS A NZ  1 
ATOM   506  N  N   . HIS A 1 64  ? -10.476 -0.375  6.957   1.00 8.92  ? 64   HIS A N   1 
ATOM   507  C  CA  . HIS A 1 64  ? -9.026  -0.479  7.074   1.00 9.10  ? 64   HIS A CA  1 
ATOM   508  C  C   . HIS A 1 64  ? -8.368  -0.064  5.757   1.00 10.08 ? 64   HIS A C   1 
ATOM   509  O  O   . HIS A 1 64  ? -7.308  0.544   5.761   1.00 10.05 ? 64   HIS A O   1 
ATOM   510  C  CB  . HIS A 1 64  ? -8.584  -1.892  7.417   1.00 9.80  ? 64   HIS A CB  1 
ATOM   511  C  CG  . HIS A 1 64  ? -7.160  -1.951  7.844   1.00 9.30  ? 64   HIS A CG  1 
ATOM   512  N  ND1 . HIS A 1 64  ? -6.720  -1.358  9.010   1.00 11.45 ? 64   HIS A ND1 1 
ATOM   513  C  CD2 . HIS A 1 64  ? -6.055  -2.423  7.222   1.00 12.02 ? 64   HIS A CD2 1 
ATOM   514  C  CE1 . HIS A 1 64  ? -5.405  -1.466  9.083   1.00 11.98 ? 64   HIS A CE1 1 
ATOM   515  N  NE2 . HIS A 1 64  ? -4.975  -2.107  8.010   1.00 10.20 ? 64   HIS A NE2 1 
ATOM   516  N  N   . GLY A 1 65  ? -9.004  -0.345  4.632   1.00 11.02 ? 65   GLY A N   1 
ATOM   517  C  CA  . GLY A 1 65  ? -8.412  0.063   3.367   1.00 10.75 ? 65   GLY A CA  1 
ATOM   518  C  C   . GLY A 1 65  ? -8.299  1.585   3.328   1.00 10.76 ? 65   GLY A C   1 
ATOM   519  O  O   . GLY A 1 65  ? -7.332  2.146   2.790   1.00 10.03 ? 65   GLY A O   1 
ATOM   520  N  N   . THR A 1 66  ? -9.296  2.271   3.855   1.00 9.42  ? 66   THR A N   1 
ATOM   521  C  CA  . THR A 1 66  ? -9.254  3.728   3.900   1.00 7.60  ? 66   THR A CA  1 
ATOM   522  C  C   . THR A 1 66  ? -8.100  4.180   4.793   1.00 8.77  ? 66   THR A C   1 
ATOM   523  O  O   . THR A 1 66  ? -7.395  5.143   4.459   1.00 9.45  ? 66   THR A O   1 
ATOM   524  C  CB  . THR A 1 66  ? -10.551 4.289   4.463   1.00 10.33 ? 66   THR A CB  1 
ATOM   525  O  OG1 . THR A 1 66  ? -11.614 4.012   3.539   1.00 14.90 ? 66   THR A OG1 1 
ATOM   526  C  CG2 . THR A 1 66  ? -10.438 5.804   4.672   1.00 11.57 ? 66   THR A CG2 1 
ATOM   527  N  N   . VAL A 1 67  ? -7.916  3.518   5.929   1.00 9.24  ? 67   VAL A N   1 
ATOM   528  C  CA  . VAL A 1 67  ? -6.834  3.896   6.830   1.00 8.93  ? 67   VAL A CA  1 
ATOM   529  C  C   . VAL A 1 67  ? -5.482  3.701   6.140   1.00 8.46  ? 67   VAL A C   1 
ATOM   530  O  O   . VAL A 1 67  ? -4.599  4.568   6.196   1.00 9.51  ? 67   VAL A O   1 
ATOM   531  C  CB  . VAL A 1 67  ? -6.949  3.058   8.126   1.00 8.86  ? 67   VAL A CB  1 
ATOM   532  C  CG1 . VAL A 1 67  ? -5.675  3.106   8.967   1.00 10.91 ? 67   VAL A CG1 1 
ATOM   533  C  CG2 . VAL A 1 67  ? -8.121  3.595   8.957   1.00 9.78  ? 67   VAL A CG2 1 
ATOM   534  N  N   . VAL A 1 68  ? -5.315  2.571   5.464   1.00 7.80  ? 68   VAL A N   1 
ATOM   535  C  CA  . VAL A 1 68  ? -4.063  2.283   4.783   1.00 7.13  ? 68   VAL A CA  1 
ATOM   536  C  C   . VAL A 1 68  ? -3.776  3.281   3.675   1.00 7.64  ? 68   VAL A C   1 
ATOM   537  O  O   . VAL A 1 68  ? -2.684  3.850   3.628   1.00 8.46  ? 68   VAL A O   1 
ATOM   538  C  CB  . VAL A 1 68  ? -4.106  0.858   4.178   1.00 7.27  ? 68   VAL A CB  1 
ATOM   539  C  CG1 . VAL A 1 68  ? -2.902  0.629   3.259   1.00 8.23  ? 68   VAL A CG1 1 
ATOM   540  C  CG2 . VAL A 1 68  ? -4.151  -0.151  5.335   1.00 8.17  ? 68   VAL A CG2 1 
ATOM   541  N  N   . LEU A 1 69  ? -4.731  3.519   2.784   1.00 9.06  ? 69   LEU A N   1 
ATOM   542  C  CA  . LEU A 1 69  ? -4.432  4.443   1.692   1.00 8.15  ? 69   LEU A CA  1 
ATOM   543  C  C   . LEU A 1 69  ? -4.324  5.877   2.145   1.00 7.61  ? 69   LEU A C   1 
ATOM   544  O  O   . LEU A 1 69  ? -3.602  6.664   1.531   1.00 9.80  ? 69   LEU A O   1 
ATOM   545  C  CB  . LEU A 1 69  ? -5.436  4.315   0.547   1.00 10.30 ? 69   LEU A CB  1 
ATOM   546  C  CG  . LEU A 1 69  ? -5.344  2.937   -0.137  1.00 9.65  ? 69   LEU A CG  1 
ATOM   547  C  CD1 . LEU A 1 69  ? -6.147  3.017   -1.448  1.00 12.41 ? 69   LEU A CD1 1 
ATOM   548  C  CD2 . LEU A 1 69  ? -3.917  2.541   -0.438  1.00 11.34 ? 69   LEU A CD2 1 
ATOM   549  N  N   . THR A 1 70  ? -5.028  6.239   3.215   1.00 9.05  ? 70   THR A N   1 
ATOM   550  C  CA  . THR A 1 70  ? -4.898  7.614   3.719   1.00 7.50  ? 70   THR A CA  1 
ATOM   551  C  C   . THR A 1 70  ? -3.475  7.809   4.235   1.00 8.66  ? 70   THR A C   1 
ATOM   552  O  O   . THR A 1 70  ? -2.857  8.861   4.011   1.00 8.96  ? 70   THR A O   1 
ATOM   553  C  CB  . THR A 1 70  ? -5.894  7.861   4.870   1.00 10.61 ? 70   THR A CB  1 
ATOM   554  O  OG1 . THR A 1 70  ? -7.221  7.800   4.344   1.00 10.90 ? 70   THR A OG1 1 
ATOM   555  C  CG2 . THR A 1 70  ? -5.683  9.233   5.503   1.00 12.56 ? 70   THR A CG2 1 
ATOM   556  N  N   . ALA A 1 71  ? -2.947  6.816   4.926   1.00 8.25  ? 71   ALA A N   1 
ATOM   557  C  CA  . ALA A 1 71  ? -1.589  6.927   5.451   1.00 8.33  ? 71   ALA A CA  1 
ATOM   558  C  C   . ALA A 1 71  ? -0.574  6.984   4.297   1.00 9.44  ? 71   ALA A C   1 
ATOM   559  O  O   . ALA A 1 71  ? 0.342   7.818   4.293   1.00 10.12 ? 71   ALA A O   1 
ATOM   560  C  CB  . ALA A 1 71  ? -1.295  5.743   6.367   1.00 9.10  ? 71   ALA A CB  1 
ATOM   561  N  N   . LEU A 1 72  ? -0.736  6.105   3.317   1.00 7.82  ? 72   LEU A N   1 
ATOM   562  C  CA  . LEU A 1 72  ? 0.187   6.094   2.181   1.00 8.06  ? 72   LEU A CA  1 
ATOM   563  C  C   . LEU A 1 72  ? 0.106   7.419   1.425   1.00 8.35  ? 72   LEU A C   1 
ATOM   564  O  O   . LEU A 1 72  ? 1.125   7.978   1.003   1.00 9.85  ? 72   LEU A O   1 
ATOM   565  C  CB  . LEU A 1 72  ? -0.158  4.942   1.216   1.00 8.40  ? 72   LEU A CB  1 
ATOM   566  C  CG  . LEU A 1 72  ? 0.737   4.841   -0.038  1.00 10.47 ? 72   LEU A CG  1 
ATOM   567  C  CD1 . LEU A 1 72  ? 2.230   4.727   0.298   1.00 10.92 ? 72   LEU A CD1 1 
ATOM   568  C  CD2 . LEU A 1 72  ? 0.291   3.594   -0.837  1.00 9.86  ? 72   LEU A CD2 1 
ATOM   569  N  N   . GLY A 1 73  ? -1.102  7.929   1.235   1.00 8.20  ? 73   GLY A N   1 
ATOM   570  C  CA  . GLY A 1 73  ? -1.248  9.188   0.520   1.00 10.55 ? 73   GLY A CA  1 
ATOM   571  C  C   . GLY A 1 73  ? -0.540  10.321  1.235   1.00 12.58 ? 73   GLY A C   1 
ATOM   572  O  O   . GLY A 1 73  ? 0.041   11.196  0.591   1.00 10.63 ? 73   GLY A O   1 
ATOM   573  N  N   . GLY A 1 74  ? -0.611  10.317  2.560   1.00 11.47 ? 74   GLY A N   1 
ATOM   574  C  CA  . GLY A 1 74  ? 0.056   11.350  3.346   1.00 13.61 ? 74   GLY A CA  1 
ATOM   575  C  C   . GLY A 1 74  ? 1.544   11.291  3.107   1.00 15.03 ? 74   GLY A C   1 
ATOM   576  O  O   . GLY A 1 74  ? 2.207   12.326  2.952   1.00 15.06 ? 74   GLY A O   1 
ATOM   577  N  N   . ILE A 1 75  ? 2.078   10.074  3.074   1.00 10.28 ? 75   ILE A N   1 
ATOM   578  C  CA  . ILE A 1 75  ? 3.495   9.858   2.833   1.00 9.53  ? 75   ILE A CA  1 
ATOM   579  C  C   . ILE A 1 75  ? 3.871   10.301  1.419   1.00 10.50 ? 75   ILE A C   1 
ATOM   580  O  O   . ILE A 1 75  ? 4.859   11.026  1.235   1.00 9.56  ? 75   ILE A O   1 
ATOM   581  C  CB  . ILE A 1 75  ? 3.836   8.377   3.092   1.00 10.96 ? 75   ILE A CB  1 
ATOM   582  C  CG1 . ILE A 1 75  ? 3.814   8.124   4.601   1.00 14.16 ? 75   ILE A CG1 1 
ATOM   583  C  CG2 . ILE A 1 75  ? 5.194   8.024   2.509   1.00 11.12 ? 75   ILE A CG2 1 
ATOM   584  C  CD1 . ILE A 1 75  ? 3.807   6.626   4.996   1.00 15.62 ? 75   ILE A CD1 1 
ATOM   585  N  N   . LEU A 1 76  ? 3.079   9.919   0.417   1.00 8.79  ? 76   LEU A N   1 
ATOM   586  C  CA  . LEU A 1 76  ? 3.399   10.288  -0.951  1.00 10.19 ? 76   LEU A CA  1 
ATOM   587  C  C   . LEU A 1 76  ? 3.409   11.791  -1.160  1.00 10.12 ? 76   LEU A C   1 
ATOM   588  O  O   . LEU A 1 76  ? 4.226   12.306  -1.937  1.00 11.06 ? 76   LEU A O   1 
ATOM   589  C  CB  . LEU A 1 76  ? 2.410   9.642   -1.938  1.00 12.37 ? 76   LEU A CB  1 
ATOM   590  C  CG  . LEU A 1 76  ? 2.482   8.116   -1.983  1.00 11.43 ? 76   LEU A CG  1 
ATOM   591  C  CD1 . LEU A 1 76  ? 1.335   7.607   -2.845  1.00 13.29 ? 76   LEU A CD1 1 
ATOM   592  C  CD2 . LEU A 1 76  ? 3.839   7.667   -2.548  1.00 12.18 ? 76   LEU A CD2 1 
ATOM   593  N  N   . LYS A 1 77  ? 2.487   12.496  -0.515  1.00 10.04 ? 77   LYS A N   1 
ATOM   594  C  CA  . LYS A 1 77  ? 2.454   13.940  -0.678  1.00 12.14 ? 77   LYS A CA  1 
ATOM   595  C  C   . LYS A 1 77  ? 3.674   14.634  -0.104  1.00 11.79 ? 77   LYS A C   1 
ATOM   596  O  O   . LYS A 1 77  ? 3.900   15.811  -0.392  1.00 13.49 ? 77   LYS A O   1 
ATOM   597  C  CB  . LYS A 1 77  ? 1.162   14.489  -0.100  1.00 13.97 ? 77   LYS A CB  1 
ATOM   598  C  CG  . LYS A 1 77  ? -0.011  13.968  -0.916  1.00 16.09 ? 77   LYS A CG  1 
ATOM   599  C  CD  . LYS A 1 77  ? -1.317  14.644  -0.591  1.00 16.35 ? 77   LYS A CD  1 
ATOM   600  C  CE  . LYS A 1 77  ? -2.429  14.001  -1.436  1.00 19.10 ? 77   LYS A CE  1 
ATOM   601  N  NZ  . LYS A 1 77  ? -3.744  14.636  -1.191  1.00 21.74 ? 77   LYS A NZ  1 
ATOM   602  N  N   . LYS A 1 78  ? 4.481   13.916  0.681   1.00 9.05  ? 78   LYS A N   1 
ATOM   603  C  CA  . LYS A 1 78  ? 5.722   14.492  1.212   1.00 10.27 ? 78   LYS A CA  1 
ATOM   604  C  C   . LYS A 1 78  ? 6.848   14.394  0.189   1.00 12.89 ? 78   LYS A C   1 
ATOM   605  O  O   . LYS A 1 78  ? 7.932   14.936  0.406   1.00 13.11 ? 78   LYS A O   1 
ATOM   606  C  CB  . LYS A 1 78  ? 6.161   13.794  2.496   1.00 13.09 ? 78   LYS A CB  1 
ATOM   607  C  CG  . LYS A 1 78  ? 5.199   13.964  3.632   1.00 16.42 ? 78   LYS A CG  1 
ATOM   608  C  CD  . LYS A 1 78  ? 5.039   15.388  4.080   1.00 20.28 ? 78   LYS A CD  1 
ATOM   609  C  CE  . LYS A 1 78  ? 4.127   15.397  5.292   1.00 29.18 ? 78   LYS A CE  1 
ATOM   610  N  NZ  . LYS A 1 78  ? 3.911   16.748  5.839   1.00 30.16 ? 78   LYS A NZ  1 
ATOM   611  N  N   . LYS A 1 79  ? 6.617   13.674  -0.905  1.00 11.06 ? 79   LYS A N   1 
ATOM   612  C  CA  . LYS A 1 79  ? 7.603   13.556  -1.974  1.00 10.01 ? 79   LYS A CA  1 
ATOM   613  C  C   . LYS A 1 79  ? 8.968   13.151  -1.467  1.00 12.57 ? 79   LYS A C   1 
ATOM   614  O  O   . LYS A 1 79  ? 9.986   13.788  -1.822  1.00 13.94 ? 79   LYS A O   1 
ATOM   615  C  CB  . LYS A 1 79  ? 7.710   14.889  -2.743  1.00 11.14 ? 79   LYS A CB  1 
ATOM   616  C  CG  . LYS A 1 79  ? 6.400   15.294  -3.439  1.00 10.13 ? 79   LYS A CG  1 
ATOM   617  C  CD  . LYS A 1 79  ? 6.383   16.764  -3.905  1.00 17.39 ? 79   LYS A CD  1 
ATOM   618  C  CE  . LYS A 1 79  ? 7.390   17.091  -4.979  1.00 20.27 ? 79   LYS A CE  1 
ATOM   619  N  NZ  . LYS A 1 79  ? 7.427   18.603  -5.172  1.00 15.64 ? 79   LYS A NZ  1 
ATOM   620  N  N   . GLY A 1 80  ? 9.008   12.100  -0.655  1.00 10.89 ? 80   GLY A N   1 
ATOM   621  C  CA  . GLY A 1 80  ? 10.296  11.641  -0.174  1.00 13.85 ? 80   GLY A CA  1 
ATOM   622  C  C   . GLY A 1 80  ? 10.759  12.222  1.152   1.00 16.06 ? 80   GLY A C   1 
ATOM   623  O  O   . GLY A 1 80  ? 11.589  11.604  1.811   1.00 17.84 ? 80   GLY A O   1 
ATOM   624  N  N   . HIS A 1 81  ? 10.251  13.388  1.550   1.00 12.86 ? 81   HIS A N   1 
ATOM   625  C  CA  . HIS A 1 81  ? 10.653  13.995  2.827   1.00 13.79 ? 81   HIS A CA  1 
ATOM   626  C  C   . HIS A 1 81  ? 9.652   13.497  3.826   1.00 10.86 ? 81   HIS A C   1 
ATOM   627  O  O   . HIS A 1 81  ? 8.904   14.276  4.411   1.00 13.53 ? 81   HIS A O   1 
ATOM   628  C  CB  . HIS A 1 81  ? 10.561  15.506  2.731   1.00 18.34 ? 81   HIS A CB  1 
ATOM   629  C  CG  . HIS A 1 81  ? 11.467  16.080  1.695   1.00 21.22 ? 81   HIS A CG  1 
ATOM   630  N  ND1 . HIS A 1 81  ? 12.836  16.086  1.832   1.00 25.74 ? 81   HIS A ND1 1 
ATOM   631  C  CD2 . HIS A 1 81  ? 11.204  16.611  0.479   1.00 20.32 ? 81   HIS A CD2 1 
ATOM   632  C  CE1 . HIS A 1 81  ? 13.383  16.599  0.741   1.00 25.33 ? 81   HIS A CE1 1 
ATOM   633  N  NE2 . HIS A 1 81  ? 12.415  16.924  -0.093  1.00 24.04 ? 81   HIS A NE2 1 
ATOM   634  N  N   . HIS A 1 82  ? 9.673   12.181  4.015   1.00 12.92 ? 82   HIS A N   1 
ATOM   635  C  CA  . HIS A 1 82  ? 8.677   11.490  4.827   1.00 10.05 ? 82   HIS A CA  1 
ATOM   636  C  C   . HIS A 1 82  ? 9.177   10.759  6.055   1.00 12.10 ? 82   HIS A C   1 
ATOM   637  O  O   . HIS A 1 82  ? 8.479   9.894   6.571   1.00 11.86 ? 82   HIS A O   1 
ATOM   638  C  CB  . HIS A 1 82  ? 7.909   10.500  3.924   1.00 13.37 ? 82   HIS A CB  1 
ATOM   639  C  CG  . HIS A 1 82  ? 8.795   9.506   3.238   1.00 8.94  ? 82   HIS A CG  1 
ATOM   640  N  ND1 . HIS A 1 82  ? 8.583   9.080   1.942   1.00 11.68 ? 82   HIS A ND1 1 
ATOM   641  C  CD2 . HIS A 1 82  ? 9.914   8.876   3.659   1.00 10.18 ? 82   HIS A CD2 1 
ATOM   642  C  CE1 . HIS A 1 82  ? 9.545   8.243   1.594   1.00 10.97 ? 82   HIS A CE1 1 
ATOM   643  N  NE2 . HIS A 1 82  ? 10.368  8.103   2.618   1.00 11.71 ? 82   HIS A NE2 1 
ATOM   644  N  N   . GLU A 1 83  ? 10.367  11.087  6.533   1.00 10.95 ? 83   GLU A N   1 
ATOM   645  C  CA  . GLU A 1 83  ? 10.919  10.402  7.692   1.00 11.36 ? 83   GLU A CA  1 
ATOM   646  C  C   . GLU A 1 83  ? 9.970   10.350  8.886   1.00 11.70 ? 83   GLU A C   1 
ATOM   647  O  O   . GLU A 1 83  ? 9.748   9.281   9.465   1.00 14.29 ? 83   GLU A O   1 
ATOM   648  C  CB  . GLU A 1 83  ? 12.253  11.073  8.085   1.00 12.95 ? 83   GLU A CB  1 
ATOM   649  C  CG  . GLU A 1 83  ? 12.842  10.661  9.433   1.00 15.33 ? 83   GLU A CG  1 
ATOM   650  C  CD  . GLU A 1 83  ? 13.248  9.196   9.510   1.00 20.24 ? 83   GLU A CD  1 
ATOM   651  O  OE1 . GLU A 1 83  ? 13.471  8.569   8.447   1.00 23.02 ? 83   GLU A OE1 1 
ATOM   652  O  OE2 . GLU A 1 83  ? 13.374  8.673   10.645  1.00 19.99 ? 83   GLU A OE2 1 
ATOM   653  N  N   . ALA A 1 84  ? 9.380   11.483  9.243   1.00 11.82 ? 84   ALA A N   1 
ATOM   654  C  CA  . ALA A 1 84  ? 8.499   11.539  10.410  1.00 12.45 ? 84   ALA A CA  1 
ATOM   655  C  C   . ALA A 1 84  ? 7.230   10.717  10.265  1.00 12.61 ? 84   ALA A C   1 
ATOM   656  O  O   . ALA A 1 84  ? 6.704   10.158  11.235  1.00 14.75 ? 84   ALA A O   1 
ATOM   657  C  CB  . ALA A 1 84  ? 8.146   13.018  10.734  1.00 17.99 ? 84   ALA A CB  1 
ATOM   658  N  N   . GLU A 1 85  ? 6.746   10.623  9.039   1.00 13.26 ? 85   GLU A N   1 
ATOM   659  C  CA  . GLU A 1 85  ? 5.532   9.874   8.754   1.00 12.77 ? 85   GLU A CA  1 
ATOM   660  C  C   . GLU A 1 85  ? 5.830   8.394   8.585   1.00 12.93 ? 85   GLU A C   1 
ATOM   661  O  O   . GLU A 1 85  ? 5.040   7.532   8.992   1.00 14.83 ? 85   GLU A O   1 
ATOM   662  C  CB  . GLU A 1 85  ? 4.882   10.360  7.448   1.00 15.37 ? 85   GLU A CB  1 
ATOM   663  C  CG  . GLU A 1 85  ? 4.288   11.758  7.424   1.00 18.61 ? 85   GLU A CG  1 
ATOM   664  C  CD  . GLU A 1 85  ? 5.323   12.876  7.342   1.00 22.10 ? 85   GLU A CD  1 
ATOM   665  O  OE1 . GLU A 1 85  ? 6.479   12.627  6.948   1.00 16.83 ? 85   GLU A OE1 1 
ATOM   666  O  OE2 . GLU A 1 85  ? 4.963   14.027  7.654   1.00 27.03 ? 85   GLU A OE2 1 
ATOM   667  N  N   . LEU A 1 86  ? 6.978   8.094   7.985   1.00 12.20 ? 86   LEU A N   1 
ATOM   668  C  CA  . LEU A 1 86  ? 7.324   6.713   7.690   1.00 11.19 ? 86   LEU A CA  1 
ATOM   669  C  C   . LEU A 1 86  ? 7.905   5.922   8.858   1.00 13.94 ? 86   LEU A C   1 
ATOM   670  O  O   . LEU A 1 86  ? 7.527   4.762   9.071   1.00 13.03 ? 86   LEU A O   1 
ATOM   671  C  CB  . LEU A 1 86  ? 8.278   6.671   6.476   1.00 14.93 ? 86   LEU A CB  1 
ATOM   672  C  CG  . LEU A 1 86  ? 8.616   5.287   5.926   1.00 13.85 ? 86   LEU A CG  1 
ATOM   673  C  CD1 . LEU A 1 86  ? 8.713   5.352   4.418   1.00 16.13 ? 86   LEU A CD1 1 
ATOM   674  C  CD2 . LEU A 1 86  ? 9.890   4.759   6.569   1.00 14.23 ? 86   LEU A CD2 1 
ATOM   675  N  N   . LYS A 1 87  ? 8.789   6.536   9.646   1.00 12.24 ? 87   LYS A N   1 
ATOM   676  C  CA  . LYS A 1 87  ? 9.417   5.829   10.762  1.00 12.68 ? 87   LYS A CA  1 
ATOM   677  C  C   . LYS A 1 87  ? 8.410   5.113   11.690  1.00 14.33 ? 87   LYS A C   1 
ATOM   678  O  O   . LYS A 1 87  ? 8.554   3.933   11.955  1.00 13.55 ? 87   LYS A O   1 
ATOM   679  C  CB  . LYS A 1 87  ? 10.310  6.785   11.573  1.00 16.30 ? 87   LYS A CB  1 
ATOM   680  C  CG  . LYS A 1 87  ? 11.109  6.071   12.646  1.00 17.06 ? 87   LYS A CG  1 
ATOM   681  C  CD  . LYS A 1 87  ? 11.790  7.057   13.573  1.00 18.41 ? 87   LYS A CD  1 
ATOM   682  C  CE  . LYS A 1 87  ? 12.341  6.345   14.799  1.00 22.14 ? 87   LYS A CE  1 
ATOM   683  N  NZ  . LYS A 1 87  ? 13.118  7.294   15.655  1.00 20.81 ? 87   LYS A NZ  1 
ATOM   684  N  N   . PRO A 1 88  ? 7.379   5.811   12.190  1.00 11.55 ? 88   PRO A N   1 
ATOM   685  C  CA  . PRO A 1 88  ? 6.400   5.162   13.074  1.00 11.64 ? 88   PRO A CA  1 
ATOM   686  C  C   . PRO A 1 88  ? 5.650   4.006   12.414  1.00 11.72 ? 88   PRO A C   1 
ATOM   687  O  O   . PRO A 1 88  ? 5.350   3.003   13.055  1.00 11.19 ? 88   PRO A O   1 
ATOM   688  C  CB  . PRO A 1 88  ? 5.470   6.318   13.477  1.00 20.15 ? 88   PRO A CB  1 
ATOM   689  C  CG  . PRO A 1 88  ? 5.637   7.317   12.339  1.00 13.63 ? 88   PRO A CG  1 
ATOM   690  C  CD  . PRO A 1 88  ? 7.129   7.261   12.120  1.00 15.66 ? 88   PRO A CD  1 
ATOM   691  N  N   . LEU A 1 89  ? 5.375   4.149   11.123  1.00 11.71 ? 89   LEU A N   1 
ATOM   692  C  CA  . LEU A 1 89  ? 4.664   3.113   10.381  1.00 13.03 ? 89   LEU A CA  1 
ATOM   693  C  C   . LEU A 1 89  ? 5.577   1.894   10.257  1.00 10.14 ? 89   LEU A C   1 
ATOM   694  O  O   . LEU A 1 89  ? 5.171   0.749   10.443  1.00 10.97 ? 89   LEU A O   1 
ATOM   695  C  CB  . LEU A 1 89  ? 4.301   3.642   8.993   1.00 13.93 ? 89   LEU A CB  1 
ATOM   696  C  CG  . LEU A 1 89  ? 3.391   2.769   8.138   1.00 19.27 ? 89   LEU A CG  1 
ATOM   697  C  CD1 . LEU A 1 89  ? 2.036   2.636   8.837   1.00 24.43 ? 89   LEU A CD1 1 
ATOM   698  C  CD2 . LEU A 1 89  ? 3.204   3.413   6.770   1.00 23.71 ? 89   LEU A CD2 1 
ATOM   699  N  N   . ALA A 1 90  ? 6.830   2.137   9.907   1.00 9.01  ? 90   ALA A N   1 
ATOM   700  C  CA  . ALA A 1 90  ? 7.770   1.058   9.798   1.00 10.74 ? 90   ALA A CA  1 
ATOM   701  C  C   . ALA A 1 90  ? 7.920   0.364   11.143  1.00 10.46 ? 90   ALA A C   1 
ATOM   702  O  O   . ALA A 1 90  ? 7.909   -0.842  11.222  1.00 13.14 ? 90   ALA A O   1 
ATOM   703  C  CB  . ALA A 1 90  ? 9.111   1.604   9.352   1.00 11.87 ? 90   ALA A CB  1 
ATOM   704  N  N   . GLN A 1 91  ? 8.011   1.126   12.226  1.00 11.77 ? 91   GLN A N   1 
ATOM   705  C  CA  . GLN A 1 91  ? 8.216   0.501   13.516  1.00 11.83 ? 91   GLN A CA  1 
ATOM   706  C  C   . GLN A 1 91  ? 6.999   -0.257  14.007  1.00 10.10 ? 91   GLN A C   1 
ATOM   707  O  O   . GLN A 1 91  ? 7.135   -1.312  14.627  1.00 12.32 ? 91   GLN A O   1 
ATOM   708  C  CB  . GLN A 1 91  ? 8.719   1.539   14.530  1.00 13.94 ? 91   GLN A CB  1 
ATOM   709  C  CG  . GLN A 1 91  ? 10.115  2.083   14.121  1.00 16.83 ? 91   GLN A CG  1 
ATOM   710  C  CD  . GLN A 1 91  ? 10.887  2.729   15.254  1.00 20.26 ? 91   GLN A CD  1 
ATOM   711  O  OE1 . GLN A 1 91  ? 10.315  3.375   16.123  1.00 20.90 ? 91   GLN A OE1 1 
ATOM   712  N  NE2 . GLN A 1 91  ? 12.214  2.566   15.233  1.00 18.12 ? 91   GLN A NE2 1 
ATOM   713  N  N   . SER A 1 92  ? 5.791   0.247   13.734  1.00 9.85  ? 92   SER A N   1 
ATOM   714  C  CA  . SER A 1 92  ? 4.624   -0.502  14.196  1.00 10.14 ? 92   SER A CA  1 
ATOM   715  C  C   . SER A 1 92  ? 4.466   -1.757  13.368  1.00 10.65 ? 92   SER A C   1 
ATOM   716  O  O   . SER A 1 92  ? 4.082   -2.793  13.886  1.00 11.27 ? 92   SER A O   1 
ATOM   717  C  CB  . SER A 1 92  ? 3.346   0.332   14.110  1.00 14.20 ? 92   SER A CB  1 
ATOM   718  O  OG  . SER A 1 92  ? 2.900   0.474   12.787  1.00 16.37 ? 92   SER A OG  1 
ATOM   719  N  N   . HIS A 1 93  ? 4.787   -1.679  12.076  1.00 9.73  ? 93   HIS A N   1 
ATOM   720  C  CA  . HIS A 1 93  ? 4.625   -2.877  11.269  1.00 10.89 ? 93   HIS A CA  1 
ATOM   721  C  C   . HIS A 1 93  ? 5.634   -3.955  11.554  1.00 8.65  ? 93   HIS A C   1 
ATOM   722  O  O   . HIS A 1 93  ? 5.322   -5.145  11.431  1.00 12.10 ? 93   HIS A O   1 
ATOM   723  C  CB  . HIS A 1 93  ? 4.543   -2.502  9.796   1.00 9.12  ? 93   HIS A CB  1 
ATOM   724  C  CG  . HIS A 1 93  ? 3.197   -1.945  9.427   1.00 9.23  ? 93   HIS A CG  1 
ATOM   725  N  ND1 . HIS A 1 93  ? 2.713   -0.765  9.958   1.00 10.85 ? 93   HIS A ND1 1 
ATOM   726  C  CD2 . HIS A 1 93  ? 2.191   -2.458  8.685   1.00 8.25  ? 93   HIS A CD2 1 
ATOM   727  C  CE1 . HIS A 1 93  ? 1.464   -0.581  9.559   1.00 13.29 ? 93   HIS A CE1 1 
ATOM   728  N  NE2 . HIS A 1 93  ? 1.120   -1.600  8.788   1.00 9.38  ? 93   HIS A NE2 1 
ATOM   729  N  N   . ALA A 1 94  ? 6.828   -3.575  11.971  1.00 8.99  ? 94   ALA A N   1 
ATOM   730  C  CA  . ALA A 1 94  ? 7.812   -4.570  12.323  1.00 9.46  ? 94   ALA A CA  1 
ATOM   731  C  C   . ALA A 1 94  ? 7.582   -5.080  13.743  1.00 12.82 ? 94   ALA A C   1 
ATOM   732  O  O   . ALA A 1 94  ? 7.408   -6.281  13.952  1.00 15.15 ? 94   ALA A O   1 
ATOM   733  C  CB  . ALA A 1 94  ? 9.211   -3.983  12.239  1.00 10.78 ? 94   ALA A CB  1 
ATOM   734  N  N   . THR A 1 95  ? 7.495   -4.169  14.706  1.00 12.54 ? 95   THR A N   1 
ATOM   735  C  CA  . THR A 1 95  ? 7.407   -4.606  16.094  1.00 15.37 ? 95   THR A CA  1 
ATOM   736  C  C   . THR A 1 95  ? 6.064   -5.047  16.615  1.00 17.13 ? 95   THR A C   1 
ATOM   737  O  O   . THR A 1 95  ? 5.974   -6.006  17.410  1.00 17.76 ? 95   THR A O   1 
ATOM   738  C  CB  . THR A 1 95  ? 7.991   -3.517  16.997  1.00 17.40 ? 95   THR A CB  1 
ATOM   739  O  OG1 . THR A 1 95  ? 9.253   -3.081  16.454  1.00 21.46 ? 95   THR A OG1 1 
ATOM   740  C  CG2 . THR A 1 95  ? 8.234   -4.068  18.380  1.00 23.37 ? 95   THR A CG2 1 
ATOM   741  N  N   . LYS A 1 96  ? 5.005   -4.386  16.183  1.00 14.63 ? 96   LYS A N   1 
ATOM   742  C  CA  . LYS A 1 96  ? 3.693   -4.776  16.670  1.00 16.65 ? 96   LYS A CA  1 
ATOM   743  C  C   . LYS A 1 96  ? 3.007   -5.745  15.731  1.00 15.27 ? 96   LYS A C   1 
ATOM   744  O  O   . LYS A 1 96  ? 2.530   -6.804  16.153  1.00 19.39 ? 96   LYS A O   1 
ATOM   745  C  CB  . LYS A 1 96  ? 2.789   -3.559  16.855  1.00 18.28 ? 96   LYS A CB  1 
ATOM   746  C  CG  . LYS A 1 96  ? 1.470   -3.902  17.518  1.00 27.03 ? 96   LYS A CG  1 
ATOM   747  C  CD  . LYS A 1 96  ? 0.687   -2.671  17.898  1.00 32.67 ? 96   LYS A CD  1 
ATOM   748  C  CE  . LYS A 1 96  ? -0.473  -3.066  18.789  1.00 33.92 ? 96   LYS A CE  1 
ATOM   749  N  NZ  . LYS A 1 96  ? -1.297  -4.121  18.126  1.00 37.47 ? 96   LYS A NZ  1 
ATOM   750  N  N   . HIS A 1 97  ? 2.982   -5.404  14.443  1.00 12.05 ? 97   HIS A N   1 
ATOM   751  C  CA  . HIS A 1 97  ? 2.253   -6.236  13.504  1.00 11.46 ? 97   HIS A CA  1 
ATOM   752  C  C   . HIS A 1 97  ? 3.015   -7.388  12.913  1.00 14.63 ? 97   HIS A C   1 
ATOM   753  O  O   . HIS A 1 97  ? 2.403   -8.306  12.387  1.00 14.26 ? 97   HIS A O   1 
ATOM   754  C  CB  . HIS A 1 97  ? 1.625   -5.376  12.401  1.00 12.06 ? 97   HIS A CB  1 
ATOM   755  C  CG  . HIS A 1 97  ? 0.864   -4.197  12.926  1.00 11.90 ? 97   HIS A CG  1 
ATOM   756  N  ND1 . HIS A 1 97  ? -0.092  -4.304  13.911  1.00 14.93 ? 97   HIS A ND1 1 
ATOM   757  C  CD2 . HIS A 1 97  ? 0.934   -2.883  12.608  1.00 12.41 ? 97   HIS A CD2 1 
ATOM   758  C  CE1 . HIS A 1 97  ? -0.582  -3.106  14.177  1.00 13.70 ? 97   HIS A CE1 1 
ATOM   759  N  NE2 . HIS A 1 97  ? 0.023   -2.226  13.398  1.00 11.36 ? 97   HIS A NE2 1 
ATOM   760  N  N   . LYS A 1 98  ? 4.346   -7.350  13.006  1.00 12.26 ? 98   LYS A N   1 
ATOM   761  C  CA  . LYS A 1 98  ? 5.195   -8.428  12.524  1.00 11.91 ? 98   LYS A CA  1 
ATOM   762  C  C   . LYS A 1 98  ? 5.011   -8.703  11.046  1.00 13.12 ? 98   LYS A C   1 
ATOM   763  O  O   . LYS A 1 98  ? 4.839   -9.863  10.628  1.00 13.04 ? 98   LYS A O   1 
ATOM   764  C  CB  . LYS A 1 98  ? 4.911   -9.704  13.314  1.00 15.74 ? 98   LYS A CB  1 
ATOM   765  C  CG  . LYS A 1 98  ? 4.918   -9.516  14.811  1.00 20.68 ? 98   LYS A CG  1 
ATOM   766  C  CD  . LYS A 1 98  ? 6.257   -9.071  15.330  1.00 27.02 ? 98   LYS A CD  1 
ATOM   767  C  CE  . LYS A 1 98  ? 6.246   -9.027  16.856  1.00 29.95 ? 98   LYS A CE  1 
ATOM   768  N  NZ  . LYS A 1 98  ? 7.507   -8.461  17.415  1.00 32.23 ? 98   LYS A NZ  1 
ATOM   769  N  N   . ILE A 1 99  ? 5.091   -7.638  10.256  1.00 11.75 ? 99   ILE A N   1 
ATOM   770  C  CA  . ILE A 1 99  ? 4.910   -7.735  8.822   1.00 10.69 ? 99   ILE A CA  1 
ATOM   771  C  C   . ILE A 1 99  ? 6.236   -7.823  8.057   1.00 10.88 ? 99   ILE A C   1 
ATOM   772  O  O   . ILE A 1 99  ? 6.964   -6.833  7.944   1.00 11.71 ? 99   ILE A O   1 
ATOM   773  C  CB  . ILE A 1 99  ? 4.107   -6.498  8.297   1.00 10.69 ? 99   ILE A CB  1 
ATOM   774  C  CG1 . ILE A 1 99  ? 2.824   -6.313  9.112   1.00 12.44 ? 99   ILE A CG1 1 
ATOM   775  C  CG2 . ILE A 1 99  ? 3.803   -6.668  6.806   1.00 10.49 ? 99   ILE A CG2 1 
ATOM   776  C  CD1 . ILE A 1 99  ? 1.967   -7.563  9.196   1.00 9.82  ? 99   ILE A CD1 1 
ATOM   777  N  N   . PRO A 1 100 ? 6.588   -8.997  7.515   1.00 11.23 ? 100  PRO A N   1 
ATOM   778  C  CA  . PRO A 1 100 ? 7.850   -9.078  6.773   1.00 12.07 ? 100  PRO A CA  1 
ATOM   779  C  C   . PRO A 1 100 ? 7.829   -8.096  5.588   1.00 11.81 ? 100  PRO A C   1 
ATOM   780  O  O   . PRO A 1 100 ? 6.762   -7.803  5.010   1.00 11.39 ? 100  PRO A O   1 
ATOM   781  C  CB  . PRO A 1 100 ? 7.898   -10.527 6.277   1.00 14.12 ? 100  PRO A CB  1 
ATOM   782  C  CG  . PRO A 1 100 ? 6.924   -11.264 7.127   1.00 19.96 ? 100  PRO A CG  1 
ATOM   783  C  CD  . PRO A 1 100 ? 5.859   -10.277 7.508   1.00 12.07 ? 100  PRO A CD  1 
ATOM   784  N  N   . ILE A 1 101 ? 9.006   -7.628  5.184   1.00 11.63 ? 101  ILE A N   1 
ATOM   785  C  CA  . ILE A 1 101 ? 9.089   -6.657  4.094   1.00 10.64 ? 101  ILE A CA  1 
ATOM   786  C  C   . ILE A 1 101 ? 8.501   -7.231  2.798   1.00 10.88 ? 101  ILE A C   1 
ATOM   787  O  O   . ILE A 1 101 ? 8.004   -6.492  1.957   1.00 11.89 ? 101  ILE A O   1 
ATOM   788  C  CB  . ILE A 1 101 ? 10.552  -6.156  3.892   1.00 14.88 ? 101  ILE A CB  1 
ATOM   789  C  CG1 . ILE A 1 101 ? 10.563  -4.938  2.974   1.00 13.21 ? 101  ILE A CG1 1 
ATOM   790  C  CG2 . ILE A 1 101 ? 11.434  -7.268  3.381   1.00 17.53 ? 101  ILE A CG2 1 
ATOM   791  C  CD1 . ILE A 1 101 ? 10.081  -3.658  3.678   1.00 17.66 ? 101  ILE A CD1 1 
ATOM   792  N  N   . LYS A 1 102 ? 8.541   -8.555  2.665   1.00 13.02 ? 102  LYS A N   1 
ATOM   793  C  CA  . LYS A 1 102 ? 7.968   -9.214  1.492   1.00 11.34 ? 102  LYS A CA  1 
ATOM   794  C  C   . LYS A 1 102 ? 6.500   -8.839  1.334   1.00 11.25 ? 102  LYS A C   1 
ATOM   795  O  O   . LYS A 1 102 ? 5.999   -8.702  0.210   1.00 11.35 ? 102  LYS A O   1 
ATOM   796  C  CB  . LYS A 1 102 ? 8.062   -10.741 1.658   1.00 13.54 ? 102  LYS A CB  1 
ATOM   797  C  CG  . LYS A 1 102 ? 7.573   -11.536 0.458   1.00 24.67 ? 102  LYS A CG  1 
ATOM   798  C  CD  . LYS A 1 102 ? 8.575   -11.387 -0.664  1.00 24.99 ? 102  LYS A CD  1 
ATOM   799  C  CE  . LYS A 1 102 ? 8.286   -12.312 -1.831  1.00 27.81 ? 102  LYS A CE  1 
ATOM   800  N  NZ  . LYS A 1 102 ? 9.370   -12.119 -2.832  1.00 29.90 ? 102  LYS A NZ  1 
ATOM   801  N  N   . TYR A 1 103 ? 5.800   -8.703  2.458   1.00 10.55 ? 103  TYR A N   1 
ATOM   802  C  CA  . TYR A 1 103 ? 4.374   -8.383  2.371   1.00 10.48 ? 103  TYR A CA  1 
ATOM   803  C  C   . TYR A 1 103 ? 4.173   -6.954  1.883   1.00 9.46  ? 103  TYR A C   1 
ATOM   804  O  O   . TYR A 1 103 ? 3.131   -6.650  1.293   1.00 10.03 ? 103  TYR A O   1 
ATOM   805  C  CB  . TYR A 1 103 ? 3.675   -8.591  3.707   1.00 12.11 ? 103  TYR A CB  1 
ATOM   806  C  CG  . TYR A 1 103 ? 3.581   -10.044 4.179   1.00 11.45 ? 103  TYR A CG  1 
ATOM   807  C  CD1 . TYR A 1 103 ? 4.221   -11.086 3.493   1.00 13.94 ? 103  TYR A CD1 1 
ATOM   808  C  CD2 . TYR A 1 103 ? 2.923   -10.341 5.350   1.00 11.24 ? 103  TYR A CD2 1 
ATOM   809  C  CE1 . TYR A 1 103 ? 4.191   -12.403 4.009   1.00 14.17 ? 103  TYR A CE1 1 
ATOM   810  C  CE2 . TYR A 1 103 ? 2.892   -11.624 5.866   1.00 13.46 ? 103  TYR A CE2 1 
ATOM   811  C  CZ  . TYR A 1 103 ? 3.518   -12.637 5.202   1.00 13.91 ? 103  TYR A CZ  1 
ATOM   812  O  OH  . TYR A 1 103 ? 3.465   -13.906 5.742   1.00 18.21 ? 103  TYR A OH  1 
ATOM   813  N  N   . LEU A 1 104 ? 5.153   -6.083  2.135   1.00 10.75 ? 104  LEU A N   1 
ATOM   814  C  CA  . LEU A 1 104 ? 5.052   -4.708  1.644   1.00 10.10 ? 104  LEU A CA  1 
ATOM   815  C  C   . LEU A 1 104 ? 5.298   -4.710  0.135   1.00 9.37  ? 104  LEU A C   1 
ATOM   816  O  O   . LEU A 1 104 ? 4.779   -3.862  -0.598  1.00 10.07 ? 104  LEU A O   1 
ATOM   817  C  CB  . LEU A 1 104 ? 6.052   -3.781  2.359   1.00 10.89 ? 104  LEU A CB  1 
ATOM   818  C  CG  . LEU A 1 104 ? 5.665   -3.352  3.781   1.00 15.05 ? 104  LEU A CG  1 
ATOM   819  C  CD1 . LEU A 1 104 ? 4.332   -2.600  3.793   1.00 18.49 ? 104  LEU A CD1 1 
ATOM   820  C  CD2 . LEU A 1 104 ? 5.587   -4.558  4.660   1.00 23.93 ? 104  LEU A CD2 1 
ATOM   821  N  N   . GLU A 1 105 ? 6.131   -5.644  -0.326  1.00 11.92 ? 105  GLU A N   1 
ATOM   822  C  CA  . GLU A 1 105 ? 6.342   -5.791  -1.758  1.00 10.40 ? 105  GLU A CA  1 
ATOM   823  C  C   . GLU A 1 105 ? 5.010   -6.269  -2.349  1.00 9.64  ? 105  GLU A C   1 
ATOM   824  O  O   . GLU A 1 105 ? 4.547   -5.734  -3.366  1.00 9.32  ? 105  GLU A O   1 
ATOM   825  C  CB  . GLU A 1 105 ? 7.446   -6.816  -2.003  1.00 12.59 ? 105  GLU A CB  1 
ATOM   826  C  CG  . GLU A 1 105 ? 7.631   -7.173  -3.468  1.00 15.84 ? 105  GLU A CG  1 
ATOM   827  C  CD  . GLU A 1 105 ? 8.528   -8.379  -3.674  1.00 15.98 ? 105  GLU A CD  1 
ATOM   828  O  OE1 . GLU A 1 105 ? 8.874   -9.085  -2.704  1.00 18.33 ? 105  GLU A OE1 1 
ATOM   829  O  OE2 . GLU A 1 105 ? 8.880   -8.623  -4.836  1.00 22.16 ? 105  GLU A OE2 1 
ATOM   830  N  N   . PHE A 1 106 ? 4.392   -7.259  -1.702  1.00 9.47  ? 106  PHE A N   1 
ATOM   831  C  CA  . PHE A 1 106 ? 3.107   -7.743  -2.214  1.00 10.94 ? 106  PHE A CA  1 
ATOM   832  C  C   . PHE A 1 106 ? 2.071   -6.620  -2.314  1.00 8.69  ? 106  PHE A C   1 
ATOM   833  O  O   . PHE A 1 106 ? 1.346   -6.523  -3.302  1.00 9.10  ? 106  PHE A O   1 
ATOM   834  C  CB  . PHE A 1 106 ? 2.480   -8.813  -1.316  1.00 10.45 ? 106  PHE A CB  1 
ATOM   835  C  CG  . PHE A 1 106 ? 3.275   -10.093 -1.195  1.00 13.26 ? 106  PHE A CG  1 
ATOM   836  C  CD1 . PHE A 1 106 ? 4.153   -10.482 -2.189  1.00 14.21 ? 106  PHE A CD1 1 
ATOM   837  C  CD2 . PHE A 1 106 ? 3.074   -10.942 -0.097  1.00 14.11 ? 106  PHE A CD2 1 
ATOM   838  C  CE1 . PHE A 1 106 ? 4.834   -11.724 -2.094  1.00 15.95 ? 106  PHE A CE1 1 
ATOM   839  C  CE2 . PHE A 1 106 ? 3.752   -12.180 0.004   1.00 14.82 ? 106  PHE A CE2 1 
ATOM   840  C  CZ  . PHE A 1 106 ? 4.623   -12.556 -0.996  1.00 16.97 ? 106  PHE A CZ  1 
ATOM   841  N  N   . ILE A 1 107 ? 1.956   -5.779  -1.285  1.00 8.97  ? 107  ILE A N   1 
ATOM   842  C  CA  . ILE A 1 107 ? 0.916   -4.756  -1.357  1.00 8.54  ? 107  ILE A CA  1 
ATOM   843  C  C   . ILE A 1 107 ? 1.264   -3.674  -2.370  1.00 7.87  ? 107  ILE A C   1 
ATOM   844  O  O   . ILE A 1 107 ? 0.383   -3.077  -2.955  1.00 9.87  ? 107  ILE A O   1 
ATOM   845  C  CB  . ILE A 1 107 ? 0.590   -4.169  0.062   1.00 8.80  ? 107  ILE A CB  1 
ATOM   846  C  CG1 . ILE A 1 107 ? -0.821  -3.590  0.055   1.00 9.14  ? 107  ILE A CG1 1 
ATOM   847  C  CG2 . ILE A 1 107 ? 1.595   -3.071  0.460   1.00 9.54  ? 107  ILE A CG2 1 
ATOM   848  C  CD1 . ILE A 1 107 ? -1.247  -3.062  1.439   1.00 8.10  ? 107  ILE A CD1 1 
ATOM   849  N  N   . SER A 1 108 ? 2.557   -3.437  -2.592  1.00 9.24  ? 108  SER A N   1 
ATOM   850  C  CA  . SER A 1 108 ? 2.968   -2.446  -3.592  1.00 9.48  ? 108  SER A CA  1 
ATOM   851  C  C   . SER A 1 108 ? 2.511   -2.951  -4.971  1.00 10.04 ? 108  SER A C   1 
ATOM   852  O  O   . SER A 1 108 ? 1.967   -2.193  -5.771  1.00 11.02 ? 108  SER A O   1 
ATOM   853  C  CB  . SER A 1 108 ? 4.498   -2.307  -3.574  1.00 10.53 ? 108  SER A CB  1 
ATOM   854  O  OG  . SER A 1 108 ? 4.955   -1.742  -2.341  1.00 12.57 ? 108  SER A OG  1 
ATOM   855  N  N   . ASP A 1 109 ? 2.750   -4.237  -5.221  1.00 10.26 ? 109  ASP A N   1 
ATOM   856  C  CA  . ASP A 1 109 ? 2.343   -4.862  -6.486  1.00 10.13 ? 109  ASP A CA  1 
ATOM   857  C  C   . ASP A 1 109 ? 0.822   -4.803  -6.622  1.00 10.19 ? 109  ASP A C   1 
ATOM   858  O  O   . ASP A 1 109 ? 0.303   -4.541  -7.709  1.00 10.33 ? 109  ASP A O   1 
ATOM   859  C  CB  . ASP A 1 109 ? 2.826   -6.316  -6.544  1.00 12.66 ? 109  ASP A CB  1 
ATOM   860  C  CG  . ASP A 1 109 ? 4.327   -6.423  -6.765  1.00 15.59 ? 109  ASP A CG  1 
ATOM   861  O  OD1 . ASP A 1 109 ? 4.924   -5.412  -7.146  1.00 17.82 ? 109  ASP A OD1 1 
ATOM   862  O  OD2 . ASP A 1 109 ? 4.889   -7.518  -6.573  1.00 21.55 ? 109  ASP A OD2 1 
ATOM   863  N  N   . ALA A 1 110 ? 0.109   -5.032  -5.514  1.00 8.89  ? 110  ALA A N   1 
ATOM   864  C  CA  . ALA A 1 110 ? -1.344  -4.969  -5.537  1.00 9.06  ? 110  ALA A CA  1 
ATOM   865  C  C   . ALA A 1 110 ? -1.847  -3.583  -5.916  1.00 9.32  ? 110  ALA A C   1 
ATOM   866  O  O   . ALA A 1 110 ? -2.832  -3.453  -6.630  1.00 10.67 ? 110  ALA A O   1 
ATOM   867  C  CB  . ALA A 1 110 ? -1.916  -5.377  -4.172  1.00 12.14 ? 110  ALA A CB  1 
ATOM   868  N  N   . ILE A 1 111 ? -1.175  -2.538  -5.441  1.00 9.96  ? 111  ILE A N   1 
ATOM   869  C  CA  . ILE A 1 111 ? -1.593  -1.185  -5.762  1.00 9.38  ? 111  ILE A CA  1 
ATOM   870  C  C   . ILE A 1 111 ? -1.453  -0.952  -7.260  1.00 9.51  ? 111  ILE A C   1 
ATOM   871  O  O   . ILE A 1 111 ? -2.345  -0.389  -7.879  1.00 10.19 ? 111  ILE A O   1 
ATOM   872  C  CB  . ILE A 1 111 ? -0.765  -0.168  -4.960  1.00 9.10  ? 111  ILE A CB  1 
ATOM   873  C  CG1 . ILE A 1 111 ? -1.199  -0.259  -3.495  1.00 11.69 ? 111  ILE A CG1 1 
ATOM   874  C  CG2 . ILE A 1 111 ? -0.916  1.228   -5.528  1.00 10.54 ? 111  ILE A CG2 1 
ATOM   875  C  CD1 . ILE A 1 111 ? -0.230  0.455   -2.527  1.00 10.54 ? 111  ILE A CD1 1 
ATOM   876  N  N   . ILE A 1 112 ? -0.349  -1.418  -7.851  1.00 9.65  ? 112  ILE A N   1 
ATOM   877  C  CA  . ILE A 1 112 ? -0.181  -1.226  -9.288  1.00 8.94  ? 112  ILE A CA  1 
ATOM   878  C  C   . ILE A 1 112 ? -1.254  -1.992  -10.051 1.00 9.11  ? 112  ILE A C   1 
ATOM   879  O  O   . ILE A 1 112 ? -1.826  -1.483  -10.998 1.00 10.60 ? 112  ILE A O   1 
ATOM   880  C  CB  . ILE A 1 112 ? 1.242   -1.675  -9.756  1.00 9.67  ? 112  ILE A CB  1 
ATOM   881  C  CG1 . ILE A 1 112 ? 2.293   -0.739  -9.151  1.00 11.42 ? 112  ILE A CG1 1 
ATOM   882  C  CG2 . ILE A 1 112 ? 1.349   -1.713  -11.283 1.00 10.53 ? 112  ILE A CG2 1 
ATOM   883  C  CD1 . ILE A 1 112 ? 2.202   0.724   -9.603  1.00 11.85 ? 112  ILE A CD1 1 
ATOM   884  N  N   . HIS A 1 113 ? -1.561  -3.212  -9.601  1.00 9.37  ? 113  HIS A N   1 
ATOM   885  C  CA  . HIS A 1 113 ? -2.583  -3.980  -10.279 1.00 9.08  ? 113  HIS A CA  1 
ATOM   886  C  C   . HIS A 1 113 ? -3.948  -3.314  -10.201 1.00 8.34  ? 113  HIS A C   1 
ATOM   887  O  O   . HIS A 1 113 ? -4.685  -3.256  -11.173 1.00 10.04 ? 113  HIS A O   1 
ATOM   888  C  CB  . HIS A 1 113 ? -2.690  -5.363  -9.656  1.00 10.13 ? 113  HIS A CB  1 
ATOM   889  C  CG  . HIS A 1 113 ? -3.729  -6.211  -10.310 1.00 16.15 ? 113  HIS A CG  1 
ATOM   890  N  ND1 . HIS A 1 113 ? -3.487  -6.927  -11.460 1.00 23.40 ? 113  HIS A ND1 1 
ATOM   891  C  CD2 . HIS A 1 113 ? -5.035  -6.397  -10.011 1.00 17.25 ? 113  HIS A CD2 1 
ATOM   892  C  CE1 . HIS A 1 113 ? -4.604  -7.522  -11.842 1.00 22.37 ? 113  HIS A CE1 1 
ATOM   893  N  NE2 . HIS A 1 113 ? -5.556  -7.217  -10.982 1.00 23.06 ? 113  HIS A NE2 1 
ATOM   894  N  N   . VAL A 1 114 ? -4.311  -2.863  -9.007  1.00 8.53  ? 114  VAL A N   1 
ATOM   895  C  CA  . VAL A 1 114 ? -5.605  -2.219  -8.809  1.00 8.10  ? 114  VAL A CA  1 
ATOM   896  C  C   . VAL A 1 114 ? -5.715  -0.943  -9.629  1.00 9.29  ? 114  VAL A C   1 
ATOM   897  O  O   . VAL A 1 114 ? -6.783  -0.624  -10.184 1.00 9.76  ? 114  VAL A O   1 
ATOM   898  C  CB  . VAL A 1 114 ? -5.854  -1.935  -7.321  1.00 9.42  ? 114  VAL A CB  1 
ATOM   899  C  CG1 . VAL A 1 114 ? -7.111  -1.054  -7.129  1.00 10.68 ? 114  VAL A CG1 1 
ATOM   900  C  CG2 . VAL A 1 114 ? -6.050  -3.257  -6.589  1.00 12.05 ? 114  VAL A CG2 1 
ATOM   901  N  N   . LEU A 1 115 ? -4.620  -0.200  -9.745  1.00 9.68  ? 115  LEU A N   1 
ATOM   902  C  CA  . LEU A 1 115 ? -4.704  0.999   -10.555 1.00 9.62  ? 115  LEU A CA  1 
ATOM   903  C  C   . LEU A 1 115 ? -5.037  0.640   -12.010 1.00 8.91  ? 115  LEU A C   1 
ATOM   904  O  O   . LEU A 1 115 ? -5.857  1.283   -12.625 1.00 9.72  ? 115  LEU A O   1 
ATOM   905  C  CB  . LEU A 1 115 ? -3.398  1.805   -10.477 1.00 11.46 ? 115  LEU A CB  1 
ATOM   906  C  CG  . LEU A 1 115 ? -3.216  2.540   -9.134  1.00 11.95 ? 115  LEU A CG  1 
ATOM   907  C  CD1 . LEU A 1 115 ? -1.785  3.052   -8.990  1.00 10.97 ? 115  LEU A CD1 1 
ATOM   908  C  CD2 . LEU A 1 115 ? -4.205  3.674   -9.035  1.00 14.47 ? 115  LEU A CD2 1 
ATOM   909  N  N   . HIS A 1 116 ? -4.404  -0.397  -12.558 1.00 8.95  ? 116  HIS A N   1 
ATOM   910  C  CA  . HIS A 1 116 ? -4.736  -0.784  -13.921 1.00 9.08  ? 116  HIS A CA  1 
ATOM   911  C  C   . HIS A 1 116 ? -6.143  -1.355  -13.994 1.00 9.68  ? 116  HIS A C   1 
ATOM   912  O  O   . HIS A 1 116 ? -6.860  -1.143  -14.973 1.00 11.09 ? 116  HIS A O   1 
ATOM   913  C  CB  . HIS A 1 116 ? -3.760  -1.851  -14.440 1.00 8.23  ? 116  HIS A CB  1 
ATOM   914  C  CG  . HIS A 1 116 ? -2.474  -1.287  -14.952 1.00 8.95  ? 116  HIS A CG  1 
ATOM   915  N  ND1 . HIS A 1 116 ? -2.423  -0.452  -16.041 1.00 11.33 ? 116  HIS A ND1 1 
ATOM   916  C  CD2 . HIS A 1 116 ? -1.195  -1.441  -14.529 1.00 9.84  ? 116  HIS A CD2 1 
ATOM   917  C  CE1 . HIS A 1 116 ? -1.167  -0.109  -16.268 1.00 10.79 ? 116  HIS A CE1 1 
ATOM   918  N  NE2 . HIS A 1 116 ? -0.404  -0.694  -15.368 1.00 10.34 ? 116  HIS A NE2 1 
ATOM   919  N  N   . SER A 1 117 ? -6.539  -2.104  -12.972 1.00 9.71  ? 117  SER A N   1 
ATOM   920  C  CA  . SER A 1 117 ? -7.851  -2.726  -13.025 1.00 11.11 ? 117  SER A CA  1 
ATOM   921  C  C   . SER A 1 117 ? -8.988  -1.729  -12.979 1.00 9.91  ? 117  SER A C   1 
ATOM   922  O  O   . SER A 1 117 ? -10.013 -1.898  -13.659 1.00 12.24 ? 117  SER A O   1 
ATOM   923  C  CB  . SER A 1 117 ? -8.006  -3.722  -11.874 1.00 12.73 ? 117  SER A CB  1 
ATOM   924  O  OG  . SER A 1 117 ? -9.271  -4.353  -11.950 1.00 17.01 ? 117  SER A OG  1 
ATOM   925  N  N   . LYS A 1 118 ? -8.817  -0.693  -12.161 1.00 10.79 ? 118  LYS A N   1 
ATOM   926  C  CA  . LYS A 1 118 ? -9.880  0.300   -12.040 1.00 11.24 ? 118  LYS A CA  1 
ATOM   927  C  C   . LYS A 1 118 ? -9.775  1.395   -13.084 1.00 11.07 ? 118  LYS A C   1 
ATOM   928  O  O   . LYS A 1 118 ? -10.756 2.094   -13.339 1.00 12.15 ? 118  LYS A O   1 
ATOM   929  C  CB  . LYS A 1 118 ? -9.855  0.913   -10.618 1.00 11.51 ? 118  LYS A CB  1 
ATOM   930  C  CG  . LYS A 1 118 ? -10.283 -0.094  -9.576  1.00 11.14 ? 118  LYS A CG  1 
ATOM   931  C  CD  . LYS A 1 118 ? -10.338 0.476   -8.146  1.00 12.65 ? 118  LYS A CD  1 
ATOM   932  C  CE  . LYS A 1 118 ? -11.587 1.293   -7.941  1.00 15.81 ? 118  LYS A CE  1 
ATOM   933  N  NZ  . LYS A 1 118 ? -12.799 0.445   -8.173  1.00 16.58 ? 118  LYS A NZ  1 
ATOM   934  N  N   . HIS A 1 119 ? -8.614  1.530   -13.718 1.00 10.64 ? 119  HIS A N   1 
ATOM   935  C  CA  . HIS A 1 119 ? -8.409  2.608   -14.684 1.00 11.52 ? 119  HIS A CA  1 
ATOM   936  C  C   . HIS A 1 119 ? -7.705  2.057   -15.921 1.00 10.22 ? 119  HIS A C   1 
ATOM   937  O  O   . HIS A 1 119 ? -6.669  2.569   -16.333 1.00 12.04 ? 119  HIS A O   1 
ATOM   938  C  CB  . HIS A 1 119 ? -7.530  3.690   -14.044 1.00 15.15 ? 119  HIS A CB  1 
ATOM   939  C  CG  . HIS A 1 119 ? -7.970  4.087   -12.663 1.00 15.86 ? 119  HIS A CG  1 
ATOM   940  N  ND1 . HIS A 1 119 ? -9.013  4.958   -12.450 1.00 15.36 ? 119  HIS A ND1 1 
ATOM   941  C  CD2 . HIS A 1 119 ? -7.529  3.717   -11.433 1.00 16.67 ? 119  HIS A CD2 1 
ATOM   942  C  CE1 . HIS A 1 119 ? -9.206  5.103   -11.146 1.00 8.95  ? 119  HIS A CE1 1 
ATOM   943  N  NE2 . HIS A 1 119 ? -8.321  4.361   -10.510 1.00 20.39 ? 119  HIS A NE2 1 
ATOM   944  N  N   . PRO A 1 120 ? -8.288  1.016   -16.535 1.00 10.05 ? 120  PRO A N   1 
ATOM   945  C  CA  . PRO A 1 120 ? -7.641  0.437   -17.717 1.00 11.42 ? 120  PRO A CA  1 
ATOM   946  C  C   . PRO A 1 120 ? -7.490  1.421   -18.850 1.00 11.53 ? 120  PRO A C   1 
ATOM   947  O  O   . PRO A 1 120 ? -8.458  2.087   -19.243 1.00 13.46 ? 120  PRO A O   1 
ATOM   948  C  CB  . PRO A 1 120 ? -8.546  -0.735  -18.074 1.00 12.87 ? 120  PRO A CB  1 
ATOM   949  C  CG  . PRO A 1 120 ? -9.936  -0.215  -17.662 1.00 12.08 ? 120  PRO A CG  1 
ATOM   950  C  CD  . PRO A 1 120 ? -9.649  0.481   -16.335 1.00 10.88 ? 120  PRO A CD  1 
ATOM   951  N  N   . GLY A 1 121 ? -6.269  1.516   -19.367 1.00 11.77 ? 121  GLY A N   1 
ATOM   952  C  CA  . GLY A 1 121 ? -6.019  2.449   -20.451 1.00 13.60 ? 121  GLY A CA  1 
ATOM   953  C  C   . GLY A 1 121 ? -5.808  3.871   -19.973 1.00 14.70 ? 121  GLY A C   1 
ATOM   954  O  O   . GLY A 1 121 ? -5.514  4.755   -20.781 1.00 15.06 ? 121  GLY A O   1 
ATOM   955  N  N   . ASP A 1 122 ? -5.949  4.097   -18.662 1.00 12.25 ? 122  ASP A N   1 
ATOM   956  C  CA  . ASP A 1 122 ? -5.771  5.425   -18.099 1.00 12.12 ? 122  ASP A CA  1 
ATOM   957  C  C   . ASP A 1 122 ? -4.680  5.476   -17.028 1.00 15.09 ? 122  ASP A C   1 
ATOM   958  O  O   . ASP A 1 122 ? -4.672  6.364   -16.171 1.00 17.43 ? 122  ASP A O   1 
ATOM   959  C  CB  . ASP A 1 122 ? -7.093  5.920   -17.516 1.00 18.22 ? 122  ASP A CB  1 
ATOM   960  C  CG  . ASP A 1 122 ? -7.016  7.353   -17.054 1.00 18.95 ? 122  ASP A CG  1 
ATOM   961  O  OD1 . ASP A 1 122 ? -6.461  8.179   -17.802 1.00 23.64 ? 122  ASP A OD1 1 
ATOM   962  O  OD2 . ASP A 1 122 ? -7.506  7.651   -15.953 1.00 24.19 ? 122  ASP A OD2 1 
ATOM   963  N  N   . PHE A 1 123 ? -3.763  4.525   -17.073 1.00 11.43 ? 123  PHE A N   1 
ATOM   964  C  CA  . PHE A 1 123 ? -2.636  4.480   -16.135 1.00 9.12  ? 123  PHE A CA  1 
ATOM   965  C  C   . PHE A 1 123 ? -1.477  4.150   -17.083 1.00 10.65 ? 123  PHE A C   1 
ATOM   966  O  O   . PHE A 1 123 ? -1.078  2.996   -17.255 1.00 12.14 ? 123  PHE A O   1 
ATOM   967  C  CB  . PHE A 1 123 ? -2.885  3.375   -15.094 1.00 11.30 ? 123  PHE A CB  1 
ATOM   968  C  CG  . PHE A 1 123 ? -1.791  3.239   -14.053 1.00 10.93 ? 123  PHE A CG  1 
ATOM   969  C  CD1 . PHE A 1 123 ? -1.142  4.361   -13.536 1.00 10.16 ? 123  PHE A CD1 1 
ATOM   970  C  CD2 . PHE A 1 123 ? -1.437  1.988   -13.572 1.00 10.55 ? 123  PHE A CD2 1 
ATOM   971  C  CE1 . PHE A 1 123 ? -0.159  4.220   -12.552 1.00 12.08 ? 123  PHE A CE1 1 
ATOM   972  C  CE2 . PHE A 1 123 ? -0.466  1.840   -12.597 1.00 11.04 ? 123  PHE A CE2 1 
ATOM   973  C  CZ  . PHE A 1 123 ? 0.180   2.968   -12.084 1.00 10.40 ? 123  PHE A CZ  1 
ATOM   974  N  N   . GLY A 1 124 ? -0.935  5.214   -17.671 1.00 11.62 ? 124  GLY A N   1 
ATOM   975  C  CA  . GLY A 1 124 ? 0.102   5.110   -18.679 1.00 13.79 ? 124  GLY A CA  1 
ATOM   976  C  C   . GLY A 1 124 ? 1.449   4.598   -18.250 1.00 11.31 ? 124  GLY A C   1 
ATOM   977  O  O   . GLY A 1 124 ? 1.723   4.477   -17.066 1.00 11.83 ? 124  GLY A O   1 
ATOM   978  N  N   . ALA A 1 125 ? 2.305   4.313   -19.222 1.00 10.81 ? 125  ALA A N   1 
ATOM   979  C  CA  . ALA A 1 125 ? 3.614   3.785   -18.924 1.00 10.13 ? 125  ALA A CA  1 
ATOM   980  C  C   . ALA A 1 125 ? 4.419   4.740   -18.062 1.00 10.55 ? 125  ALA A C   1 
ATOM   981  O  O   . ALA A 1 125 ? 5.112   4.301   -17.142 1.00 10.99 ? 125  ALA A O   1 
ATOM   982  C  CB  . ALA A 1 125 ? 4.360   3.465   -20.232 1.00 13.12 ? 125  ALA A CB  1 
ATOM   983  N  N   . ASP A 1 126 ? 4.343   6.033   -18.340 1.00 10.52 ? 126  ASP A N   1 
ATOM   984  C  CA  . ASP A 1 126 ? 5.090   6.982   -17.506 1.00 11.65 ? 126  ASP A CA  1 
ATOM   985  C  C   . ASP A 1 126 ? 4.540   6.986   -16.080 1.00 10.42 ? 126  ASP A C   1 
ATOM   986  O  O   . ASP A 1 126 ? 5.325   6.987   -15.104 1.00 11.60 ? 126  ASP A O   1 
ATOM   987  C  CB  . ASP A 1 126 ? 5.059   8.394   -18.119 1.00 17.04 ? 126  ASP A CB  1 
ATOM   988  C  CG  . ASP A 1 126 ? 3.648   8.947   -18.298 1.00 22.20 ? 126  ASP A CG  1 
ATOM   989  O  OD1 . ASP A 1 126 ? 2.660   8.182   -18.269 1.00 22.31 ? 126  ASP A OD1 1 
ATOM   990  O  OD2 . ASP A 1 126 ? 3.526   10.180  -18.493 1.00 30.17 ? 126  ASP A OD2 1 
ATOM   991  N  N   . ALA A 1 127 ? 3.214   6.950   -15.945 1.00 9.75  ? 127  ALA A N   1 
ATOM   992  C  CA  . ALA A 1 127 ? 2.575   6.945   -14.629 1.00 11.20 ? 127  ALA A CA  1 
ATOM   993  C  C   . ALA A 1 127 ? 2.940   5.689   -13.839 1.00 11.18 ? 127  ALA A C   1 
ATOM   994  O  O   . ALA A 1 127 ? 3.242   5.744   -12.629 1.00 10.72 ? 127  ALA A O   1 
ATOM   995  C  CB  . ALA A 1 127 ? 1.060   7.047   -14.785 1.00 11.77 ? 127  ALA A CB  1 
ATOM   996  N  N   . GLN A 1 128 ? 2.945   4.549   -14.514 1.00 10.11 ? 128  GLN A N   1 
ATOM   997  C  CA  . GLN A 1 128 ? 3.312   3.326   -13.824 1.00 9.86  ? 128  GLN A CA  1 
ATOM   998  C  C   . GLN A 1 128 ? 4.762   3.417   -13.373 1.00 9.88  ? 128  GLN A C   1 
ATOM   999  O  O   . GLN A 1 128 ? 5.109   3.012   -12.259 1.00 9.81  ? 128  GLN A O   1 
ATOM   1000 C  CB  . GLN A 1 128 ? 3.140   2.100   -14.725 1.00 11.32 ? 128  GLN A CB  1 
ATOM   1001 C  CG  . GLN A 1 128 ? 3.603   0.836   -14.018 1.00 12.69 ? 128  GLN A CG  1 
ATOM   1002 C  CD  . GLN A 1 128 ? 3.316   -0.417  -14.785 1.00 9.28  ? 128  GLN A CD  1 
ATOM   1003 O  OE1 . GLN A 1 128 ? 2.420   -0.451  -15.635 1.00 10.75 ? 128  GLN A OE1 1 
ATOM   1004 N  NE2 . GLN A 1 128 ? 4.064   -1.480  -14.476 1.00 12.77 ? 128  GLN A NE2 1 
ATOM   1005 N  N   . GLY A 1 129 ? 5.632   3.941   -14.235 1.00 9.34  ? 129  GLY A N   1 
ATOM   1006 C  CA  . GLY A 1 129 ? 7.028   4.062   -13.838 1.00 10.83 ? 129  GLY A CA  1 
ATOM   1007 C  C   . GLY A 1 129 ? 7.199   4.937   -12.601 1.00 8.39  ? 129  GLY A C   1 
ATOM   1008 O  O   . GLY A 1 129 ? 7.948   4.610   -11.673 1.00 10.54 ? 129  GLY A O   1 
ATOM   1009 N  N   . ALA A 1 130 ? 6.535   6.077   -12.587 1.00 8.19  ? 130  ALA A N   1 
ATOM   1010 C  CA  . ALA A 1 130 ? 6.661   7.003   -11.453 1.00 8.99  ? 130  ALA A CA  1 
ATOM   1011 C  C   . ALA A 1 130 ? 6.077   6.417   -10.184 1.00 8.96  ? 130  ALA A C   1 
ATOM   1012 O  O   . ALA A 1 130 ? 6.716   6.469   -9.118  1.00 9.64  ? 130  ALA A O   1 
ATOM   1013 C  CB  . ALA A 1 130 ? 5.970   8.324   -11.785 1.00 10.44 ? 130  ALA A CB  1 
ATOM   1014 N  N   . MET A 1 131 ? 4.879   5.859   -10.275 1.00 8.96  ? 131  MET A N   1 
ATOM   1015 C  CA  . MET A 1 131 ? 4.269   5.250   -9.089  1.00 7.66  ? 131  MET A CA  1 
ATOM   1016 C  C   . MET A 1 131 ? 5.106   4.107   -8.563  1.00 8.93  ? 131  MET A C   1 
ATOM   1017 O  O   . MET A 1 131 ? 5.257   3.932   -7.350  1.00 9.07  ? 131  MET A O   1 
ATOM   1018 C  CB  . MET A 1 131 ? 2.842   4.756   -9.384  1.00 11.12 ? 131  MET A CB  1 
ATOM   1019 C  CG  . MET A 1 131 ? 2.119   4.225   -8.153  1.00 11.50 ? 131  MET A CG  1 
ATOM   1020 S  SD  . MET A 1 131 ? 1.969   5.446   -6.780  1.00 15.72 ? 131  MET A SD  1 
ATOM   1021 C  CE  . MET A 1 131 ? 0.785   6.363   -7.334  1.00 19.61 ? 131  MET A CE  1 
ATOM   1022 N  N   . THR A 1 132 ? 5.682   3.324   -9.463  1.00 9.01  ? 132  THR A N   1 
ATOM   1023 C  CA  . THR A 1 132 ? 6.535   2.217   -9.036  1.00 8.99  ? 132  THR A CA  1 
ATOM   1024 C  C   . THR A 1 132 ? 7.740   2.776   -8.268  1.00 8.26  ? 132  THR A C   1 
ATOM   1025 O  O   . THR A 1 132 ? 8.108   2.236   -7.202  1.00 9.87  ? 132  THR A O   1 
ATOM   1026 C  CB  . THR A 1 132 ? 7.000   1.412   -10.268 1.00 9.89  ? 132  THR A CB  1 
ATOM   1027 O  OG1 . THR A 1 132 ? 5.859   0.796   -10.845 1.00 10.50 ? 132  THR A OG1 1 
ATOM   1028 C  CG2 . THR A 1 132 ? 7.968   0.321   -9.888  1.00 11.91 ? 132  THR A CG2 1 
ATOM   1029 N  N   . LYS A 1 133 ? 8.367   3.832   -8.797  1.00 9.17  ? 133  LYS A N   1 
ATOM   1030 C  CA  . LYS A 1 133 ? 9.504   4.426   -8.070  1.00 10.08 ? 133  LYS A CA  1 
ATOM   1031 C  C   . LYS A 1 133 ? 9.085   4.912   -6.693  1.00 8.89  ? 133  LYS A C   1 
ATOM   1032 O  O   . LYS A 1 133 ? 9.842   4.789   -5.717  1.00 10.52 ? 133  LYS A O   1 
ATOM   1033 C  CB  . LYS A 1 133 ? 10.123  5.606   -8.821  1.00 12.93 ? 133  LYS A CB  1 
ATOM   1034 C  CG  . LYS A 1 133 ? 11.096  5.186   -9.946  1.00 13.15 ? 133  LYS A CG  1 
ATOM   1035 C  CD  . LYS A 1 133 ? 11.800  6.397   -10.615 1.00 14.50 ? 133  LYS A CD  1 
ATOM   1036 C  CE  . LYS A 1 133 ? 12.735  7.114   -9.675  1.00 19.04 ? 133  LYS A CE  1 
ATOM   1037 N  NZ  . LYS A 1 133 ? 13.650  8.038   -10.444 1.00 22.17 ? 133  LYS A NZ  1 
ATOM   1038 N  N   . ALA A 1 134 ? 7.904   5.509   -6.595  1.00 8.42  ? 134  ALA A N   1 
ATOM   1039 C  CA  . ALA A 1 134 ? 7.460   6.006   -5.299  1.00 8.82  ? 134  ALA A CA  1 
ATOM   1040 C  C   . ALA A 1 134 ? 7.231   4.887   -4.305  1.00 8.21  ? 134  ALA A C   1 
ATOM   1041 O  O   . ALA A 1 134 ? 7.544   5.023   -3.113  1.00 9.97  ? 134  ALA A O   1 
ATOM   1042 C  CB  . ALA A 1 134 ? 6.190   6.816   -5.463  1.00 8.67  ? 134  ALA A CB  1 
ATOM   1043 N  N   . LEU A 1 135 ? 6.650   3.790   -4.774  1.00 8.84  ? 135  LEU A N   1 
ATOM   1044 C  CA  . LEU A 1 135 ? 6.361   2.661   -3.893  1.00 7.63  ? 135  LEU A CA  1 
ATOM   1045 C  C   . LEU A 1 135 ? 7.656   1.973   -3.499  1.00 9.53  ? 135  LEU A C   1 
ATOM   1046 O  O   . LEU A 1 135 ? 7.781   1.426   -2.396  1.00 10.20 ? 135  LEU A O   1 
ATOM   1047 C  CB  . LEU A 1 135 ? 5.401   1.666   -4.575  1.00 8.84  ? 135  LEU A CB  1 
ATOM   1048 C  CG  . LEU A 1 135 ? 3.995   2.251   -4.778  1.00 10.98 ? 135  LEU A CG  1 
ATOM   1049 C  CD1 . LEU A 1 135 ? 3.201   1.330   -5.734  1.00 11.93 ? 135  LEU A CD1 1 
ATOM   1050 C  CD2 . LEU A 1 135 ? 3.257   2.400   -3.433  1.00 13.67 ? 135  LEU A CD2 1 
ATOM   1051 N  N   . GLU A 1 136 ? 8.628   1.946   -4.406  1.00 7.93  ? 136  GLU A N   1 
ATOM   1052 C  CA  . GLU A 1 136 ? 9.920   1.346   -4.078  1.00 9.25  ? 136  GLU A CA  1 
ATOM   1053 C  C   . GLU A 1 136 ? 10.634  2.198   -3.024  1.00 9.31  ? 136  GLU A C   1 
ATOM   1054 O  O   . GLU A 1 136 ? 11.278  1.662   -2.124  1.00 9.71  ? 136  GLU A O   1 
ATOM   1055 C  CB  . GLU A 1 136 ? 10.798  1.250   -5.325  1.00 10.06 ? 136  GLU A CB  1 
ATOM   1056 C  CG  . GLU A 1 136 ? 10.354  0.131   -6.246  1.00 10.92 ? 136  GLU A CG  1 
ATOM   1057 C  CD  . GLU A 1 136 ? 11.129  0.086   -7.541  1.00 13.77 ? 136  GLU A CD  1 
ATOM   1058 O  OE1 . GLU A 1 136 ? 11.493  1.151   -8.072  1.00 15.69 ? 136  GLU A OE1 1 
ATOM   1059 O  OE2 . GLU A 1 136 ? 11.341  -1.035  -8.041  1.00 21.73 ? 136  GLU A OE2 1 
ATOM   1060 N  N   . LEU A 1 137 ? 10.565  3.514   -3.161  1.00 9.04  ? 137  LEU A N   1 
ATOM   1061 C  CA  . LEU A 1 137 ? 11.198  4.411   -2.176  1.00 10.21 ? 137  LEU A CA  1 
ATOM   1062 C  C   . LEU A 1 137 ? 10.555  4.166   -0.804  1.00 10.09 ? 137  LEU A C   1 
ATOM   1063 O  O   . LEU A 1 137 ? 11.222  4.055   0.212   1.00 10.93 ? 137  LEU A O   1 
ATOM   1064 C  CB  . LEU A 1 137 ? 11.009  5.873   -2.617  1.00 10.18 ? 137  LEU A CB  1 
ATOM   1065 C  CG  . LEU A 1 137 ? 11.574  6.921   -1.645  1.00 12.42 ? 137  LEU A CG  1 
ATOM   1066 C  CD1 . LEU A 1 137 ? 13.087  6.791   -1.499  1.00 14.32 ? 137  LEU A CD1 1 
ATOM   1067 C  CD2 . LEU A 1 137 ? 11.239  8.288   -2.180  1.00 13.15 ? 137  LEU A CD2 1 
ATOM   1068 N  N   . PHE A 1 138 ? 9.236   4.121   -0.781  1.00 9.25  ? 138  PHE A N   1 
ATOM   1069 C  CA  . PHE A 1 138 ? 8.476   3.841   0.437   1.00 10.57 ? 138  PHE A CA  1 
ATOM   1070 C  C   . PHE A 1 138 ? 8.959   2.530   1.069   1.00 10.03 ? 138  PHE A C   1 
ATOM   1071 O  O   . PHE A 1 138 ? 9.345   2.482   2.233   1.00 10.21 ? 138  PHE A O   1 
ATOM   1072 C  CB  . PHE A 1 138 ? 7.002   3.711   0.032   1.00 10.18 ? 138  PHE A CB  1 
ATOM   1073 C  CG  . PHE A 1 138 ? 6.088   3.171   1.103   1.00 10.01 ? 138  PHE A CG  1 
ATOM   1074 C  CD1 . PHE A 1 138 ? 5.753   3.945   2.215   1.00 12.66 ? 138  PHE A CD1 1 
ATOM   1075 C  CD2 . PHE A 1 138 ? 5.510   1.923   0.966   1.00 12.89 ? 138  PHE A CD2 1 
ATOM   1076 C  CE1 . PHE A 1 138 ? 4.842   3.473   3.167   1.00 19.00 ? 138  PHE A CE1 1 
ATOM   1077 C  CE2 . PHE A 1 138 ? 4.608   1.446   1.911   1.00 15.11 ? 138  PHE A CE2 1 
ATOM   1078 C  CZ  . PHE A 1 138 ? 4.270   2.220   3.007   1.00 15.21 ? 138  PHE A CZ  1 
ATOM   1079 N  N   . ARG A 1 139 ? 8.970   1.469   0.275   1.00 9.88  ? 139  ARG A N   1 
ATOM   1080 C  CA  . ARG A 1 139 ? 9.365   0.145   0.736   1.00 12.28 ? 139  ARG A CA  1 
ATOM   1081 C  C   . ARG A 1 139 ? 10.818  0.103   1.185   1.00 10.83 ? 139  ARG A C   1 
ATOM   1082 O  O   . ARG A 1 139 ? 11.164  -0.511  2.208   1.00 10.86 ? 139  ARG A O   1 
ATOM   1083 C  CB  . ARG A 1 139 ? 9.137   -0.846  -0.417  1.00 15.71 ? 139  ARG A CB  1 
ATOM   1084 C  CG  . ARG A 1 139 ? 9.293   -2.289  -0.038  1.00 19.54 ? 139  ARG A CG  1 
ATOM   1085 C  CD  . ARG A 1 139 ? 8.537   -3.171  -1.021  1.00 9.96  ? 139  ARG A CD  1 
ATOM   1086 N  NE  . ARG A 1 139 ? 9.199   -3.429  -2.303  1.00 10.25 ? 139  ARG A NE  1 
ATOM   1087 C  CZ  . ARG A 1 139 ? 8.801   -2.948  -3.474  1.00 11.89 ? 139  ARG A CZ  1 
ATOM   1088 N  NH1 . ARG A 1 139 ? 7.744   -2.142  -3.571  1.00 13.64 ? 139  ARG A NH1 1 
ATOM   1089 N  NH2 . ARG A 1 139 ? 9.425   -3.324  -4.593  1.00 12.58 ? 139  ARG A NH2 1 
ATOM   1090 N  N   . ASN A 1 140 ? 11.678  0.782   0.441   1.00 9.86  ? 140  ASN A N   1 
ATOM   1091 C  CA  . ASN A 1 140 ? 13.089  0.756   0.773   1.00 11.13 ? 140  ASN A CA  1 
ATOM   1092 C  C   . ASN A 1 140 ? 13.396  1.524   2.061   1.00 10.36 ? 140  ASN A C   1 
ATOM   1093 O  O   . ASN A 1 140 ? 14.271  1.130   2.858   1.00 10.94 ? 140  ASN A O   1 
ATOM   1094 C  CB  . ASN A 1 140 ? 13.880  1.312   -0.405  1.00 10.28 ? 140  ASN A CB  1 
ATOM   1095 C  CG  . ASN A 1 140 ? 15.350  1.011   -0.282  1.00 13.36 ? 140  ASN A CG  1 
ATOM   1096 O  OD1 . ASN A 1 140 ? 16.153  1.923   -0.096  1.00 16.37 ? 140  ASN A OD1 1 
ATOM   1097 N  ND2 . ASN A 1 140 ? 15.712  -0.268  -0.359  1.00 14.15 ? 140  ASN A ND2 1 
ATOM   1098 N  N   . ASP A 1 141 ? 12.685  2.622   2.280   1.00 10.65 ? 141  ASP A N   1 
ATOM   1099 C  CA  . ASP A 1 141 ? 12.911  3.393   3.506   1.00 9.44  ? 141  ASP A CA  1 
ATOM   1100 C  C   . ASP A 1 141 ? 12.361  2.596   4.691   1.00 13.86 ? 141  ASP A C   1 
ATOM   1101 O  O   . ASP A 1 141 ? 12.939  2.638   5.794   1.00 12.16 ? 141  ASP A O   1 
ATOM   1102 C  CB  . ASP A 1 141 ? 12.296  4.799   3.370   1.00 10.44 ? 141  ASP A CB  1 
ATOM   1103 C  CG  . ASP A 1 141 ? 13.160  5.747   2.513   1.00 13.47 ? 141  ASP A CG  1 
ATOM   1104 O  OD1 . ASP A 1 141 ? 14.301  5.388   2.145   1.00 13.36 ? 141  ASP A OD1 1 
ATOM   1105 O  OD2 . ASP A 1 141 ? 12.715  6.872   2.223   1.00 13.73 ? 141  ASP A OD2 1 
ATOM   1106 N  N   . ILE A 1 142 ? 11.266  1.855   4.502   1.00 10.82 ? 142  ILE A N   1 
ATOM   1107 C  CA  . ILE A 1 142 ? 10.777  0.992   5.585   1.00 11.28 ? 142  ILE A CA  1 
ATOM   1108 C  C   . ILE A 1 142 ? 11.836  -0.096  5.812   1.00 11.10 ? 142  ILE A C   1 
ATOM   1109 O  O   . ILE A 1 142 ? 12.133  -0.436  6.954   1.00 11.46 ? 142  ILE A O   1 
ATOM   1110 C  CB  . ILE A 1 142 ? 9.435   0.312   5.219   1.00 9.45  ? 142  ILE A CB  1 
ATOM   1111 C  CG1 . ILE A 1 142 ? 8.332   1.355   5.303   1.00 12.51 ? 142  ILE A CG1 1 
ATOM   1112 C  CG2 . ILE A 1 142 ? 9.143   -0.847  6.178   1.00 10.46 ? 142  ILE A CG2 1 
ATOM   1113 C  CD1 . ILE A 1 142 ? 7.035   0.919   4.677   1.00 13.79 ? 142  ILE A CD1 1 
ATOM   1114 N  N   . ALA A 1 143 ? 12.387  -0.671  4.739   1.00 10.91 ? 143  ALA A N   1 
ATOM   1115 C  CA  . ALA A 1 143 ? 13.393  -1.713  4.900   1.00 11.45 ? 143  ALA A CA  1 
ATOM   1116 C  C   . ALA A 1 143 ? 14.575  -1.224  5.722   1.00 10.53 ? 143  ALA A C   1 
ATOM   1117 O  O   . ALA A 1 143 ? 15.141  -1.984  6.515   1.00 10.06 ? 143  ALA A O   1 
ATOM   1118 C  CB  . ALA A 1 143 ? 13.884  -2.225  3.534   1.00 12.67 ? 143  ALA A CB  1 
ATOM   1119 N  N   . ALA A 1 144 ? 14.977  0.028   5.545   1.00 9.41  ? 144  ALA A N   1 
ATOM   1120 C  CA  . ALA A 1 144 ? 16.106  0.521   6.331   1.00 11.23 ? 144  ALA A CA  1 
ATOM   1121 C  C   . ALA A 1 144 ? 15.746  0.527   7.819   1.00 9.43  ? 144  ALA A C   1 
ATOM   1122 O  O   . ALA A 1 144 ? 16.608  0.220   8.665   1.00 10.34 ? 144  ALA A O   1 
ATOM   1123 C  CB  . ALA A 1 144 ? 16.505  1.912   5.875   1.00 12.39 ? 144  ALA A CB  1 
ATOM   1124 N  N   . LYS A 1 145 ? 14.510  0.902   8.151   1.00 9.62  ? 145  LYS A N   1 
ATOM   1125 C  CA  . LYS A 1 145 ? 14.085  0.887   9.552   1.00 10.06 ? 145  LYS A CA  1 
ATOM   1126 C  C   . LYS A 1 145 ? 13.997  -0.544  10.067  1.00 11.50 ? 145  LYS A C   1 
ATOM   1127 O  O   . LYS A 1 145 ? 14.303  -0.813  11.237  1.00 10.62 ? 145  LYS A O   1 
ATOM   1128 C  CB  . LYS A 1 145 ? 12.718  1.561   9.711   1.00 10.79 ? 145  LYS A CB  1 
ATOM   1129 C  CG  . LYS A 1 145 ? 12.666  3.002   9.185   1.00 14.09 ? 145  LYS A CG  1 
ATOM   1130 C  CD  . LYS A 1 145 ? 13.589  3.919   9.970   1.00 16.98 ? 145  LYS A CD  1 
ATOM   1131 C  CE  . LYS A 1 145 ? 13.515  5.358   9.448   1.00 19.23 ? 145  LYS A CE  1 
ATOM   1132 N  NZ  . LYS A 1 145 ? 14.596  6.151   10.111  1.00 23.35 ? 145  LYS A NZ  1 
ATOM   1133 N  N   . TYR A 1 146 ? 13.571  -1.464  9.206   1.00 9.32  ? 146  TYR A N   1 
ATOM   1134 C  CA  . TYR A 1 146 ? 13.494  -2.866  9.614   1.00 11.14 ? 146  TYR A CA  1 
ATOM   1135 C  C   . TYR A 1 146 ? 14.908  -3.361  9.926   1.00 11.48 ? 146  TYR A C   1 
ATOM   1136 O  O   . TYR A 1 146 ? 15.103  -4.097  10.885  1.00 11.34 ? 146  TYR A O   1 
ATOM   1137 C  CB  . TYR A 1 146 ? 12.922  -3.720  8.487   1.00 9.27  ? 146  TYR A CB  1 
ATOM   1138 C  CG  . TYR A 1 146 ? 11.410  -3.787  8.405   1.00 9.64  ? 146  TYR A CG  1 
ATOM   1139 C  CD1 . TYR A 1 146 ? 10.600  -2.829  8.995   1.00 10.73 ? 146  TYR A CD1 1 
ATOM   1140 C  CD2 . TYR A 1 146 ? 10.794  -4.840  7.748   1.00 9.94  ? 146  TYR A CD2 1 
ATOM   1141 C  CE1 . TYR A 1 146 ? 9.198   -2.921  8.934   1.00 10.54 ? 146  TYR A CE1 1 
ATOM   1142 C  CE2 . TYR A 1 146 ? 9.408   -4.942  7.692   1.00 10.91 ? 146  TYR A CE2 1 
ATOM   1143 C  CZ  . TYR A 1 146 ? 8.618   -3.991  8.289   1.00 9.45  ? 146  TYR A CZ  1 
ATOM   1144 O  OH  . TYR A 1 146 ? 7.244   -4.156  8.308   1.00 10.94 ? 146  TYR A OH  1 
ATOM   1145 N  N   . LYS A 1 147 ? 15.899  -2.963  9.128   1.00 9.84  ? 147  LYS A N   1 
ATOM   1146 C  CA  . LYS A 1 147 ? 17.264  -3.430  9.378   1.00 10.24 ? 147  LYS A CA  1 
ATOM   1147 C  C   . LYS A 1 147 ? 17.751  -2.874  10.701  1.00 10.08 ? 147  LYS A C   1 
ATOM   1148 O  O   . LYS A 1 147 ? 18.428  -3.599  11.456  1.00 12.09 ? 147  LYS A O   1 
ATOM   1149 C  CB  . LYS A 1 147 ? 18.210  -2.990  8.270   1.00 9.68  ? 147  LYS A CB  1 
ATOM   1150 C  CG  . LYS A 1 147 ? 19.649  -3.454  8.501   1.00 15.87 ? 147  LYS A CG  1 
ATOM   1151 C  CD  . LYS A 1 147 ? 20.497  -3.197  7.255   1.00 19.09 ? 147  LYS A CD  1 
ATOM   1152 C  CE  . LYS A 1 147 ? 21.992  -3.497  7.474   1.00 25.89 ? 147  LYS A CE  1 
ATOM   1153 N  NZ  . LYS A 1 147 ? 22.660  -2.437  8.286   1.00 28.03 ? 147  LYS A NZ  1 
ATOM   1154 N  N   . GLU A 1 148 ? 17.434  -1.606  10.993  1.00 9.31  ? 148  GLU A N   1 
ATOM   1155 C  CA  . GLU A 1 148 ? 17.829  -1.033  12.281  1.00 11.42 ? 148  GLU A CA  1 
ATOM   1156 C  C   . GLU A 1 148 ? 17.326  -1.925  13.422  1.00 12.11 ? 148  GLU A C   1 
ATOM   1157 O  O   . GLU A 1 148 ? 18.062  -2.209  14.371  1.00 12.60 ? 148  GLU A O   1 
ATOM   1158 C  CB  . GLU A 1 148 ? 17.249  0.368   12.500  1.00 16.35 ? 148  GLU A CB  1 
ATOM   1159 C  CG  . GLU A 1 148 ? 17.656  1.414   11.499  1.00 21.26 ? 148  GLU A CG  1 
ATOM   1160 C  CD  . GLU A 1 148 ? 17.128  2.802   11.864  1.00 24.07 ? 148  GLU A CD  1 
ATOM   1161 O  OE1 . GLU A 1 148 ? 16.159  2.893   12.652  1.00 19.84 ? 148  GLU A OE1 1 
ATOM   1162 O  OE2 . GLU A 1 148 ? 17.675  3.804   11.348  1.00 27.72 ? 148  GLU A OE2 1 
ATOM   1163 N  N   . LEU A 1 149 ? 16.073  -2.370  13.317  1.00 10.36 ? 149  LEU A N   1 
ATOM   1164 C  CA  . LEU A 1 149 ? 15.448  -3.198  14.354  1.00 10.48 ? 149  LEU A CA  1 
ATOM   1165 C  C   . LEU A 1 149 ? 15.867  -4.655  14.295  1.00 11.78 ? 149  LEU A C   1 
ATOM   1166 O  O   . LEU A 1 149 ? 15.553  -5.433  15.195  1.00 14.14 ? 149  LEU A O   1 
ATOM   1167 C  CB  . LEU A 1 149 ? 13.931  -3.118  14.211  1.00 12.42 ? 149  LEU A CB  1 
ATOM   1168 C  CG  . LEU A 1 149 ? 13.333  -1.719  14.319  1.00 9.37  ? 149  LEU A CG  1 
ATOM   1169 C  CD1 . LEU A 1 149 ? 11.883  -1.778  13.836  1.00 14.15 ? 149  LEU A CD1 1 
ATOM   1170 C  CD2 . LEU A 1 149 ? 13.366  -1.222  15.754  1.00 13.10 ? 149  LEU A CD2 1 
ATOM   1171 N  N   . GLY A 1 150 ? 16.539  -5.037  13.214  1.00 12.35 ? 150  GLY A N   1 
ATOM   1172 C  CA  . GLY A 1 150 ? 16.926  -6.424  13.048  1.00 11.23 ? 150  GLY A CA  1 
ATOM   1173 C  C   . GLY A 1 150 ? 15.709  -7.279  12.767  1.00 12.65 ? 150  GLY A C   1 
ATOM   1174 O  O   . GLY A 1 150 ? 15.711  -8.478  13.033  1.00 13.42 ? 150  GLY A O   1 
ATOM   1175 N  N   . PHE A 1 151 ? 14.670  -6.667  12.199  1.00 11.73 ? 151  PHE A N   1 
ATOM   1176 C  CA  . PHE A 1 151 ? 13.440  -7.406  11.925  1.00 12.33 ? 151  PHE A CA  1 
ATOM   1177 C  C   . PHE A 1 151 ? 13.440  -8.084  10.585  1.00 14.15 ? 151  PHE A C   1 
ATOM   1178 O  O   . PHE A 1 151 ? 13.774  -7.480  9.563   1.00 15.65 ? 151  PHE A O   1 
ATOM   1179 C  CB  . PHE A 1 151 ? 12.219  -6.483  11.963  1.00 12.04 ? 151  PHE A CB  1 
ATOM   1180 C  CG  . PHE A 1 151 ? 10.928  -7.191  11.688  1.00 13.67 ? 151  PHE A CG  1 
ATOM   1181 C  CD1 . PHE A 1 151 ? 10.417  -8.106  12.598  1.00 14.42 ? 151  PHE A CD1 1 
ATOM   1182 C  CD2 . PHE A 1 151 ? 10.245  -6.967  10.508  1.00 15.25 ? 151  PHE A CD2 1 
ATOM   1183 C  CE1 . PHE A 1 151 ? 9.250   -8.798  12.331  1.00 18.19 ? 151  PHE A CE1 1 
ATOM   1184 C  CE2 . PHE A 1 151 ? 9.075   -7.657  10.237  1.00 14.57 ? 151  PHE A CE2 1 
ATOM   1185 C  CZ  . PHE A 1 151 ? 8.584   -8.571  11.147  1.00 16.24 ? 151  PHE A CZ  1 
ATOM   1186 N  N   . GLN A 1 152 ? 13.036  -9.347  10.604  1.00 13.04 ? 152  GLN A N   1 
ATOM   1187 C  CA  . GLN A 1 152 ? 12.932  -10.134 9.373   1.00 17.38 ? 152  GLN A CA  1 
ATOM   1188 C  C   . GLN A 1 152 ? 11.500  -10.657 9.227   1.00 22.04 ? 152  GLN A C   1 
ATOM   1189 O  O   . GLN A 1 152 ? 10.937  -10.631 8.131   1.00 26.74 ? 152  GLN A O   1 
ATOM   1190 C  CB  . GLN A 1 152 ? 13.918  -11.304 9.400   1.00 18.73 ? 152  GLN A CB  1 
ATOM   1191 C  CG  . GLN A 1 152 ? 15.373  -10.888 9.190   1.00 20.09 ? 152  GLN A CG  1 
ATOM   1192 C  CD  . GLN A 1 152 ? 15.673  -10.516 7.751   1.00 17.55 ? 152  GLN A CD  1 
ATOM   1193 O  OE1 . GLN A 1 152 ? 14.829  -10.668 6.863   1.00 20.18 ? 152  GLN A OE1 1 
ATOM   1194 N  NE2 . GLN A 1 152 ? 16.885  -10.038 7.510   1.00 16.55 ? 152  GLN A NE2 1 
ATOM   1195 N  N   . GLY A 1 153 ? 10.913  -11.130 10.327  1.00 20.92 ? 153  GLY A N   1 
ATOM   1196 C  CA  . GLY A 1 153 ? 9.548   -11.651 10.273  1.00 21.47 ? 153  GLY A CA  1 
ATOM   1197 C  C   . GLY A 1 153 ? 9.034   -12.136 11.625  1.00 28.77 ? 153  GLY A C   1 
ATOM   1198 O  O   . GLY A 1 153 ? 9.822   -12.150 12.592  1.00 29.26 ? 153  GLY A O   1 
ATOM   1199 O  OXT . GLY A 1 153 ? 7.839   -12.514 11.735  1.00 30.18 ? 153  GLY A OXT 1 
HETATM 1200 C  CHA . HEM B 2 .   ? -2.360  -1.303  10.872  1.00 8.35  ? 1154 HEM A CHA 1 
HETATM 1201 C  CHB . HEM B 2 .   ? -0.838  1.422   7.160   1.00 8.50  ? 1154 HEM A CHB 1 
HETATM 1202 C  CHC . HEM B 2 .   ? 0.764   -2.539  4.867   1.00 7.80  ? 1154 HEM A CHC 1 
HETATM 1203 C  CHD . HEM B 2 .   ? -0.788  -5.252  8.556   1.00 8.95  ? 1154 HEM A CHD 1 
HETATM 1204 C  C1A . HEM B 2 .   ? -2.049  -0.235  10.068  1.00 8.21  ? 1154 HEM A C1A 1 
HETATM 1205 C  C2A . HEM B 2 .   ? -2.291  1.142   10.414  1.00 7.54  ? 1154 HEM A C2A 1 
HETATM 1206 C  C3A . HEM B 2 .   ? -1.919  1.916   9.370   1.00 8.24  ? 1154 HEM A C3A 1 
HETATM 1207 C  C4A . HEM B 2 .   ? -1.396  1.017   8.368   1.00 9.46  ? 1154 HEM A C4A 1 
HETATM 1208 C  CMA . HEM B 2 .   ? -2.009  3.447   9.248   1.00 9.67  ? 1154 HEM A CMA 1 
HETATM 1209 C  CAA . HEM B 2 .   ? -2.883  1.641   11.717  1.00 9.08  ? 1154 HEM A CAA 1 
HETATM 1210 C  CBA . HEM B 2 .   ? -1.782  2.281   12.581  1.00 9.36  ? 1154 HEM A CBA 1 
HETATM 1211 C  CGA . HEM B 2 .   ? -0.666  1.329   12.919  1.00 10.43 ? 1154 HEM A CGA 1 
HETATM 1212 O  O1A . HEM B 2 .   ? -0.961  0.264   13.522  1.00 12.58 ? 1154 HEM A O1A 1 
HETATM 1213 O  O2A . HEM B 2 .   ? 0.505   1.632   12.604  1.00 12.04 ? 1154 HEM A O2A 1 
HETATM 1214 C  C1B . HEM B 2 .   ? -0.273  0.597   6.191   1.00 8.90  ? 1154 HEM A C1B 1 
HETATM 1215 C  C2B . HEM B 2 .   ? 0.271   1.029   4.960   1.00 9.46  ? 1154 HEM A C2B 1 
HETATM 1216 C  C3B . HEM B 2 .   ? 0.760   -0.071  4.321   1.00 8.86  ? 1154 HEM A C3B 1 
HETATM 1217 C  C4B . HEM B 2 .   ? 0.494   -1.206  5.175   1.00 9.61  ? 1154 HEM A C4B 1 
HETATM 1218 C  CMB . HEM B 2 .   ? 0.397   2.503   4.519   1.00 9.39  ? 1154 HEM A CMB 1 
HETATM 1219 C  CAB . HEM B 2 .   ? 1.344   -0.142  3.036   1.00 8.27  ? 1154 HEM A CAB 1 
HETATM 1220 C  CBB . HEM B 2 .   ? 0.915   0.604   1.989   1.00 9.84  ? 1154 HEM A CBB 1 
HETATM 1221 C  C1C . HEM B 2 .   ? 0.454   -3.627  5.637   1.00 7.55  ? 1154 HEM A C1C 1 
HETATM 1222 C  C2C . HEM B 2 .   ? 0.607   -4.963  5.250   1.00 8.69  ? 1154 HEM A C2C 1 
HETATM 1223 C  C3C . HEM B 2 .   ? 0.133   -5.796  6.270   1.00 8.33  ? 1154 HEM A C3C 1 
HETATM 1224 C  C4C . HEM B 2 .   ? -0.276  -4.848  7.323   1.00 8.03  ? 1154 HEM A C4C 1 
HETATM 1225 C  CMC . HEM B 2 .   ? 1.237   -5.358  3.905   1.00 9.73  ? 1154 HEM A CMC 1 
HETATM 1226 C  CAC . HEM B 2 .   ? 0.006   -7.226  6.385   1.00 9.61  ? 1154 HEM A CAC 1 
HETATM 1227 C  CBC . HEM B 2 .   ? 0.260   -8.064  5.409   1.00 11.89 ? 1154 HEM A CBC 1 
HETATM 1228 C  C1D . HEM B 2 .   ? -1.316  -4.428  9.502   1.00 9.01  ? 1154 HEM A C1D 1 
HETATM 1229 C  C2D . HEM B 2 .   ? -1.983  -4.853  10.694  1.00 9.42  ? 1154 HEM A C2D 1 
HETATM 1230 C  C3D . HEM B 2 .   ? -2.474  -3.761  11.330  1.00 10.21 ? 1154 HEM A C3D 1 
HETATM 1231 C  C4D . HEM B 2 .   ? -2.074  -2.646  10.536  1.00 8.19  ? 1154 HEM A C4D 1 
HETATM 1232 C  CMD . HEM B 2 .   ? -2.157  -6.280  11.162  1.00 11.29 ? 1154 HEM A CMD 1 
HETATM 1233 C  CAD . HEM B 2 .   ? -3.409  -3.759  12.545  1.00 11.64 ? 1154 HEM A CAD 1 
HETATM 1234 C  CBD . HEM B 2 .   ? -4.860  -3.846  12.069  1.00 13.39 ? 1154 HEM A CBD 1 
HETATM 1235 C  CGD . HEM B 2 .   ? -5.865  -3.839  13.209  1.00 19.81 ? 1154 HEM A CGD 1 
HETATM 1236 O  O1D . HEM B 2 .   ? -6.039  -4.901  13.859  1.00 20.69 ? 1154 HEM A O1D 1 
HETATM 1237 O  O2D . HEM B 2 .   ? -6.470  -2.777  13.451  1.00 18.57 ? 1154 HEM A O2D 1 
HETATM 1238 N  NA  . HEM B 2 .   ? -1.464  -0.271  8.846   1.00 8.46  ? 1154 HEM A NA  1 
HETATM 1239 N  NB  . HEM B 2 .   ? -0.155  -0.774  6.337   1.00 8.79  ? 1154 HEM A NB  1 
HETATM 1240 N  NC  . HEM B 2 .   ? -0.099  -3.575  6.892   1.00 7.46  ? 1154 HEM A NC  1 
HETATM 1241 N  ND  . HEM B 2 .   ? -1.379  -3.076  9.395   1.00 8.32  ? 1154 HEM A ND  1 
HETATM 1242 FE FE  . HEM B 2 .   ? -0.793  -1.937  7.897   1.00 9.42  ? 1154 HEM A FE  1 
HETATM 1243 O  O   . OH  C 3 .   ? -2.469  -2.292  7.030   1.00 11.17 ? 1155 OH  A O   1 
HETATM 1244 S  S   . SO4 D 4 .   ? -13.434 -17.945 -2.890  1.00 19.81 ? 1156 SO4 A S   1 
HETATM 1245 O  O1  . SO4 D 4 .   ? -13.593 -18.365 -1.488  1.00 33.24 ? 1156 SO4 A O1  1 
HETATM 1246 O  O2  . SO4 D 4 .   ? -14.707 -18.119 -3.610  1.00 29.06 ? 1156 SO4 A O2  1 
HETATM 1247 O  O3  . SO4 D 4 .   ? -13.103 -16.503 -2.913  1.00 25.73 ? 1156 SO4 A O3  1 
HETATM 1248 O  O4  . SO4 D 4 .   ? -12.313 -18.696 -3.515  1.00 19.84 ? 1156 SO4 A O4  1 
HETATM 1249 S  S   . SO4 E 4 .   ? 13.115  14.084  5.803   1.00 26.86 ? 1157 SO4 A S   1 
HETATM 1250 O  O1  . SO4 E 4 .   ? 13.848  14.205  7.083   1.00 29.17 ? 1157 SO4 A O1  1 
HETATM 1251 O  O2  . SO4 E 4 .   ? 13.098  15.373  5.079   1.00 28.99 ? 1157 SO4 A O2  1 
HETATM 1252 O  O3  . SO4 E 4 .   ? 13.818  13.092  4.961   1.00 31.75 ? 1157 SO4 A O3  1 
HETATM 1253 O  O4  . SO4 E 4 .   ? 11.754  13.625  6.037   1.00 27.28 ? 1157 SO4 A O4  1 
HETATM 1254 O  O   . HOH F 5 .   ? 1.716   2.422   17.238  1.00 23.43 ? 2001 HOH A O   1 
HETATM 1255 O  O   . HOH F 5 .   ? 14.444  6.467   -5.467  1.00 39.45 ? 2002 HOH A O   1 
HETATM 1256 O  O   . HOH F 5 .   ? 15.803  13.591  -7.644  1.00 30.26 ? 2003 HOH A O   1 
HETATM 1257 O  O   . HOH F 5 .   ? 11.317  13.236  -14.988 1.00 34.51 ? 2004 HOH A O   1 
HETATM 1258 O  O   . HOH F 5 .   ? 6.879   10.773  -14.898 1.00 28.27 ? 2005 HOH A O   1 
HETATM 1259 O  O   . HOH F 5 .   ? 8.327   18.060  -15.733 1.00 32.39 ? 2006 HOH A O   1 
HETATM 1260 O  O   . HOH F 5 .   ? 11.159  16.845  -5.951  1.00 38.62 ? 2007 HOH A O   1 
HETATM 1261 O  O   . HOH F 5 .   ? 11.293  19.974  -5.238  1.00 32.86 ? 2008 HOH A O   1 
HETATM 1262 O  O   . HOH F 5 .   ? 7.001   18.407  -9.478  1.00 19.95 ? 2009 HOH A O   1 
HETATM 1263 O  O   . HOH F 5 .   ? 13.838  16.955  -10.620 1.00 29.63 ? 2010 HOH A O   1 
HETATM 1264 O  O   . HOH F 5 .   ? 8.768   18.489  -7.355  1.00 27.02 ? 2011 HOH A O   1 
HETATM 1265 O  O   . HOH F 5 .   ? 11.407  16.566  -13.615 1.00 25.00 ? 2012 HOH A O   1 
HETATM 1266 O  O   . HOH F 5 .   ? 4.753   15.120  -14.832 1.00 27.61 ? 2013 HOH A O   1 
HETATM 1267 O  O   . HOH F 5 .   ? 8.475   13.052  -15.714 1.00 29.37 ? 2014 HOH A O   1 
HETATM 1268 O  O   . HOH F 5 .   ? 11.500  10.145  -15.653 1.00 21.50 ? 2015 HOH A O   1 
HETATM 1269 O  O   . HOH F 5 .   ? 9.671   6.977   -13.626 1.00 12.54 ? 2016 HOH A O   1 
HETATM 1270 O  O   . HOH F 5 .   ? 12.719  12.933  -4.482  1.00 27.60 ? 2017 HOH A O   1 
HETATM 1271 O  O   . HOH F 5 .   ? 2.667   21.397  -14.450 1.00 37.56 ? 2018 HOH A O   1 
HETATM 1272 O  O   . HOH F 5 .   ? 0.487   16.130  -9.681  1.00 15.25 ? 2019 HOH A O   1 
HETATM 1273 O  O   . HOH F 5 .   ? 0.048   10.433  -13.895 1.00 35.81 ? 2020 HOH A O   1 
HETATM 1274 O  O   . HOH F 5 .   ? -8.344  -9.263  -6.276  1.00 28.38 ? 2021 HOH A O   1 
HETATM 1275 O  O   . HOH F 5 .   ? -2.576  13.846  -5.056  1.00 21.79 ? 2022 HOH A O   1 
HETATM 1276 O  O   . HOH F 5 .   ? -5.825  13.240  -10.867 1.00 21.57 ? 2023 HOH A O   1 
HETATM 1277 O  O   . HOH F 5 .   ? -7.430  -16.906 3.436   1.00 21.17 ? 2024 HOH A O   1 
HETATM 1278 O  O   . HOH F 5 .   ? -3.837  -13.088 -7.718  1.00 31.52 ? 2025 HOH A O   1 
HETATM 1279 O  O   . HOH F 5 .   ? -4.677  12.301  -16.961 1.00 25.17 ? 2026 HOH A O   1 
HETATM 1280 O  O   . HOH F 5 .   ? -9.441  13.304  -6.540  1.00 19.68 ? 2027 HOH A O   1 
HETATM 1281 O  O   . HOH F 5 .   ? -11.318 6.815   -9.053  1.00 20.08 ? 2028 HOH A O   1 
HETATM 1282 O  O   . HOH F 5 .   ? -10.334 0.474   12.967  1.00 24.09 ? 2029 HOH A O   1 
HETATM 1283 O  O   . HOH F 5 .   ? -12.502 9.057   -1.608  1.00 17.98 ? 2030 HOH A O   1 
HETATM 1284 O  O   . HOH F 5 .   ? -4.998  10.744  0.230   1.00 28.37 ? 2031 HOH A O   1 
HETATM 1285 O  O   . HOH F 5 .   ? -4.904  15.166  -4.932  1.00 31.54 ? 2032 HOH A O   1 
HETATM 1286 O  O   . HOH F 5 .   ? -20.918 -14.788 1.785   1.00 37.23 ? 2033 HOH A O   1 
HETATM 1287 O  O   . HOH F 5 .   ? -14.827 0.891   -6.241  1.00 22.49 ? 2034 HOH A O   1 
HETATM 1288 O  O   . HOH F 5 .   ? -14.752 6.013   -1.339  1.00 20.35 ? 2035 HOH A O   1 
HETATM 1289 O  O   . HOH F 5 .   ? -16.717 2.879   -3.483  1.00 17.13 ? 2036 HOH A O   1 
HETATM 1290 O  O   . HOH F 5 .   ? -14.878 -4.789  1.651   1.00 20.58 ? 2037 HOH A O   1 
HETATM 1291 O  O   . HOH F 5 .   ? -9.026  -6.763  -5.911  1.00 23.72 ? 2038 HOH A O   1 
HETATM 1292 O  O   . HOH F 5 .   ? -8.947  -5.172  -8.533  1.00 36.15 ? 2039 HOH A O   1 
HETATM 1293 O  O   . HOH F 5 .   ? 9.245   18.951  -2.001  1.00 29.97 ? 2040 HOH A O   1 
HETATM 1294 O  O   . HOH F 5 .   ? 10.376  10.279  14.243  1.00 28.11 ? 2041 HOH A O   1 
HETATM 1295 O  O   . HOH F 5 .   ? -7.431  -15.538 0.894   1.00 23.98 ? 2042 HOH A O   1 
HETATM 1296 O  O   . HOH F 5 .   ? -5.767  -12.032 -6.365  1.00 36.35 ? 2043 HOH A O   1 
HETATM 1297 O  O   . HOH F 5 .   ? -3.675  -17.495 -3.871  1.00 23.21 ? 2044 HOH A O   1 
HETATM 1298 O  O   . HOH F 5 .   ? 5.311   -14.536 -4.526  1.00 32.29 ? 2045 HOH A O   1 
HETATM 1299 O  O   . HOH F 5 .   ? -5.290  -17.146 5.213   1.00 18.42 ? 2046 HOH A O   1 
HETATM 1300 O  O   . HOH F 5 .   ? 1.516   -14.528 7.619   1.00 27.35 ? 2047 HOH A O   1 
HETATM 1301 O  O   . HOH F 5 .   ? 0.494   -17.210 -1.050  1.00 16.09 ? 2048 HOH A O   1 
HETATM 1302 O  O   . HOH F 5 .   ? 2.641   -15.533 -1.237  1.00 14.71 ? 2049 HOH A O   1 
HETATM 1303 O  O   . HOH F 5 .   ? 2.230   -13.075 13.609  1.00 35.11 ? 2050 HOH A O   1 
HETATM 1304 O  O   . HOH F 5 .   ? -3.760  -8.723  13.728  1.00 22.99 ? 2051 HOH A O   1 
HETATM 1305 O  O   . HOH F 5 .   ? -0.918  6.636   -21.807 1.00 22.67 ? 2052 HOH A O   1 
HETATM 1306 O  O   . HOH F 5 .   ? -4.481  -7.643  17.459  1.00 41.99 ? 2053 HOH A O   1 
HETATM 1307 O  O   . HOH F 5 .   ? -10.929 -1.310  10.163  1.00 25.84 ? 2054 HOH A O   1 
HETATM 1308 O  O   . HOH F 5 .   ? -8.376  -17.398 7.714   1.00 30.58 ? 2055 HOH A O   1 
HETATM 1309 O  O   . HOH F 5 .   ? -11.596 -12.404 12.189  1.00 22.36 ? 2056 HOH A O   1 
HETATM 1310 O  O   . HOH F 5 .   ? -17.017 -9.544  7.701   1.00 25.96 ? 2057 HOH A O   1 
HETATM 1311 O  O   . HOH F 5 .   ? 14.830  4.202   -9.291  1.00 25.73 ? 2058 HOH A O   1 
HETATM 1312 O  O   . HOH F 5 .   ? -9.726  -17.321 4.501   1.00 35.33 ? 2059 HOH A O   1 
HETATM 1313 O  O   . HOH F 5 .   ? -13.077 -20.838 3.215   1.00 33.13 ? 2060 HOH A O   1 
HETATM 1314 O  O   . HOH F 5 .   ? -19.246 -16.617 0.784   1.00 21.87 ? 2061 HOH A O   1 
HETATM 1315 O  O   . HOH F 5 .   ? -16.531 -15.792 -2.623  1.00 24.00 ? 2062 HOH A O   1 
HETATM 1316 O  O   . HOH F 5 .   ? -20.022 -10.013 -1.055  1.00 23.66 ? 2063 HOH A O   1 
HETATM 1317 O  O   . HOH F 5 .   ? -18.198 -9.989  5.515   1.00 26.22 ? 2064 HOH A O   1 
HETATM 1318 O  O   . HOH F 5 .   ? -17.048 0.533   5.266   1.00 30.74 ? 2065 HOH A O   1 
HETATM 1319 O  O   . HOH F 5 .   ? -21.657 -4.777  3.322   1.00 28.26 ? 2066 HOH A O   1 
HETATM 1320 O  O   . HOH F 5 .   ? -16.057 -1.104  10.918  1.00 20.59 ? 2067 HOH A O   1 
HETATM 1321 O  O   . HOH F 5 .   ? -12.928 -6.769  11.162  1.00 19.17 ? 2068 HOH A O   1 
HETATM 1322 O  O   . HOH F 5 .   ? -12.623 -1.458  13.111  1.00 37.87 ? 2069 HOH A O   1 
HETATM 1323 O  O   . HOH F 5 .   ? -16.228 2.488   3.142   1.00 33.42 ? 2070 HOH A O   1 
HETATM 1324 O  O   . HOH F 5 .   ? -16.599 0.837   -1.795  1.00 20.03 ? 2071 HOH A O   1 
HETATM 1325 O  O   . HOH F 5 .   ? -16.366 1.333   12.755  1.00 29.30 ? 2072 HOH A O   1 
HETATM 1326 O  O   . HOH F 5 .   ? -8.567  -0.195  10.835  1.00 19.62 ? 2073 HOH A O   1 
HETATM 1327 O  O   . HOH F 5 .   ? -14.059 3.766   4.732   1.00 31.90 ? 2074 HOH A O   1 
HETATM 1328 O  O   . HOH F 5 .   ? -13.002 6.467   2.499   1.00 34.65 ? 2075 HOH A O   1 
HETATM 1329 O  O   . HOH F 5 .   ? -4.693  6.776   7.932   1.00 13.65 ? 2076 HOH A O   1 
HETATM 1330 O  O   . HOH F 5 .   ? -3.946  11.055  2.430   1.00 25.82 ? 2077 HOH A O   1 
HETATM 1331 O  O   . HOH F 5 .   ? -9.034  9.736   3.816   1.00 25.87 ? 2078 HOH A O   1 
HETATM 1332 O  O   . HOH F 5 .   ? -1.941  10.654  5.959   1.00 11.66 ? 2079 HOH A O   1 
HETATM 1333 O  O   . HOH F 5 .   ? 1.415   14.905  3.552   1.00 23.95 ? 2080 HOH A O   1 
HETATM 1334 O  O   . HOH F 5 .   ? 7.020   10.086  -0.190  1.00 11.99 ? 2081 HOH A O   1 
HETATM 1335 O  O   . HOH F 5 .   ? 2.368   17.194  2.536   1.00 34.98 ? 2082 HOH A O   1 
HETATM 1336 O  O   . HOH F 5 .   ? 12.792  13.730  -1.165  1.00 29.37 ? 2083 HOH A O   1 
HETATM 1337 O  O   . HOH F 5 .   ? 10.849  16.049  -2.950  1.00 26.00 ? 2084 HOH A O   1 
HETATM 1338 O  O   . HOH F 5 .   ? 13.205  9.635   0.727   1.00 25.24 ? 2085 HOH A O   1 
HETATM 1339 O  O   . HOH F 5 .   ? 14.152  15.456  -2.942  1.00 34.03 ? 2086 HOH A O   1 
HETATM 1340 O  O   . HOH F 5 .   ? 12.756  10.244  12.792  1.00 26.28 ? 2087 HOH A O   1 
HETATM 1341 O  O   . HOH F 5 .   ? 12.816  7.577   5.996   1.00 21.89 ? 2088 HOH A O   1 
HETATM 1342 O  O   . HOH F 5 .   ? 7.704   10.514  13.739  1.00 12.56 ? 2089 HOH A O   1 
HETATM 1343 O  O   . HOH F 5 .   ? 8.008   14.706  7.016   1.00 26.57 ? 2090 HOH A O   1 
HETATM 1344 O  O   . HOH F 5 .   ? 2.608   7.586   10.326  1.00 12.71 ? 2091 HOH A O   1 
HETATM 1345 O  O   . HOH F 5 .   ? 10.976  8.810   16.619  1.00 25.66 ? 2092 HOH A O   1 
HETATM 1346 O  O   . HOH F 5 .   ? 5.341   3.330   15.761  1.00 15.44 ? 2093 HOH A O   1 
HETATM 1347 O  O   . HOH F 5 .   ? 7.922   4.683   16.252  1.00 22.02 ? 2094 HOH A O   1 
HETATM 1348 O  O   . HOH F 5 .   ? 5.105   0.783   17.244  1.00 36.65 ? 2095 HOH A O   1 
HETATM 1349 O  O   . HOH F 5 .   ? 7.177   -5.928  20.558  1.00 27.63 ? 2096 HOH A O   1 
HETATM 1350 O  O   . HOH F 5 .   ? -3.478  -2.619  19.710  1.00 23.85 ? 2097 HOH A O   1 
HETATM 1351 O  O   . HOH F 5 .   ? -3.034  -3.089  16.230  1.00 29.41 ? 2098 HOH A O   1 
HETATM 1352 O  O   . HOH F 5 .   ? -0.038  -9.125  13.164  1.00 21.61 ? 2099 HOH A O   1 
HETATM 1353 O  O   . HOH F 5 .   ? -1.080  -6.724  15.067  1.00 22.42 ? 2100 HOH A O   1 
HETATM 1354 O  O   . HOH F 5 .   ? 10.371  -10.532 3.903   1.00 18.76 ? 2101 HOH A O   1 
HETATM 1355 O  O   . HOH F 5 .   ? 7.674   -13.255 -4.631  1.00 33.15 ? 2102 HOH A O   1 
HETATM 1356 O  O   . HOH F 5 .   ? 10.758  -10.474 -5.106  1.00 15.30 ? 2103 HOH A O   1 
HETATM 1357 O  O   . HOH F 5 .   ? -0.636  -8.611  -3.750  1.00 24.89 ? 2104 HOH A O   1 
HETATM 1358 O  O   . HOH F 5 .   ? 1.179   -5.700  -10.060 1.00 18.18 ? 2105 HOH A O   1 
HETATM 1359 O  O   . HOH F 5 .   ? 4.988   -2.736  -8.025  1.00 27.22 ? 2106 HOH A O   1 
HETATM 1360 O  O   . HOH F 5 .   ? 4.159   -9.350  -5.236  1.00 28.43 ? 2107 HOH A O   1 
HETATM 1361 O  O   . HOH F 5 .   ? -11.309 -3.480  -10.513 1.00 22.48 ? 2108 HOH A O   1 
HETATM 1362 O  O   . HOH F 5 .   ? -12.953 2.438   -11.453 1.00 21.54 ? 2109 HOH A O   1 
HETATM 1363 O  O   . HOH F 5 .   ? -13.064 -0.870  -11.224 1.00 29.19 ? 2110 HOH A O   1 
HETATM 1364 O  O   . HOH F 5 .   ? -3.197  6.438   -20.549 1.00 23.90 ? 2111 HOH A O   1 
HETATM 1365 O  O   . HOH F 5 .   ? -3.816  1.094   -18.028 1.00 17.55 ? 2112 HOH A O   1 
HETATM 1366 O  O   . HOH F 5 .   ? -2.298  8.024   -14.778 1.00 27.13 ? 2113 HOH A O   1 
HETATM 1367 O  O   . HOH F 5 .   ? -3.858  8.375   -18.812 1.00 27.73 ? 2114 HOH A O   1 
HETATM 1368 O  O   . HOH F 5 .   ? -6.828  8.085   -20.721 1.00 33.11 ? 2115 HOH A O   1 
HETATM 1369 O  O   . HOH F 5 .   ? 0.749   1.700   -18.940 1.00 15.31 ? 2116 HOH A O   1 
HETATM 1370 O  O   . HOH F 5 .   ? -1.619  7.867   -17.105 1.00 27.31 ? 2117 HOH A O   1 
HETATM 1371 O  O   . HOH F 5 .   ? 3.448   6.795   -20.997 1.00 28.51 ? 2118 HOH A O   1 
HETATM 1372 O  O   . HOH F 5 .   ? 7.911   7.975   -15.438 1.00 20.41 ? 2119 HOH A O   1 
HETATM 1373 O  O   . HOH F 5 .   ? 3.180   0.389   -18.192 1.00 15.00 ? 2120 HOH A O   1 
HETATM 1374 O  O   . HOH F 5 .   ? 9.954   2.745   -12.291 1.00 12.92 ? 2121 HOH A O   1 
HETATM 1375 O  O   . HOH F 5 .   ? 5.886   -1.571  -12.054 1.00 13.99 ? 2122 HOH A O   1 
HETATM 1376 O  O   . HOH F 5 .   ? 12.621  4.759   -6.071  1.00 26.05 ? 2123 HOH A O   1 
HETATM 1377 O  O   . HOH F 5 .   ? 14.748  10.310  -11.454 1.00 35.59 ? 2124 HOH A O   1 
HETATM 1378 O  O   . HOH F 5 .   ? 7.802   7.354   -1.151  1.00 20.00 ? 2125 HOH A O   1 
HETATM 1379 O  O   . HOH F 5 .   ? 13.268  3.032   -7.447  1.00 26.65 ? 2126 HOH A O   1 
HETATM 1380 O  O   . HOH F 5 .   ? 11.655  1.299   -10.822 1.00 18.03 ? 2127 HOH A O   1 
HETATM 1381 O  O   . HOH F 5 .   ? 13.066  -2.817  -6.386  1.00 23.66 ? 2128 HOH A O   1 
HETATM 1382 O  O   . HOH F 5 .   ? 8.927   -2.861  -7.343  1.00 18.49 ? 2129 HOH A O   1 
HETATM 1383 O  O   . HOH F 5 .   ? 6.914   -1.175  -6.305  1.00 23.72 ? 2130 HOH A O   1 
HETATM 1384 O  O   . HOH F 5 .   ? 18.098  -1.220  0.599   1.00 21.45 ? 2131 HOH A O   1 
HETATM 1385 O  O   . HOH F 5 .   ? 16.832  -0.175  2.791   1.00 25.79 ? 2132 HOH A O   1 
HETATM 1386 O  O   . HOH F 5 .   ? 15.501  4.453   -0.044  1.00 24.99 ? 2133 HOH A O   1 
HETATM 1387 O  O   . HOH F 5 .   ? 16.278  5.174   4.133   1.00 25.43 ? 2134 HOH A O   1 
HETATM 1388 O  O   . HOH F 5 .   ? 13.747  8.956   4.242   1.00 22.70 ? 2135 HOH A O   1 
HETATM 1389 O  O   . HOH F 5 .   ? 14.454  5.051   6.240   1.00 18.29 ? 2136 HOH A O   1 
HETATM 1390 O  O   . HOH F 5 .   ? 15.487  7.758   1.030   1.00 32.45 ? 2137 HOH A O   1 
HETATM 1391 O  O   . HOH F 5 .   ? 15.599  -4.648  5.696   1.00 24.23 ? 2138 HOH A O   1 
HETATM 1392 O  O   . HOH F 5 .   ? 16.436  5.352   8.182   1.00 27.70 ? 2139 HOH A O   1 
HETATM 1393 O  O   . HOH F 5 .   ? 22.909  0.006   6.304   1.00 26.45 ? 2140 HOH A O   1 
HETATM 1394 O  O   . HOH F 5 .   ? 15.017  5.266   12.805  1.00 29.40 ? 2141 HOH A O   1 
HETATM 1395 O  O   . HOH F 5 .   ? 13.746  1.565   12.914  1.00 15.96 ? 2142 HOH A O   1 
HETATM 1396 O  O   . HOH F 5 .   ? 17.697  6.740   11.302  1.00 35.39 ? 2143 HOH A O   1 
HETATM 1397 O  O   . HOH F 5 .   ? 15.207  -11.174 13.559  1.00 30.21 ? 2144 HOH A O   1 
HETATM 1398 O  O   . HOH F 5 .   ? 15.457  -6.533  7.717   1.00 25.19 ? 2145 HOH A O   1 
HETATM 1399 O  O   . HOH F 5 .   ? 11.339  -8.402  6.638   1.00 19.02 ? 2146 HOH A O   1 
HETATM 1400 O  O   . HOH F 5 .   ? 11.904  -11.894 5.871   1.00 30.29 ? 2147 HOH A O   1 
HETATM 1401 O  O   . HOH F 5 .   ? 12.507  -10.925 13.140  1.00 22.91 ? 2148 HOH A O   1 
HETATM 1402 O  O   . HOH F 5 .   ? 6.173   -13.304 9.719   1.00 25.73 ? 2149 HOH A O   1 
HETATM 1403 O  O   . HOH F 5 .   ? -6.029  -0.515  12.203  1.00 22.62 ? 2150 HOH A O   1 
HETATM 1404 O  O   . HOH F 5 .   ? -7.797  -5.287  15.699  1.00 25.11 ? 2151 HOH A O   1 
HETATM 1405 O  O   . HOH F 5 .   ? -6.218  -7.415  12.876  1.00 23.31 ? 2152 HOH A O   1 
HETATM 1406 O  O   . HOH F 5 .   ? 0.337   0.367   16.271  1.00 23.16 ? 2153 HOH A O   1 
HETATM 1407 O  O   . HOH F 5 .   ? -3.078  0.695   15.421  1.00 24.57 ? 2154 HOH A O   1 
HETATM 1408 O  O   . HOH F 5 .   ? -3.869  -5.637  15.643  1.00 29.70 ? 2155 HOH A O   1 
HETATM 1409 O  O   . HOH F 5 .   ? -13.889 -20.715 -0.333  1.00 23.99 ? 2156 HOH A O   1 
HETATM 1410 O  O   . HOH F 5 .   ? -9.744  -19.793 -1.917  1.00 32.81 ? 2157 HOH A O   1 
HETATM 1411 O  O   . HOH F 5 .   ? 10.153  14.092  8.265   1.00 22.36 ? 2158 HOH A O   1 
HETATM 1412 O  O   . HOH F 5 .   ? 16.413  12.009  4.904   1.00 29.39 ? 2159 HOH A O   1 
# 
loop_
_pdbx_poly_seq_scheme.asym_id 
_pdbx_poly_seq_scheme.entity_id 
_pdbx_poly_seq_scheme.seq_id 
_pdbx_poly_seq_scheme.mon_id 
_pdbx_poly_seq_scheme.ndb_seq_num 
_pdbx_poly_seq_scheme.pdb_seq_num 
_pdbx_poly_seq_scheme.auth_seq_num 
_pdbx_poly_seq_scheme.pdb_mon_id 
_pdbx_poly_seq_scheme.auth_mon_id 
_pdbx_poly_seq_scheme.pdb_strand_id 
_pdbx_poly_seq_scheme.pdb_ins_code 
_pdbx_poly_seq_scheme.hetero 
A 1 1   GLY 1   1   1   GLY GLY A . n 
A 1 2   LEU 2   2   2   LEU LEU A . n 
A 1 3   SER 3   3   3   SER SER A . n 
A 1 4   ASP 4   4   4   ASP ASP A . n 
A 1 5   GLY 5   5   5   GLY GLY A . n 
A 1 6   GLU 6   6   6   GLU GLU A . n 
A 1 7   TRP 7   7   7   TRP TRP A . n 
A 1 8   GLN 8   8   8   GLN GLN A . n 
A 1 9   GLN 9   9   9   GLN GLN A . n 
A 1 10  VAL 10  10  10  VAL VAL A . n 
A 1 11  LEU 11  11  11  LEU LEU A . n 
A 1 12  ASN 12  12  12  ASN ASN A . n 
A 1 13  VAL 13  13  13  VAL VAL A . n 
A 1 14  TRP 14  14  14  TRP TRP A . n 
A 1 15  GLY 15  15  15  GLY GLY A . n 
A 1 16  LYS 16  16  16  LYS LYS A . n 
A 1 17  VAL 17  17  17  VAL VAL A . n 
A 1 18  GLU 18  18  18  GLU GLU A . n 
A 1 19  ALA 19  19  19  ALA ALA A . n 
A 1 20  ASP 20  20  20  ASP ASP A . n 
A 1 21  ILE 21  21  21  ILE ILE A . n 
A 1 22  ALA 22  22  22  ALA ALA A . n 
A 1 23  GLY 23  23  23  GLY GLY A . n 
A 1 24  HIS 24  24  24  HIS HIS A . n 
A 1 25  GLY 25  25  25  GLY GLY A . n 
A 1 26  GLN 26  26  26  GLN GLN A . n 
A 1 27  GLU 27  27  27  GLU GLU A . n 
A 1 28  VAL 28  28  28  VAL VAL A . n 
A 1 29  LEU 29  29  29  LEU LEU A . n 
A 1 30  ILE 30  30  30  ILE ILE A . n 
A 1 31  ARG 31  31  31  ARG ARG A . n 
A 1 32  LEU 32  32  32  LEU LEU A . n 
A 1 33  PHE 33  33  33  PHE PHE A . n 
A 1 34  THR 34  34  34  THR THR A . n 
A 1 35  GLY 35  35  35  GLY GLY A . n 
A 1 36  HIS 36  36  36  HIS HIS A . n 
A 1 37  PRO 37  37  37  PRO PRO A . n 
A 1 38  GLU 38  38  38  GLU GLU A . n 
A 1 39  THR 39  39  39  THR THR A . n 
A 1 40  LEU 40  40  40  LEU LEU A . n 
A 1 41  GLU 41  41  41  GLU GLU A . n 
A 1 42  LYS 42  42  42  LYS LYS A . n 
A 1 43  PHE 43  43  43  PHE PHE A . n 
A 1 44  ASP 44  44  44  ASP ASP A . n 
A 1 45  LYS 45  45  45  LYS LYS A . n 
A 1 46  PHE 46  46  46  PHE PHE A . n 
A 1 47  LYS 47  47  47  LYS LYS A . n 
A 1 48  HIS 48  48  48  HIS HIS A . n 
A 1 49  LEU 49  49  49  LEU LEU A . n 
A 1 50  LYS 50  50  50  LYS LYS A . n 
A 1 51  THR 51  51  51  THR THR A . n 
A 1 52  GLU 52  52  52  GLU GLU A . n 
A 1 53  ALA 53  53  53  ALA ALA A . n 
A 1 54  GLU 54  54  54  GLU GLU A . n 
A 1 55  MET 55  55  55  MET MET A . n 
A 1 56  LYS 56  56  56  LYS LYS A . n 
A 1 57  ALA 57  57  57  ALA ALA A . n 
A 1 58  SER 58  58  58  SER SER A . n 
A 1 59  GLU 59  59  59  GLU GLU A . n 
A 1 60  ASP 60  60  60  ASP ASP A . n 
A 1 61  LEU 61  61  61  LEU LEU A . n 
A 1 62  LYS 62  62  62  LYS LYS A . n 
A 1 63  LYS 63  63  63  LYS LYS A . n 
A 1 64  HIS 64  64  64  HIS HIS A . n 
A 1 65  GLY 65  65  65  GLY GLY A . n 
A 1 66  THR 66  66  66  THR THR A . n 
A 1 67  VAL 67  67  67  VAL VAL A . n 
A 1 68  VAL 68  68  68  VAL VAL A . n 
A 1 69  LEU 69  69  69  LEU LEU A . n 
A 1 70  THR 70  70  70  THR THR A . n 
A 1 71  ALA 71  71  71  ALA ALA A . n 
A 1 72  LEU 72  72  72  LEU LEU A . n 
A 1 73  GLY 73  73  73  GLY GLY A . n 
A 1 74  GLY 74  74  74  GLY GLY A . n 
A 1 75  ILE 75  75  75  ILE ILE A . n 
A 1 76  LEU 76  76  76  LEU LEU A . n 
A 1 77  LYS 77  77  77  LYS LYS A . n 
A 1 78  LYS 78  78  78  LYS LYS A . n 
A 1 79  LYS 79  79  79  LYS LYS A . n 
A 1 80  GLY 80  80  80  GLY GLY A . n 
A 1 81  HIS 81  81  81  HIS HIS A . n 
A 1 82  HIS 82  82  82  HIS HIS A . n 
A 1 83  GLU 83  83  83  GLU GLU A . n 
A 1 84  ALA 84  84  84  ALA ALA A . n 
A 1 85  GLU 85  85  85  GLU GLU A . n 
A 1 86  LEU 86  86  86  LEU LEU A . n 
A 1 87  LYS 87  87  87  LYS LYS A . n 
A 1 88  PRO 88  88  88  PRO PRO A . n 
A 1 89  LEU 89  89  89  LEU LEU A . n 
A 1 90  ALA 90  90  90  ALA ALA A . n 
A 1 91  GLN 91  91  91  GLN GLN A . n 
A 1 92  SER 92  92  92  SER SER A . n 
A 1 93  HIS 93  93  93  HIS HIS A . n 
A 1 94  ALA 94  94  94  ALA ALA A . n 
A 1 95  THR 95  95  95  THR THR A . n 
A 1 96  LYS 96  96  96  LYS LYS A . n 
A 1 97  HIS 97  97  97  HIS HIS A . n 
A 1 98  LYS 98  98  98  LYS LYS A . n 
A 1 99  ILE 99  99  99  ILE ILE A . n 
A 1 100 PRO 100 100 100 PRO PRO A . n 
A 1 101 ILE 101 101 101 ILE ILE A . n 
A 1 102 LYS 102 102 102 LYS LYS A . n 
A 1 103 TYR 103 103 103 TYR TYR A . n 
A 1 104 LEU 104 104 104 LEU LEU A . n 
A 1 105 GLU 105 105 105 GLU GLU A . n 
A 1 106 PHE 106 106 106 PHE PHE A . n 
A 1 107 ILE 107 107 107 ILE ILE A . n 
A 1 108 SER 108 108 108 SER SER A . n 
A 1 109 ASP 109 109 109 ASP ASP A . n 
A 1 110 ALA 110 110 110 ALA ALA A . n 
A 1 111 ILE 111 111 111 ILE ILE A . n 
A 1 112 ILE 112 112 112 ILE ILE A . n 
A 1 113 HIS 113 113 113 HIS HIS A . n 
A 1 114 VAL 114 114 114 VAL VAL A . n 
A 1 115 LEU 115 115 115 LEU LEU A . n 
A 1 116 HIS 116 116 116 HIS HIS A . n 
A 1 117 SER 117 117 117 SER SER A . n 
A 1 118 LYS 118 118 118 LYS LYS A . n 
A 1 119 HIS 119 119 119 HIS HIS A . n 
A 1 120 PRO 120 120 120 PRO PRO A . n 
A 1 121 GLY 121 121 121 GLY GLY A . n 
A 1 122 ASP 122 122 122 ASP ASP A . n 
A 1 123 PHE 123 123 123 PHE PHE A . n 
A 1 124 GLY 124 124 124 GLY GLY A . n 
A 1 125 ALA 125 125 125 ALA ALA A . n 
A 1 126 ASP 126 126 126 ASP ASP A . n 
A 1 127 ALA 127 127 127 ALA ALA A . n 
A 1 128 GLN 128 128 128 GLN GLN A . n 
A 1 129 GLY 129 129 129 GLY GLY A . n 
A 1 130 ALA 130 130 130 ALA ALA A . n 
A 1 131 MET 131 131 131 MET MET A . n 
A 1 132 THR 132 132 132 THR THR A . n 
A 1 133 LYS 133 133 133 LYS LYS A . n 
A 1 134 ALA 134 134 134 ALA ALA A . n 
A 1 135 LEU 135 135 135 LEU LEU A . n 
A 1 136 GLU 136 136 136 GLU GLU A . n 
A 1 137 LEU 137 137 137 LEU LEU A . n 
A 1 138 PHE 138 138 138 PHE PHE A . n 
A 1 139 ARG 139 139 139 ARG ARG A . n 
A 1 140 ASN 140 140 140 ASN ASN A . n 
A 1 141 ASP 141 141 141 ASP ASP A . n 
A 1 142 ILE 142 142 142 ILE ILE A . n 
A 1 143 ALA 143 143 143 ALA ALA A . n 
A 1 144 ALA 144 144 144 ALA ALA A . n 
A 1 145 LYS 145 145 145 LYS LYS A . n 
A 1 146 TYR 146 146 146 TYR TYR A . n 
A 1 147 LYS 147 147 147 LYS LYS A . n 
A 1 148 GLU 148 148 148 GLU GLU A . n 
A 1 149 LEU 149 149 149 LEU LEU A . n 
A 1 150 GLY 150 150 150 GLY GLY A . n 
A 1 151 PHE 151 151 151 PHE PHE A . n 
A 1 152 GLN 152 152 152 GLN GLN A . n 
A 1 153 GLY 153 153 153 GLY GLY A . n 
# 
loop_
_pdbx_nonpoly_scheme.asym_id 
_pdbx_nonpoly_scheme.entity_id 
_pdbx_nonpoly_scheme.mon_id 
_pdbx_nonpoly_scheme.ndb_seq_num 
_pdbx_nonpoly_scheme.pdb_seq_num 
_pdbx_nonpoly_scheme.auth_seq_num 
_pdbx_nonpoly_scheme.pdb_mon_id 
_pdbx_nonpoly_scheme.auth_mon_id 
_pdbx_nonpoly_scheme.pdb_strand_id 
_pdbx_nonpoly_scheme.pdb_ins_code 
B 2 HEM 1   1154 1154 HEM HEM A . 
C 3 OH  1   1155 1155 OH  OH  A . 
D 4 SO4 1   1156 1156 SO4 SO4 A . 
E 4 SO4 1   1157 1157 SO4 SO4 A . 
F 5 HOH 1   2001 2001 HOH HOH A . 
F 5 HOH 2   2002 2002 HOH HOH A . 
F 5 HOH 3   2003 2003 HOH HOH A . 
F 5 HOH 4   2004 2004 HOH HOH A . 
F 5 HOH 5   2005 2005 HOH HOH A . 
F 5 HOH 6   2006 2006 HOH HOH A . 
F 5 HOH 7   2007 2007 HOH HOH A . 
F 5 HOH 8   2008 2008 HOH HOH A . 
F 5 HOH 9   2009 2009 HOH HOH A . 
F 5 HOH 10  2010 2010 HOH HOH A . 
F 5 HOH 11  2011 2011 HOH HOH A . 
F 5 HOH 12  2012 2012 HOH HOH A . 
F 5 HOH 13  2013 2013 HOH HOH A . 
F 5 HOH 14  2014 2014 HOH HOH A . 
F 5 HOH 15  2015 2015 HOH HOH A . 
F 5 HOH 16  2016 2016 HOH HOH A . 
F 5 HOH 17  2017 2017 HOH HOH A . 
F 5 HOH 18  2018 2018 HOH HOH A . 
F 5 HOH 19  2019 2019 HOH HOH A . 
F 5 HOH 20  2020 2020 HOH HOH A . 
F 5 HOH 21  2021 2021 HOH HOH A . 
F 5 HOH 22  2022 2022 HOH HOH A . 
F 5 HOH 23  2023 2023 HOH HOH A . 
F 5 HOH 24  2024 2024 HOH HOH A . 
F 5 HOH 25  2025 2025 HOH HOH A . 
F 5 HOH 26  2026 2026 HOH HOH A . 
F 5 HOH 27  2027 2027 HOH HOH A . 
F 5 HOH 28  2028 2028 HOH HOH A . 
F 5 HOH 29  2029 2029 HOH HOH A . 
F 5 HOH 30  2030 2030 HOH HOH A . 
F 5 HOH 31  2031 2031 HOH HOH A . 
F 5 HOH 32  2032 2032 HOH HOH A . 
F 5 HOH 33  2033 2033 HOH HOH A . 
F 5 HOH 34  2034 2034 HOH HOH A . 
F 5 HOH 35  2035 2035 HOH HOH A . 
F 5 HOH 36  2036 2036 HOH HOH A . 
F 5 HOH 37  2037 2037 HOH HOH A . 
F 5 HOH 38  2038 2038 HOH HOH A . 
F 5 HOH 39  2039 2039 HOH HOH A . 
F 5 HOH 40  2040 2040 HOH HOH A . 
F 5 HOH 41  2041 2041 HOH HOH A . 
F 5 HOH 42  2042 2042 HOH HOH A . 
F 5 HOH 43  2043 2043 HOH HOH A . 
F 5 HOH 44  2044 2044 HOH HOH A . 
F 5 HOH 45  2045 2045 HOH HOH A . 
F 5 HOH 46  2046 2046 HOH HOH A . 
F 5 HOH 47  2047 2047 HOH HOH A . 
F 5 HOH 48  2048 2048 HOH HOH A . 
F 5 HOH 49  2049 2049 HOH HOH A . 
F 5 HOH 50  2050 2050 HOH HOH A . 
F 5 HOH 51  2051 2051 HOH HOH A . 
F 5 HOH 52  2052 2052 HOH HOH A . 
F 5 HOH 53  2053 2053 HOH HOH A . 
F 5 HOH 54  2054 2054 HOH HOH A . 
F 5 HOH 55  2055 2055 HOH HOH A . 
F 5 HOH 56  2056 2056 HOH HOH A . 
F 5 HOH 57  2057 2057 HOH HOH A . 
F 5 HOH 58  2058 2058 HOH HOH A . 
F 5 HOH 59  2059 2059 HOH HOH A . 
F 5 HOH 60  2060 2060 HOH HOH A . 
F 5 HOH 61  2061 2061 HOH HOH A . 
F 5 HOH 62  2062 2062 HOH HOH A . 
F 5 HOH 63  2063 2063 HOH HOH A . 
F 5 HOH 64  2064 2064 HOH HOH A . 
F 5 HOH 65  2065 2065 HOH HOH A . 
F 5 HOH 66  2066 2066 HOH HOH A . 
F 5 HOH 67  2067 2067 HOH HOH A . 
F 5 HOH 68  2068 2068 HOH HOH A . 
F 5 HOH 69  2069 2069 HOH HOH A . 
F 5 HOH 70  2070 2070 HOH HOH A . 
F 5 HOH 71  2071 2071 HOH HOH A . 
F 5 HOH 72  2072 2072 HOH HOH A . 
F 5 HOH 73  2073 2073 HOH HOH A . 
F 5 HOH 74  2074 2074 HOH HOH A . 
F 5 HOH 75  2075 2075 HOH HOH A . 
F 5 HOH 76  2076 2076 HOH HOH A . 
F 5 HOH 77  2077 2077 HOH HOH A . 
F 5 HOH 78  2078 2078 HOH HOH A . 
F 5 HOH 79  2079 2079 HOH HOH A . 
F 5 HOH 80  2080 2080 HOH HOH A . 
F 5 HOH 81  2081 2081 HOH HOH A . 
F 5 HOH 82  2082 2082 HOH HOH A . 
F 5 HOH 83  2083 2083 HOH HOH A . 
F 5 HOH 84  2084 2084 HOH HOH A . 
F 5 HOH 85  2085 2085 HOH HOH A . 
F 5 HOH 86  2086 2086 HOH HOH A . 
F 5 HOH 87  2087 2087 HOH HOH A . 
F 5 HOH 88  2088 2088 HOH HOH A . 
F 5 HOH 89  2089 2089 HOH HOH A . 
F 5 HOH 90  2090 2090 HOH HOH A . 
F 5 HOH 91  2091 2091 HOH HOH A . 
F 5 HOH 92  2092 2092 HOH HOH A . 
F 5 HOH 93  2093 2093 HOH HOH A . 
F 5 HOH 94  2094 2094 HOH HOH A . 
F 5 HOH 95  2095 2095 HOH HOH A . 
F 5 HOH 96  2096 2096 HOH HOH A . 
F 5 HOH 97  2097 2097 HOH HOH A . 
F 5 HOH 98  2098 2098 HOH HOH A . 
F 5 HOH 99  2099 2099 HOH HOH A . 
F 5 HOH 100 2100 2100 HOH HOH A . 
F 5 HOH 101 2101 2101 HOH HOH A . 
F 5 HOH 102 2102 2102 HOH HOH A . 
F 5 HOH 103 2103 2103 HOH HOH A . 
F 5 HOH 104 2104 2104 HOH HOH A . 
F 5 HOH 105 2105 2105 HOH HOH A . 
F 5 HOH 106 2106 2106 HOH HOH A . 
F 5 HOH 107 2107 2107 HOH HOH A . 
F 5 HOH 108 2108 2108 HOH HOH A . 
F 5 HOH 109 2109 2109 HOH HOH A . 
F 5 HOH 110 2110 2110 HOH HOH A . 
F 5 HOH 111 2111 2111 HOH HOH A . 
F 5 HOH 112 2112 2112 HOH HOH A . 
F 5 HOH 113 2113 2113 HOH HOH A . 
F 5 HOH 114 2114 2114 HOH HOH A . 
F 5 HOH 115 2115 2115 HOH HOH A . 
F 5 HOH 116 2116 2116 HOH HOH A . 
F 5 HOH 117 2117 2117 HOH HOH A . 
F 5 HOH 118 2118 2118 HOH HOH A . 
F 5 HOH 119 2119 2119 HOH HOH A . 
F 5 HOH 120 2120 2120 HOH HOH A . 
F 5 HOH 121 2121 2121 HOH HOH A . 
F 5 HOH 122 2122 2122 HOH HOH A . 
F 5 HOH 123 2123 2123 HOH HOH A . 
F 5 HOH 124 2124 2124 HOH HOH A . 
F 5 HOH 125 2125 2125 HOH HOH A . 
F 5 HOH 126 2126 2126 HOH HOH A . 
F 5 HOH 127 2127 2127 HOH HOH A . 
F 5 HOH 128 2128 2128 HOH HOH A . 
F 5 HOH 129 2129 2129 HOH HOH A . 
F 5 HOH 130 2130 2130 HOH HOH A . 
F 5 HOH 131 2131 2131 HOH HOH A . 
F 5 HOH 132 2132 2132 HOH HOH A . 
F 5 HOH 133 2133 2133 HOH HOH A . 
F 5 HOH 134 2134 2134 HOH HOH A . 
F 5 HOH 135 2135 2135 HOH HOH A . 
F 5 HOH 136 2136 2136 HOH HOH A . 
F 5 HOH 137 2137 2137 HOH HOH A . 
F 5 HOH 138 2138 2138 HOH HOH A . 
F 5 HOH 139 2139 2139 HOH HOH A . 
F 5 HOH 140 2140 2140 HOH HOH A . 
F 5 HOH 141 2141 2141 HOH HOH A . 
F 5 HOH 142 2142 2142 HOH HOH A . 
F 5 HOH 143 2143 2143 HOH HOH A . 
F 5 HOH 144 2144 2144 HOH HOH A . 
F 5 HOH 145 2145 2145 HOH HOH A . 
F 5 HOH 146 2146 2146 HOH HOH A . 
F 5 HOH 147 2147 2147 HOH HOH A . 
F 5 HOH 148 2148 2148 HOH HOH A . 
F 5 HOH 149 2149 2149 HOH HOH A . 
F 5 HOH 150 2150 2150 HOH HOH A . 
F 5 HOH 151 2151 2151 HOH HOH A . 
F 5 HOH 152 2152 2152 HOH HOH A . 
F 5 HOH 153 2153 2153 HOH HOH A . 
F 5 HOH 154 2154 2154 HOH HOH A . 
F 5 HOH 155 2155 2155 HOH HOH A . 
F 5 HOH 156 2156 2156 HOH HOH A . 
F 5 HOH 157 2157 2157 HOH HOH A . 
F 5 HOH 158 2158 2158 HOH HOH A . 
F 5 HOH 159 2159 2159 HOH HOH A . 
# 
_pdbx_struct_assembly.id                   1 
_pdbx_struct_assembly.details              author_and_software_defined_assembly 
_pdbx_struct_assembly.method_details       PISA 
_pdbx_struct_assembly.oligomeric_details   monomeric 
_pdbx_struct_assembly.oligomeric_count     1 
# 
_pdbx_struct_assembly_gen.assembly_id       1 
_pdbx_struct_assembly_gen.oper_expression   1 
_pdbx_struct_assembly_gen.asym_id_list      A,B,C,D,E,F 
# 
_pdbx_struct_oper_list.id                   1 
_pdbx_struct_oper_list.type                 'identity operation' 
_pdbx_struct_oper_list.name                 1_555 
_pdbx_struct_oper_list.symmetry_operation   x,y,z 
_pdbx_struct_oper_list.matrix[1][1]         1.0000000000 
_pdbx_struct_oper_list.matrix[1][2]         0.0000000000 
_pdbx_struct_oper_list.matrix[1][3]         0.0000000000 
_pdbx_struct_oper_list.vector[1]            0.0000000000 
_pdbx_struct_oper_list.matrix[2][1]         0.0000000000 
_pdbx_struct_oper_list.matrix[2][2]         1.0000000000 
_pdbx_struct_oper_list.matrix[2][3]         0.0000000000 
_pdbx_struct_oper_list.vector[2]            0.0000000000 
_pdbx_struct_oper_list.matrix[3][1]         0.0000000000 
_pdbx_struct_oper_list.matrix[3][2]         0.0000000000 
_pdbx_struct_oper_list.matrix[3][3]         1.0000000000 
_pdbx_struct_oper_list.vector[3]            0.0000000000 
# 
loop_
_pdbx_struct_conn_angle.id 
_pdbx_struct_conn_angle.ptnr1_label_atom_id 
_pdbx_struct_conn_angle.ptnr1_label_alt_id 
_pdbx_struct_conn_angle.ptnr1_label_asym_id 
_pdbx_struct_conn_angle.ptnr1_label_comp_id 
_pdbx_struct_conn_angle.ptnr1_label_seq_id 
_pdbx_struct_conn_angle.ptnr1_auth_atom_id 
_pdbx_struct_conn_angle.ptnr1_auth_asym_id 
_pdbx_struct_conn_angle.ptnr1_auth_comp_id 
_pdbx_struct_conn_angle.ptnr1_auth_seq_id 
_pdbx_struct_conn_angle.ptnr1_PDB_ins_code 
_pdbx_struct_conn_angle.ptnr1_symmetry 
_pdbx_struct_conn_angle.ptnr2_label_atom_id 
_pdbx_struct_conn_angle.ptnr2_label_alt_id 
_pdbx_struct_conn_angle.ptnr2_label_asym_id 
_pdbx_struct_conn_angle.ptnr2_label_comp_id 
_pdbx_struct_conn_angle.ptnr2_label_seq_id 
_pdbx_struct_conn_angle.ptnr2_auth_atom_id 
_pdbx_struct_conn_angle.ptnr2_auth_asym_id 
_pdbx_struct_conn_angle.ptnr2_auth_comp_id 
_pdbx_struct_conn_angle.ptnr2_auth_seq_id 
_pdbx_struct_conn_angle.ptnr2_PDB_ins_code 
_pdbx_struct_conn_angle.ptnr2_symmetry 
_pdbx_struct_conn_angle.ptnr3_label_atom_id 
_pdbx_struct_conn_angle.ptnr3_label_alt_id 
_pdbx_struct_conn_angle.ptnr3_label_asym_id 
_pdbx_struct_conn_angle.ptnr3_label_comp_id 
_pdbx_struct_conn_angle.ptnr3_label_seq_id 
_pdbx_struct_conn_angle.ptnr3_auth_atom_id 
_pdbx_struct_conn_angle.ptnr3_auth_asym_id 
_pdbx_struct_conn_angle.ptnr3_auth_comp_id 
_pdbx_struct_conn_angle.ptnr3_auth_seq_id 
_pdbx_struct_conn_angle.ptnr3_PDB_ins_code 
_pdbx_struct_conn_angle.ptnr3_symmetry 
_pdbx_struct_conn_angle.value 
_pdbx_struct_conn_angle.value_esd 
1  NE2 ? A HIS 93 ? A HIS 93   ? 1_555 FE ? B HEM . ? A HEM 1154 ? 1_555 NA ? B HEM . ? A HEM 1154 ? 1_555 88.4  ? 
2  NE2 ? A HIS 93 ? A HIS 93   ? 1_555 FE ? B HEM . ? A HEM 1154 ? 1_555 NB ? B HEM . ? A HEM 1154 ? 1_555 87.1  ? 
3  NA  ? B HEM .  ? A HEM 1154 ? 1_555 FE ? B HEM . ? A HEM 1154 ? 1_555 NB ? B HEM . ? A HEM 1154 ? 1_555 89.6  ? 
4  NE2 ? A HIS 93 ? A HIS 93   ? 1_555 FE ? B HEM . ? A HEM 1154 ? 1_555 NC ? B HEM . ? A HEM 1154 ? 1_555 91.6  ? 
5  NA  ? B HEM .  ? A HEM 1154 ? 1_555 FE ? B HEM . ? A HEM 1154 ? 1_555 NC ? B HEM . ? A HEM 1154 ? 1_555 178.2 ? 
6  NB  ? B HEM .  ? A HEM 1154 ? 1_555 FE ? B HEM . ? A HEM 1154 ? 1_555 NC ? B HEM . ? A HEM 1154 ? 1_555 88.6  ? 
7  NE2 ? A HIS 93 ? A HIS 93   ? 1_555 FE ? B HEM . ? A HEM 1154 ? 1_555 ND ? B HEM . ? A HEM 1154 ? 1_555 92.3  ? 
8  NA  ? B HEM .  ? A HEM 1154 ? 1_555 FE ? B HEM . ? A HEM 1154 ? 1_555 ND ? B HEM . ? A HEM 1154 ? 1_555 91.2  ? 
9  NB  ? B HEM .  ? A HEM 1154 ? 1_555 FE ? B HEM . ? A HEM 1154 ? 1_555 ND ? B HEM . ? A HEM 1154 ? 1_555 179.0 ? 
10 NC  ? B HEM .  ? A HEM 1154 ? 1_555 FE ? B HEM . ? A HEM 1154 ? 1_555 ND ? B HEM . ? A HEM 1154 ? 1_555 90.7  ? 
11 NE2 ? A HIS 93 ? A HIS 93   ? 1_555 FE ? B HEM . ? A HEM 1154 ? 1_555 O  ? C OH  . ? A OH  1155 ? 1_555 177.2 ? 
12 NA  ? B HEM .  ? A HEM 1154 ? 1_555 FE ? B HEM . ? A HEM 1154 ? 1_555 O  ? C OH  . ? A OH  1155 ? 1_555 94.3  ? 
13 NB  ? B HEM .  ? A HEM 1154 ? 1_555 FE ? B HEM . ? A HEM 1154 ? 1_555 O  ? C OH  . ? A OH  1155 ? 1_555 91.9  ? 
14 NC  ? B HEM .  ? A HEM 1154 ? 1_555 FE ? B HEM . ? A HEM 1154 ? 1_555 O  ? C OH  . ? A OH  1155 ? 1_555 85.7  ? 
15 ND  ? B HEM .  ? A HEM 1154 ? 1_555 FE ? B HEM . ? A HEM 1154 ? 1_555 O  ? C OH  . ? A OH  1155 ? 1_555 88.6  ? 
# 
loop_
_pdbx_audit_revision_history.ordinal 
_pdbx_audit_revision_history.data_content_type 
_pdbx_audit_revision_history.major_revision 
_pdbx_audit_revision_history.minor_revision 
_pdbx_audit_revision_history.revision_date 
1 'Structure model' 1 0 2002-03-01 
2 'Structure model' 1 1 2011-05-08 
3 'Structure model' 1 2 2011-07-13 
4 'Structure model' 1 3 2023-12-13 
# 
_pdbx_audit_revision_details.ordinal             1 
_pdbx_audit_revision_details.revision_ordinal    1 
_pdbx_audit_revision_details.data_content_type   'Structure model' 
_pdbx_audit_revision_details.provider            repository 
_pdbx_audit_revision_details.type                'Initial release' 
_pdbx_audit_revision_details.description         ? 
_pdbx_audit_revision_details.details             ? 
# 
loop_
_pdbx_audit_revision_group.ordinal 
_pdbx_audit_revision_group.revision_ordinal 
_pdbx_audit_revision_group.data_content_type 
_pdbx_audit_revision_group.group 
1 2 'Structure model' 'Version format compliance' 
2 3 'Structure model' 'Version format compliance' 
3 4 'Structure model' 'Data collection'           
4 4 'Structure model' 'Database references'       
5 4 'Structure model' 'Derived calculations'      
6 4 'Structure model' Other                       
7 4 'Structure model' 'Refinement description'    
# 
loop_
_pdbx_audit_revision_category.ordinal 
_pdbx_audit_revision_category.revision_ordinal 
_pdbx_audit_revision_category.data_content_type 
_pdbx_audit_revision_category.category 
1 4 'Structure model' chem_comp_atom                
2 4 'Structure model' chem_comp_bond                
3 4 'Structure model' database_2                    
4 4 'Structure model' pdbx_database_status          
5 4 'Structure model' pdbx_initial_refinement_model 
6 4 'Structure model' pdbx_struct_conn_angle        
7 4 'Structure model' struct_conn                   
8 4 'Structure model' struct_site                   
# 
loop_
_pdbx_audit_revision_item.ordinal 
_pdbx_audit_revision_item.revision_ordinal 
_pdbx_audit_revision_item.data_content_type 
_pdbx_audit_revision_item.item 
1  4 'Structure model' '_database_2.pdbx_DOI'                        
2  4 'Structure model' '_database_2.pdbx_database_accession'         
3  4 'Structure model' '_pdbx_database_status.status_code_sf'        
4  4 'Structure model' '_pdbx_struct_conn_angle.ptnr1_auth_comp_id'  
5  4 'Structure model' '_pdbx_struct_conn_angle.ptnr1_auth_seq_id'   
6  4 'Structure model' '_pdbx_struct_conn_angle.ptnr1_label_asym_id' 
7  4 'Structure model' '_pdbx_struct_conn_angle.ptnr1_label_atom_id' 
8  4 'Structure model' '_pdbx_struct_conn_angle.ptnr1_label_comp_id' 
9  4 'Structure model' '_pdbx_struct_conn_angle.ptnr1_label_seq_id'  
10 4 'Structure model' '_pdbx_struct_conn_angle.ptnr3_auth_comp_id'  
11 4 'Structure model' '_pdbx_struct_conn_angle.ptnr3_auth_seq_id'   
12 4 'Structure model' '_pdbx_struct_conn_angle.ptnr3_label_asym_id' 
13 4 'Structure model' '_pdbx_struct_conn_angle.ptnr3_label_atom_id' 
14 4 'Structure model' '_pdbx_struct_conn_angle.ptnr3_label_comp_id' 
15 4 'Structure model' '_pdbx_struct_conn_angle.ptnr3_label_seq_id'  
16 4 'Structure model' '_pdbx_struct_conn_angle.value'               
17 4 'Structure model' '_struct_conn.pdbx_dist_value'                
18 4 'Structure model' '_struct_conn.ptnr1_auth_comp_id'             
19 4 'Structure model' '_struct_conn.ptnr1_auth_seq_id'              
20 4 'Structure model' '_struct_conn.ptnr1_label_asym_id'            
21 4 'Structure model' '_struct_conn.ptnr1_label_atom_id'            
22 4 'Structure model' '_struct_conn.ptnr1_label_comp_id'            
23 4 'Structure model' '_struct_conn.ptnr1_label_seq_id'             
24 4 'Structure model' '_struct_conn.ptnr2_auth_comp_id'             
25 4 'Structure model' '_struct_conn.ptnr2_auth_seq_id'              
26 4 'Structure model' '_struct_conn.ptnr2_label_asym_id'            
27 4 'Structure model' '_struct_conn.ptnr2_label_atom_id'            
28 4 'Structure model' '_struct_conn.ptnr2_label_comp_id'            
29 4 'Structure model' '_struct_conn.ptnr2_label_seq_id'             
30 4 'Structure model' '_struct_site.pdbx_auth_asym_id'              
31 4 'Structure model' '_struct_site.pdbx_auth_comp_id'              
32 4 'Structure model' '_struct_site.pdbx_auth_seq_id'               
# 
loop_
_software.name 
_software.classification 
_software.version 
_software.citation_id 
_software.pdbx_ordinal 
CNS       refinement       1.0 ? 1 
DENZO     'data reduction' .   ? 2 
SCALEPACK 'data scaling'   .   ? 3 
CNS       phasing          .   ? 4 
# 
_pdbx_validate_torsion.id              1 
_pdbx_validate_torsion.PDB_model_num   1 
_pdbx_validate_torsion.auth_comp_id    ASP 
_pdbx_validate_torsion.auth_asym_id    A 
_pdbx_validate_torsion.auth_seq_id     20 
_pdbx_validate_torsion.PDB_ins_code    ? 
_pdbx_validate_torsion.label_alt_id    ? 
_pdbx_validate_torsion.phi             -152.63 
_pdbx_validate_torsion.psi             70.94 
# 
loop_
_chem_comp_atom.comp_id 
_chem_comp_atom.atom_id 
_chem_comp_atom.type_symbol 
_chem_comp_atom.pdbx_aromatic_flag 
_chem_comp_atom.pdbx_stereo_config 
_chem_comp_atom.pdbx_ordinal 
ALA N    N  N N 1   
ALA CA   C  N S 2   
ALA C    C  N N 3   
ALA O    O  N N 4   
ALA CB   C  N N 5   
ALA OXT  O  N N 6   
ALA H    H  N N 7   
ALA H2   H  N N 8   
ALA HA   H  N N 9   
ALA HB1  H  N N 10  
ALA HB2  H  N N 11  
ALA HB3  H  N N 12  
ALA HXT  H  N N 13  
ARG N    N  N N 14  
ARG CA   C  N S 15  
ARG C    C  N N 16  
ARG O    O  N N 17  
ARG CB   C  N N 18  
ARG CG   C  N N 19  
ARG CD   C  N N 20  
ARG NE   N  N N 21  
ARG CZ   C  N N 22  
ARG NH1  N  N N 23  
ARG NH2  N  N N 24  
ARG OXT  O  N N 25  
ARG H    H  N N 26  
ARG H2   H  N N 27  
ARG HA   H  N N 28  
ARG HB2  H  N N 29  
ARG HB3  H  N N 30  
ARG HG2  H  N N 31  
ARG HG3  H  N N 32  
ARG HD2  H  N N 33  
ARG HD3  H  N N 34  
ARG HE   H  N N 35  
ARG HH11 H  N N 36  
ARG HH12 H  N N 37  
ARG HH21 H  N N 38  
ARG HH22 H  N N 39  
ARG HXT  H  N N 40  
ASN N    N  N N 41  
ASN CA   C  N S 42  
ASN C    C  N N 43  
ASN O    O  N N 44  
ASN CB   C  N N 45  
ASN CG   C  N N 46  
ASN OD1  O  N N 47  
ASN ND2  N  N N 48  
ASN OXT  O  N N 49  
ASN H    H  N N 50  
ASN H2   H  N N 51  
ASN HA   H  N N 52  
ASN HB2  H  N N 53  
ASN HB3  H  N N 54  
ASN HD21 H  N N 55  
ASN HD22 H  N N 56  
ASN HXT  H  N N 57  
ASP N    N  N N 58  
ASP CA   C  N S 59  
ASP C    C  N N 60  
ASP O    O  N N 61  
ASP CB   C  N N 62  
ASP CG   C  N N 63  
ASP OD1  O  N N 64  
ASP OD2  O  N N 65  
ASP OXT  O  N N 66  
ASP H    H  N N 67  
ASP H2   H  N N 68  
ASP HA   H  N N 69  
ASP HB2  H  N N 70  
ASP HB3  H  N N 71  
ASP HD2  H  N N 72  
ASP HXT  H  N N 73  
GLN N    N  N N 74  
GLN CA   C  N S 75  
GLN C    C  N N 76  
GLN O    O  N N 77  
GLN CB   C  N N 78  
GLN CG   C  N N 79  
GLN CD   C  N N 80  
GLN OE1  O  N N 81  
GLN NE2  N  N N 82  
GLN OXT  O  N N 83  
GLN H    H  N N 84  
GLN H2   H  N N 85  
GLN HA   H  N N 86  
GLN HB2  H  N N 87  
GLN HB3  H  N N 88  
GLN HG2  H  N N 89  
GLN HG3  H  N N 90  
GLN HE21 H  N N 91  
GLN HE22 H  N N 92  
GLN HXT  H  N N 93  
GLU N    N  N N 94  
GLU CA   C  N S 95  
GLU C    C  N N 96  
GLU O    O  N N 97  
GLU CB   C  N N 98  
GLU CG   C  N N 99  
GLU CD   C  N N 100 
GLU OE1  O  N N 101 
GLU OE2  O  N N 102 
GLU OXT  O  N N 103 
GLU H    H  N N 104 
GLU H2   H  N N 105 
GLU HA   H  N N 106 
GLU HB2  H  N N 107 
GLU HB3  H  N N 108 
GLU HG2  H  N N 109 
GLU HG3  H  N N 110 
GLU HE2  H  N N 111 
GLU HXT  H  N N 112 
GLY N    N  N N 113 
GLY CA   C  N N 114 
GLY C    C  N N 115 
GLY O    O  N N 116 
GLY OXT  O  N N 117 
GLY H    H  N N 118 
GLY H2   H  N N 119 
GLY HA2  H  N N 120 
GLY HA3  H  N N 121 
GLY HXT  H  N N 122 
HEM CHA  C  N N 123 
HEM CHB  C  N N 124 
HEM CHC  C  N N 125 
HEM CHD  C  N N 126 
HEM C1A  C  Y N 127 
HEM C2A  C  Y N 128 
HEM C3A  C  Y N 129 
HEM C4A  C  Y N 130 
HEM CMA  C  N N 131 
HEM CAA  C  N N 132 
HEM CBA  C  N N 133 
HEM CGA  C  N N 134 
HEM O1A  O  N N 135 
HEM O2A  O  N N 136 
HEM C1B  C  N N 137 
HEM C2B  C  N N 138 
HEM C3B  C  N N 139 
HEM C4B  C  N N 140 
HEM CMB  C  N N 141 
HEM CAB  C  N N 142 
HEM CBB  C  N N 143 
HEM C1C  C  Y N 144 
HEM C2C  C  Y N 145 
HEM C3C  C  Y N 146 
HEM C4C  C  Y N 147 
HEM CMC  C  N N 148 
HEM CAC  C  N N 149 
HEM CBC  C  N N 150 
HEM C1D  C  N N 151 
HEM C2D  C  N N 152 
HEM C3D  C  N N 153 
HEM C4D  C  N N 154 
HEM CMD  C  N N 155 
HEM CAD  C  N N 156 
HEM CBD  C  N N 157 
HEM CGD  C  N N 158 
HEM O1D  O  N N 159 
HEM O2D  O  N N 160 
HEM NA   N  Y N 161 
HEM NB   N  N N 162 
HEM NC   N  Y N 163 
HEM ND   N  N N 164 
HEM FE   FE N N 165 
HEM HHB  H  N N 166 
HEM HHC  H  N N 167 
HEM HHD  H  N N 168 
HEM HMA  H  N N 169 
HEM HMAA H  N N 170 
HEM HMAB H  N N 171 
HEM HAA  H  N N 172 
HEM HAAA H  N N 173 
HEM HBA  H  N N 174 
HEM HBAA H  N N 175 
HEM HMB  H  N N 176 
HEM HMBA H  N N 177 
HEM HMBB H  N N 178 
HEM HAB  H  N N 179 
HEM HBB  H  N N 180 
HEM HBBA H  N N 181 
HEM HMC  H  N N 182 
HEM HMCA H  N N 183 
HEM HMCB H  N N 184 
HEM HAC  H  N N 185 
HEM HBC  H  N N 186 
HEM HBCA H  N N 187 
HEM HMD  H  N N 188 
HEM HMDA H  N N 189 
HEM HMDB H  N N 190 
HEM HAD  H  N N 191 
HEM HADA H  N N 192 
HEM HBD  H  N N 193 
HEM HBDA H  N N 194 
HEM H2A  H  N N 195 
HEM H2D  H  N N 196 
HEM HHA  H  N N 197 
HIS N    N  N N 198 
HIS CA   C  N S 199 
HIS C    C  N N 200 
HIS O    O  N N 201 
HIS CB   C  N N 202 
HIS CG   C  Y N 203 
HIS ND1  N  Y N 204 
HIS CD2  C  Y N 205 
HIS CE1  C  Y N 206 
HIS NE2  N  Y N 207 
HIS OXT  O  N N 208 
HIS H    H  N N 209 
HIS H2   H  N N 210 
HIS HA   H  N N 211 
HIS HB2  H  N N 212 
HIS HB3  H  N N 213 
HIS HD1  H  N N 214 
HIS HD2  H  N N 215 
HIS HE1  H  N N 216 
HIS HE2  H  N N 217 
HIS HXT  H  N N 218 
HOH O    O  N N 219 
HOH H1   H  N N 220 
HOH H2   H  N N 221 
ILE N    N  N N 222 
ILE CA   C  N S 223 
ILE C    C  N N 224 
ILE O    O  N N 225 
ILE CB   C  N S 226 
ILE CG1  C  N N 227 
ILE CG2  C  N N 228 
ILE CD1  C  N N 229 
ILE OXT  O  N N 230 
ILE H    H  N N 231 
ILE H2   H  N N 232 
ILE HA   H  N N 233 
ILE HB   H  N N 234 
ILE HG12 H  N N 235 
ILE HG13 H  N N 236 
ILE HG21 H  N N 237 
ILE HG22 H  N N 238 
ILE HG23 H  N N 239 
ILE HD11 H  N N 240 
ILE HD12 H  N N 241 
ILE HD13 H  N N 242 
ILE HXT  H  N N 243 
LEU N    N  N N 244 
LEU CA   C  N S 245 
LEU C    C  N N 246 
LEU O    O  N N 247 
LEU CB   C  N N 248 
LEU CG   C  N N 249 
LEU CD1  C  N N 250 
LEU CD2  C  N N 251 
LEU OXT  O  N N 252 
LEU H    H  N N 253 
LEU H2   H  N N 254 
LEU HA   H  N N 255 
LEU HB2  H  N N 256 
LEU HB3  H  N N 257 
LEU HG   H  N N 258 
LEU HD11 H  N N 259 
LEU HD12 H  N N 260 
LEU HD13 H  N N 261 
LEU HD21 H  N N 262 
LEU HD22 H  N N 263 
LEU HD23 H  N N 264 
LEU HXT  H  N N 265 
LYS N    N  N N 266 
LYS CA   C  N S 267 
LYS C    C  N N 268 
LYS O    O  N N 269 
LYS CB   C  N N 270 
LYS CG   C  N N 271 
LYS CD   C  N N 272 
LYS CE   C  N N 273 
LYS NZ   N  N N 274 
LYS OXT  O  N N 275 
LYS H    H  N N 276 
LYS H2   H  N N 277 
LYS HA   H  N N 278 
LYS HB2  H  N N 279 
LYS HB3  H  N N 280 
LYS HG2  H  N N 281 
LYS HG3  H  N N 282 
LYS HD2  H  N N 283 
LYS HD3  H  N N 284 
LYS HE2  H  N N 285 
LYS HE3  H  N N 286 
LYS HZ1  H  N N 287 
LYS HZ2  H  N N 288 
LYS HZ3  H  N N 289 
LYS HXT  H  N N 290 
MET N    N  N N 291 
MET CA   C  N S 292 
MET C    C  N N 293 
MET O    O  N N 294 
MET CB   C  N N 295 
MET CG   C  N N 296 
MET SD   S  N N 297 
MET CE   C  N N 298 
MET OXT  O  N N 299 
MET H    H  N N 300 
MET H2   H  N N 301 
MET HA   H  N N 302 
MET HB2  H  N N 303 
MET HB3  H  N N 304 
MET HG2  H  N N 305 
MET HG3  H  N N 306 
MET HE1  H  N N 307 
MET HE2  H  N N 308 
MET HE3  H  N N 309 
MET HXT  H  N N 310 
OH  O    O  N N 311 
OH  HO   H  N N 312 
PHE N    N  N N 313 
PHE CA   C  N S 314 
PHE C    C  N N 315 
PHE O    O  N N 316 
PHE CB   C  N N 317 
PHE CG   C  Y N 318 
PHE CD1  C  Y N 319 
PHE CD2  C  Y N 320 
PHE CE1  C  Y N 321 
PHE CE2  C  Y N 322 
PHE CZ   C  Y N 323 
PHE OXT  O  N N 324 
PHE H    H  N N 325 
PHE H2   H  N N 326 
PHE HA   H  N N 327 
PHE HB2  H  N N 328 
PHE HB3  H  N N 329 
PHE HD1  H  N N 330 
PHE HD2  H  N N 331 
PHE HE1  H  N N 332 
PHE HE2  H  N N 333 
PHE HZ   H  N N 334 
PHE HXT  H  N N 335 
PRO N    N  N N 336 
PRO CA   C  N S 337 
PRO C    C  N N 338 
PRO O    O  N N 339 
PRO CB   C  N N 340 
PRO CG   C  N N 341 
PRO CD   C  N N 342 
PRO OXT  O  N N 343 
PRO H    H  N N 344 
PRO HA   H  N N 345 
PRO HB2  H  N N 346 
PRO HB3  H  N N 347 
PRO HG2  H  N N 348 
PRO HG3  H  N N 349 
PRO HD2  H  N N 350 
PRO HD3  H  N N 351 
PRO HXT  H  N N 352 
SER N    N  N N 353 
SER CA   C  N S 354 
SER C    C  N N 355 
SER O    O  N N 356 
SER CB   C  N N 357 
SER OG   O  N N 358 
SER OXT  O  N N 359 
SER H    H  N N 360 
SER H2   H  N N 361 
SER HA   H  N N 362 
SER HB2  H  N N 363 
SER HB3  H  N N 364 
SER HG   H  N N 365 
SER HXT  H  N N 366 
SO4 S    S  N N 367 
SO4 O1   O  N N 368 
SO4 O2   O  N N 369 
SO4 O3   O  N N 370 
SO4 O4   O  N N 371 
THR N    N  N N 372 
THR CA   C  N S 373 
THR C    C  N N 374 
THR O    O  N N 375 
THR CB   C  N R 376 
THR OG1  O  N N 377 
THR CG2  C  N N 378 
THR OXT  O  N N 379 
THR H    H  N N 380 
THR H2   H  N N 381 
THR HA   H  N N 382 
THR HB   H  N N 383 
THR HG1  H  N N 384 
THR HG21 H  N N 385 
THR HG22 H  N N 386 
THR HG23 H  N N 387 
THR HXT  H  N N 388 
TRP N    N  N N 389 
TRP CA   C  N S 390 
TRP C    C  N N 391 
TRP O    O  N N 392 
TRP CB   C  N N 393 
TRP CG   C  Y N 394 
TRP CD1  C  Y N 395 
TRP CD2  C  Y N 396 
TRP NE1  N  Y N 397 
TRP CE2  C  Y N 398 
TRP CE3  C  Y N 399 
TRP CZ2  C  Y N 400 
TRP CZ3  C  Y N 401 
TRP CH2  C  Y N 402 
TRP OXT  O  N N 403 
TRP H    H  N N 404 
TRP H2   H  N N 405 
TRP HA   H  N N 406 
TRP HB2  H  N N 407 
TRP HB3  H  N N 408 
TRP HD1  H  N N 409 
TRP HE1  H  N N 410 
TRP HE3  H  N N 411 
TRP HZ2  H  N N 412 
TRP HZ3  H  N N 413 
TRP HH2  H  N N 414 
TRP HXT  H  N N 415 
TYR N    N  N N 416 
TYR CA   C  N S 417 
TYR C    C  N N 418 
TYR O    O  N N 419 
TYR CB   C  N N 420 
TYR CG   C  Y N 421 
TYR CD1  C  Y N 422 
TYR CD2  C  Y N 423 
TYR CE1  C  Y N 424 
TYR CE2  C  Y N 425 
TYR CZ   C  Y N 426 
TYR OH   O  N N 427 
TYR OXT  O  N N 428 
TYR H    H  N N 429 
TYR H2   H  N N 430 
TYR HA   H  N N 431 
TYR HB2  H  N N 432 
TYR HB3  H  N N 433 
TYR HD1  H  N N 434 
TYR HD2  H  N N 435 
TYR HE1  H  N N 436 
TYR HE2  H  N N 437 
TYR HH   H  N N 438 
TYR HXT  H  N N 439 
VAL N    N  N N 440 
VAL CA   C  N S 441 
VAL C    C  N N 442 
VAL O    O  N N 443 
VAL CB   C  N N 444 
VAL CG1  C  N N 445 
VAL CG2  C  N N 446 
VAL OXT  O  N N 447 
VAL H    H  N N 448 
VAL H2   H  N N 449 
VAL HA   H  N N 450 
VAL HB   H  N N 451 
VAL HG11 H  N N 452 
VAL HG12 H  N N 453 
VAL HG13 H  N N 454 
VAL HG21 H  N N 455 
VAL HG22 H  N N 456 
VAL HG23 H  N N 457 
VAL HXT  H  N N 458 
# 
loop_
_chem_comp_bond.comp_id 
_chem_comp_bond.atom_id_1 
_chem_comp_bond.atom_id_2 
_chem_comp_bond.value_order 
_chem_comp_bond.pdbx_aromatic_flag 
_chem_comp_bond.pdbx_stereo_config 
_chem_comp_bond.pdbx_ordinal 
ALA N   CA   sing N N 1   
ALA N   H    sing N N 2   
ALA N   H2   sing N N 3   
ALA CA  C    sing N N 4   
ALA CA  CB   sing N N 5   
ALA CA  HA   sing N N 6   
ALA C   O    doub N N 7   
ALA C   OXT  sing N N 8   
ALA CB  HB1  sing N N 9   
ALA CB  HB2  sing N N 10  
ALA CB  HB3  sing N N 11  
ALA OXT HXT  sing N N 12  
ARG N   CA   sing N N 13  
ARG N   H    sing N N 14  
ARG N   H2   sing N N 15  
ARG CA  C    sing N N 16  
ARG CA  CB   sing N N 17  
ARG CA  HA   sing N N 18  
ARG C   O    doub N N 19  
ARG C   OXT  sing N N 20  
ARG CB  CG   sing N N 21  
ARG CB  HB2  sing N N 22  
ARG CB  HB3  sing N N 23  
ARG CG  CD   sing N N 24  
ARG CG  HG2  sing N N 25  
ARG CG  HG3  sing N N 26  
ARG CD  NE   sing N N 27  
ARG CD  HD2  sing N N 28  
ARG CD  HD3  sing N N 29  
ARG NE  CZ   sing N N 30  
ARG NE  HE   sing N N 31  
ARG CZ  NH1  sing N N 32  
ARG CZ  NH2  doub N N 33  
ARG NH1 HH11 sing N N 34  
ARG NH1 HH12 sing N N 35  
ARG NH2 HH21 sing N N 36  
ARG NH2 HH22 sing N N 37  
ARG OXT HXT  sing N N 38  
ASN N   CA   sing N N 39  
ASN N   H    sing N N 40  
ASN N   H2   sing N N 41  
ASN CA  C    sing N N 42  
ASN CA  CB   sing N N 43  
ASN CA  HA   sing N N 44  
ASN C   O    doub N N 45  
ASN C   OXT  sing N N 46  
ASN CB  CG   sing N N 47  
ASN CB  HB2  sing N N 48  
ASN CB  HB3  sing N N 49  
ASN CG  OD1  doub N N 50  
ASN CG  ND2  sing N N 51  
ASN ND2 HD21 sing N N 52  
ASN ND2 HD22 sing N N 53  
ASN OXT HXT  sing N N 54  
ASP N   CA   sing N N 55  
ASP N   H    sing N N 56  
ASP N   H2   sing N N 57  
ASP CA  C    sing N N 58  
ASP CA  CB   sing N N 59  
ASP CA  HA   sing N N 60  
ASP C   O    doub N N 61  
ASP C   OXT  sing N N 62  
ASP CB  CG   sing N N 63  
ASP CB  HB2  sing N N 64  
ASP CB  HB3  sing N N 65  
ASP CG  OD1  doub N N 66  
ASP CG  OD2  sing N N 67  
ASP OD2 HD2  sing N N 68  
ASP OXT HXT  sing N N 69  
GLN N   CA   sing N N 70  
GLN N   H    sing N N 71  
GLN N   H2   sing N N 72  
GLN CA  C    sing N N 73  
GLN CA  CB   sing N N 74  
GLN CA  HA   sing N N 75  
GLN C   O    doub N N 76  
GLN C   OXT  sing N N 77  
GLN CB  CG   sing N N 78  
GLN CB  HB2  sing N N 79  
GLN CB  HB3  sing N N 80  
GLN CG  CD   sing N N 81  
GLN CG  HG2  sing N N 82  
GLN CG  HG3  sing N N 83  
GLN CD  OE1  doub N N 84  
GLN CD  NE2  sing N N 85  
GLN NE2 HE21 sing N N 86  
GLN NE2 HE22 sing N N 87  
GLN OXT HXT  sing N N 88  
GLU N   CA   sing N N 89  
GLU N   H    sing N N 90  
GLU N   H2   sing N N 91  
GLU CA  C    sing N N 92  
GLU CA  CB   sing N N 93  
GLU CA  HA   sing N N 94  
GLU C   O    doub N N 95  
GLU C   OXT  sing N N 96  
GLU CB  CG   sing N N 97  
GLU CB  HB2  sing N N 98  
GLU CB  HB3  sing N N 99  
GLU CG  CD   sing N N 100 
GLU CG  HG2  sing N N 101 
GLU CG  HG3  sing N N 102 
GLU CD  OE1  doub N N 103 
GLU CD  OE2  sing N N 104 
GLU OE2 HE2  sing N N 105 
GLU OXT HXT  sing N N 106 
GLY N   CA   sing N N 107 
GLY N   H    sing N N 108 
GLY N   H2   sing N N 109 
GLY CA  C    sing N N 110 
GLY CA  HA2  sing N N 111 
GLY CA  HA3  sing N N 112 
GLY C   O    doub N N 113 
GLY C   OXT  sing N N 114 
GLY OXT HXT  sing N N 115 
HEM CHA C1A  sing N N 116 
HEM CHA C4D  doub N N 117 
HEM CHA HHA  sing N N 118 
HEM CHB C4A  sing N N 119 
HEM CHB C1B  doub N N 120 
HEM CHB HHB  sing N N 121 
HEM CHC C4B  sing N N 122 
HEM CHC C1C  doub N N 123 
HEM CHC HHC  sing N N 124 
HEM CHD C4C  doub N N 125 
HEM CHD C1D  sing N N 126 
HEM CHD HHD  sing N N 127 
HEM C1A C2A  doub Y N 128 
HEM C1A NA   sing Y N 129 
HEM C2A C3A  sing Y N 130 
HEM C2A CAA  sing N N 131 
HEM C3A C4A  doub Y N 132 
HEM C3A CMA  sing N N 133 
HEM C4A NA   sing Y N 134 
HEM CMA HMA  sing N N 135 
HEM CMA HMAA sing N N 136 
HEM CMA HMAB sing N N 137 
HEM CAA CBA  sing N N 138 
HEM CAA HAA  sing N N 139 
HEM CAA HAAA sing N N 140 
HEM CBA CGA  sing N N 141 
HEM CBA HBA  sing N N 142 
HEM CBA HBAA sing N N 143 
HEM CGA O1A  doub N N 144 
HEM CGA O2A  sing N N 145 
HEM C1B C2B  sing N N 146 
HEM C1B NB   sing N N 147 
HEM C2B C3B  doub N N 148 
HEM C2B CMB  sing N N 149 
HEM C3B C4B  sing N N 150 
HEM C3B CAB  sing N N 151 
HEM C4B NB   doub N N 152 
HEM CMB HMB  sing N N 153 
HEM CMB HMBA sing N N 154 
HEM CMB HMBB sing N N 155 
HEM CAB CBB  doub N N 156 
HEM CAB HAB  sing N N 157 
HEM CBB HBB  sing N N 158 
HEM CBB HBBA sing N N 159 
HEM C1C C2C  sing Y N 160 
HEM C1C NC   sing Y N 161 
HEM C2C C3C  doub Y N 162 
HEM C2C CMC  sing N N 163 
HEM C3C C4C  sing Y N 164 
HEM C3C CAC  sing N N 165 
HEM C4C NC   sing Y N 166 
HEM CMC HMC  sing N N 167 
HEM CMC HMCA sing N N 168 
HEM CMC HMCB sing N N 169 
HEM CAC CBC  doub N N 170 
HEM CAC HAC  sing N N 171 
HEM CBC HBC  sing N N 172 
HEM CBC HBCA sing N N 173 
HEM C1D C2D  sing N N 174 
HEM C1D ND   doub N N 175 
HEM C2D C3D  doub N N 176 
HEM C2D CMD  sing N N 177 
HEM C3D C4D  sing N N 178 
HEM C3D CAD  sing N N 179 
HEM C4D ND   sing N N 180 
HEM CMD HMD  sing N N 181 
HEM CMD HMDA sing N N 182 
HEM CMD HMDB sing N N 183 
HEM CAD CBD  sing N N 184 
HEM CAD HAD  sing N N 185 
HEM CAD HADA sing N N 186 
HEM CBD CGD  sing N N 187 
HEM CBD HBD  sing N N 188 
HEM CBD HBDA sing N N 189 
HEM CGD O1D  doub N N 190 
HEM CGD O2D  sing N N 191 
HEM O2A H2A  sing N N 192 
HEM O2D H2D  sing N N 193 
HEM FE  NA   sing N N 194 
HEM FE  NB   sing N N 195 
HEM FE  NC   sing N N 196 
HEM FE  ND   sing N N 197 
HIS N   CA   sing N N 198 
HIS N   H    sing N N 199 
HIS N   H2   sing N N 200 
HIS CA  C    sing N N 201 
HIS CA  CB   sing N N 202 
HIS CA  HA   sing N N 203 
HIS C   O    doub N N 204 
HIS C   OXT  sing N N 205 
HIS CB  CG   sing N N 206 
HIS CB  HB2  sing N N 207 
HIS CB  HB3  sing N N 208 
HIS CG  ND1  sing Y N 209 
HIS CG  CD2  doub Y N 210 
HIS ND1 CE1  doub Y N 211 
HIS ND1 HD1  sing N N 212 
HIS CD2 NE2  sing Y N 213 
HIS CD2 HD2  sing N N 214 
HIS CE1 NE2  sing Y N 215 
HIS CE1 HE1  sing N N 216 
HIS NE2 HE2  sing N N 217 
HIS OXT HXT  sing N N 218 
HOH O   H1   sing N N 219 
HOH O   H2   sing N N 220 
ILE N   CA   sing N N 221 
ILE N   H    sing N N 222 
ILE N   H2   sing N N 223 
ILE CA  C    sing N N 224 
ILE CA  CB   sing N N 225 
ILE CA  HA   sing N N 226 
ILE C   O    doub N N 227 
ILE C   OXT  sing N N 228 
ILE CB  CG1  sing N N 229 
ILE CB  CG2  sing N N 230 
ILE CB  HB   sing N N 231 
ILE CG1 CD1  sing N N 232 
ILE CG1 HG12 sing N N 233 
ILE CG1 HG13 sing N N 234 
ILE CG2 HG21 sing N N 235 
ILE CG2 HG22 sing N N 236 
ILE CG2 HG23 sing N N 237 
ILE CD1 HD11 sing N N 238 
ILE CD1 HD12 sing N N 239 
ILE CD1 HD13 sing N N 240 
ILE OXT HXT  sing N N 241 
LEU N   CA   sing N N 242 
LEU N   H    sing N N 243 
LEU N   H2   sing N N 244 
LEU CA  C    sing N N 245 
LEU CA  CB   sing N N 246 
LEU CA  HA   sing N N 247 
LEU C   O    doub N N 248 
LEU C   OXT  sing N N 249 
LEU CB  CG   sing N N 250 
LEU CB  HB2  sing N N 251 
LEU CB  HB3  sing N N 252 
LEU CG  CD1  sing N N 253 
LEU CG  CD2  sing N N 254 
LEU CG  HG   sing N N 255 
LEU CD1 HD11 sing N N 256 
LEU CD1 HD12 sing N N 257 
LEU CD1 HD13 sing N N 258 
LEU CD2 HD21 sing N N 259 
LEU CD2 HD22 sing N N 260 
LEU CD2 HD23 sing N N 261 
LEU OXT HXT  sing N N 262 
LYS N   CA   sing N N 263 
LYS N   H    sing N N 264 
LYS N   H2   sing N N 265 
LYS CA  C    sing N N 266 
LYS CA  CB   sing N N 267 
LYS CA  HA   sing N N 268 
LYS C   O    doub N N 269 
LYS C   OXT  sing N N 270 
LYS CB  CG   sing N N 271 
LYS CB  HB2  sing N N 272 
LYS CB  HB3  sing N N 273 
LYS CG  CD   sing N N 274 
LYS CG  HG2  sing N N 275 
LYS CG  HG3  sing N N 276 
LYS CD  CE   sing N N 277 
LYS CD  HD2  sing N N 278 
LYS CD  HD3  sing N N 279 
LYS CE  NZ   sing N N 280 
LYS CE  HE2  sing N N 281 
LYS CE  HE3  sing N N 282 
LYS NZ  HZ1  sing N N 283 
LYS NZ  HZ2  sing N N 284 
LYS NZ  HZ3  sing N N 285 
LYS OXT HXT  sing N N 286 
MET N   CA   sing N N 287 
MET N   H    sing N N 288 
MET N   H2   sing N N 289 
MET CA  C    sing N N 290 
MET CA  CB   sing N N 291 
MET CA  HA   sing N N 292 
MET C   O    doub N N 293 
MET C   OXT  sing N N 294 
MET CB  CG   sing N N 295 
MET CB  HB2  sing N N 296 
MET CB  HB3  sing N N 297 
MET CG  SD   sing N N 298 
MET CG  HG2  sing N N 299 
MET CG  HG3  sing N N 300 
MET SD  CE   sing N N 301 
MET CE  HE1  sing N N 302 
MET CE  HE2  sing N N 303 
MET CE  HE3  sing N N 304 
MET OXT HXT  sing N N 305 
OH  O   HO   sing N N 306 
PHE N   CA   sing N N 307 
PHE N   H    sing N N 308 
PHE N   H2   sing N N 309 
PHE CA  C    sing N N 310 
PHE CA  CB   sing N N 311 
PHE CA  HA   sing N N 312 
PHE C   O    doub N N 313 
PHE C   OXT  sing N N 314 
PHE CB  CG   sing N N 315 
PHE CB  HB2  sing N N 316 
PHE CB  HB3  sing N N 317 
PHE CG  CD1  doub Y N 318 
PHE CG  CD2  sing Y N 319 
PHE CD1 CE1  sing Y N 320 
PHE CD1 HD1  sing N N 321 
PHE CD2 CE2  doub Y N 322 
PHE CD2 HD2  sing N N 323 
PHE CE1 CZ   doub Y N 324 
PHE CE1 HE1  sing N N 325 
PHE CE2 CZ   sing Y N 326 
PHE CE2 HE2  sing N N 327 
PHE CZ  HZ   sing N N 328 
PHE OXT HXT  sing N N 329 
PRO N   CA   sing N N 330 
PRO N   CD   sing N N 331 
PRO N   H    sing N N 332 
PRO CA  C    sing N N 333 
PRO CA  CB   sing N N 334 
PRO CA  HA   sing N N 335 
PRO C   O    doub N N 336 
PRO C   OXT  sing N N 337 
PRO CB  CG   sing N N 338 
PRO CB  HB2  sing N N 339 
PRO CB  HB3  sing N N 340 
PRO CG  CD   sing N N 341 
PRO CG  HG2  sing N N 342 
PRO CG  HG3  sing N N 343 
PRO CD  HD2  sing N N 344 
PRO CD  HD3  sing N N 345 
PRO OXT HXT  sing N N 346 
SER N   CA   sing N N 347 
SER N   H    sing N N 348 
SER N   H2   sing N N 349 
SER CA  C    sing N N 350 
SER CA  CB   sing N N 351 
SER CA  HA   sing N N 352 
SER C   O    doub N N 353 
SER C   OXT  sing N N 354 
SER CB  OG   sing N N 355 
SER CB  HB2  sing N N 356 
SER CB  HB3  sing N N 357 
SER OG  HG   sing N N 358 
SER OXT HXT  sing N N 359 
SO4 S   O1   doub N N 360 
SO4 S   O2   doub N N 361 
SO4 S   O3   sing N N 362 
SO4 S   O4   sing N N 363 
THR N   CA   sing N N 364 
THR N   H    sing N N 365 
THR N   H2   sing N N 366 
THR CA  C    sing N N 367 
THR CA  CB   sing N N 368 
THR CA  HA   sing N N 369 
THR C   O    doub N N 370 
THR C   OXT  sing N N 371 
THR CB  OG1  sing N N 372 
THR CB  CG2  sing N N 373 
THR CB  HB   sing N N 374 
THR OG1 HG1  sing N N 375 
THR CG2 HG21 sing N N 376 
THR CG2 HG22 sing N N 377 
THR CG2 HG23 sing N N 378 
THR OXT HXT  sing N N 379 
TRP N   CA   sing N N 380 
TRP N   H    sing N N 381 
TRP N   H2   sing N N 382 
TRP CA  C    sing N N 383 
TRP CA  CB   sing N N 384 
TRP CA  HA   sing N N 385 
TRP C   O    doub N N 386 
TRP C   OXT  sing N N 387 
TRP CB  CG   sing N N 388 
TRP CB  HB2  sing N N 389 
TRP CB  HB3  sing N N 390 
TRP CG  CD1  doub Y N 391 
TRP CG  CD2  sing Y N 392 
TRP CD1 NE1  sing Y N 393 
TRP CD1 HD1  sing N N 394 
TRP CD2 CE2  doub Y N 395 
TRP CD2 CE3  sing Y N 396 
TRP NE1 CE2  sing Y N 397 
TRP NE1 HE1  sing N N 398 
TRP CE2 CZ2  sing Y N 399 
TRP CE3 CZ3  doub Y N 400 
TRP CE3 HE3  sing N N 401 
TRP CZ2 CH2  doub Y N 402 
TRP CZ2 HZ2  sing N N 403 
TRP CZ3 CH2  sing Y N 404 
TRP CZ3 HZ3  sing N N 405 
TRP CH2 HH2  sing N N 406 
TRP OXT HXT  sing N N 407 
TYR N   CA   sing N N 408 
TYR N   H    sing N N 409 
TYR N   H2   sing N N 410 
TYR CA  C    sing N N 411 
TYR CA  CB   sing N N 412 
TYR CA  HA   sing N N 413 
TYR C   O    doub N N 414 
TYR C   OXT  sing N N 415 
TYR CB  CG   sing N N 416 
TYR CB  HB2  sing N N 417 
TYR CB  HB3  sing N N 418 
TYR CG  CD1  doub Y N 419 
TYR CG  CD2  sing Y N 420 
TYR CD1 CE1  sing Y N 421 
TYR CD1 HD1  sing N N 422 
TYR CD2 CE2  doub Y N 423 
TYR CD2 HD2  sing N N 424 
TYR CE1 CZ   doub Y N 425 
TYR CE1 HE1  sing N N 426 
TYR CE2 CZ   sing Y N 427 
TYR CE2 HE2  sing N N 428 
TYR CZ  OH   sing N N 429 
TYR OH  HH   sing N N 430 
TYR OXT HXT  sing N N 431 
VAL N   CA   sing N N 432 
VAL N   H    sing N N 433 
VAL N   H2   sing N N 434 
VAL CA  C    sing N N 435 
VAL CA  CB   sing N N 436 
VAL CA  HA   sing N N 437 
VAL C   O    doub N N 438 
VAL C   OXT  sing N N 439 
VAL CB  CG1  sing N N 440 
VAL CB  CG2  sing N N 441 
VAL CB  HB   sing N N 442 
VAL CG1 HG11 sing N N 443 
VAL CG1 HG12 sing N N 444 
VAL CG1 HG13 sing N N 445 
VAL CG2 HG21 sing N N 446 
VAL CG2 HG22 sing N N 447 
VAL CG2 HG23 sing N N 448 
VAL OXT HXT  sing N N 449 
# 
loop_
_pdbx_entity_nonpoly.entity_id 
_pdbx_entity_nonpoly.name 
_pdbx_entity_nonpoly.comp_id 
2 'PROTOPORPHYRIN IX CONTAINING FE' HEM 
3 'HYDROXIDE ION'                   OH  
4 'SULFATE ION'                     SO4 
5 water                             HOH 
# 
_pdbx_initial_refinement_model.id               1 
_pdbx_initial_refinement_model.entity_id_list   ? 
_pdbx_initial_refinement_model.type             'experimental model' 
_pdbx_initial_refinement_model.source_name      PDB 
_pdbx_initial_refinement_model.accession_code   1WLA 
_pdbx_initial_refinement_model.details          ? 
# 
